data_3RDR
# 
_entry.id   3RDR 
# 
_audit_conform.dict_name       mmcif_pdbx.dic 
_audit_conform.dict_version    5.387 
_audit_conform.dict_location   http://mmcif.pdb.org/dictionaries/ascii/mmcif_pdbx.dic 
# 
loop_
_database_2.database_id 
_database_2.database_code 
_database_2.pdbx_database_accession 
_database_2.pdbx_DOI 
PDB   3RDR         pdb_00003rdr 10.2210/pdb3rdr/pdb 
RCSB  RCSB064805   ?            ?                   
WWPDB D_1000064805 ?            ?                   
# 
loop_
_pdbx_audit_revision_history.ordinal 
_pdbx_audit_revision_history.data_content_type 
_pdbx_audit_revision_history.major_revision 
_pdbx_audit_revision_history.minor_revision 
_pdbx_audit_revision_history.revision_date 
1 'Structure model' 1 0 2011-08-10 
2 'Structure model' 1 1 2011-08-17 
3 'Structure model' 1 2 2011-12-21 
4 'Structure model' 1 3 2024-02-21 
# 
_pdbx_audit_revision_details.ordinal             1 
_pdbx_audit_revision_details.revision_ordinal    1 
_pdbx_audit_revision_details.data_content_type   'Structure model' 
_pdbx_audit_revision_details.provider            repository 
_pdbx_audit_revision_details.type                'Initial release' 
_pdbx_audit_revision_details.description         ? 
_pdbx_audit_revision_details.details             ? 
# 
loop_
_pdbx_audit_revision_group.ordinal 
_pdbx_audit_revision_group.revision_ordinal 
_pdbx_audit_revision_group.data_content_type 
_pdbx_audit_revision_group.group 
1 2 'Structure model' 'Database references'  
2 3 'Structure model' 'Database references'  
3 4 'Structure model' 'Data collection'      
4 4 'Structure model' 'Database references'  
5 4 'Structure model' 'Derived calculations' 
# 
loop_
_pdbx_audit_revision_category.ordinal 
_pdbx_audit_revision_category.revision_ordinal 
_pdbx_audit_revision_category.data_content_type 
_pdbx_audit_revision_category.category 
1 4 'Structure model' chem_comp_atom     
2 4 'Structure model' chem_comp_bond     
3 4 'Structure model' database_2         
4 4 'Structure model' struct_ref_seq_dif 
5 4 'Structure model' struct_site        
# 
loop_
_pdbx_audit_revision_item.ordinal 
_pdbx_audit_revision_item.revision_ordinal 
_pdbx_audit_revision_item.data_content_type 
_pdbx_audit_revision_item.item 
1 4 'Structure model' '_database_2.pdbx_DOI'                
2 4 'Structure model' '_database_2.pdbx_database_accession' 
3 4 'Structure model' '_struct_ref_seq_dif.details'         
4 4 'Structure model' '_struct_site.pdbx_auth_asym_id'      
5 4 'Structure model' '_struct_site.pdbx_auth_comp_id'      
6 4 'Structure model' '_struct_site.pdbx_auth_seq_id'       
# 
_pdbx_database_PDB_obs_spr.id               SPRSDE 
_pdbx_database_PDB_obs_spr.date             2011-09-07 
_pdbx_database_PDB_obs_spr.pdb_id           3RDR 
_pdbx_database_PDB_obs_spr.replace_pdb_id   3HMA 
_pdbx_database_PDB_obs_spr.details          ? 
# 
_pdbx_database_status.status_code                     REL 
_pdbx_database_status.entry_id                        3RDR 
_pdbx_database_status.recvd_initial_deposition_date   2011-04-01 
_pdbx_database_status.deposit_site                    RCSB 
_pdbx_database_status.process_site                    RCSB 
_pdbx_database_status.status_code_sf                  REL 
_pdbx_database_status.status_code_mr                  ? 
_pdbx_database_status.SG_entry                        ? 
_pdbx_database_status.status_code_cs                  ? 
_pdbx_database_status.pdb_format_compatible           Y 
_pdbx_database_status.status_code_nmr_data            ? 
_pdbx_database_status.methods_development_category    ? 
# 
loop_
_audit_author.name 
_audit_author.pdbx_ordinal 
'Low, L.Y.'        1 
'Liddington, R.C.' 2 
# 
_citation.id                        primary 
_citation.title                     
;Role of net charge on catalytic domain and influence of cell wall binding domain on bactericidal activity, specificity, and host range of phage lysins.
;
_citation.journal_abbrev            J.Biol.Chem. 
_citation.journal_volume            286 
_citation.page_first                34391 
_citation.page_last                 34403 
_citation.year                      2011 
_citation.journal_id_ASTM           JBCHA3 
_citation.country                   US 
_citation.journal_id_ISSN           0021-9258 
_citation.journal_id_CSD            0071 
_citation.book_publisher            ? 
_citation.pdbx_database_id_PubMed   21816821 
_citation.pdbx_database_id_DOI      10.1074/jbc.M111.244160 
# 
loop_
_citation_author.citation_id 
_citation_author.name 
_citation_author.ordinal 
_citation_author.identifier_ORCID 
primary 'Low, L.Y.'      1 ? 
primary 'Yang, C.'       2 ? 
primary 'Perego, M.'     3 ? 
primary 'Osterman, A.'   4 ? 
primary 'Liddington, R.' 5 ? 
# 
loop_
_entity.id 
_entity.type 
_entity.src_method 
_entity.pdbx_description 
_entity.formula_weight 
_entity.pdbx_number_of_molecules 
_entity.pdbx_ec 
_entity.pdbx_mutation 
_entity.pdbx_fragment 
_entity.details 
1 polymer     man 'N-acetylmuramoyl-L-alanine amidase XlyA' 17107.969 1  3.5.1.28 ? ? ? 
2 non-polymer syn 'ZINC ION'                                65.409    1  ?        ? ? ? 
3 non-polymer syn 'CHLORIDE ION'                            35.453    1  ?        ? ? ? 
4 water       nat water                                     18.015    65 ?        ? ? ? 
# 
_entity_name_com.entity_id   1 
_entity_name_com.name        'Autolysin, Cell wall hydrolase' 
# 
_entity_poly.entity_id                      1 
_entity_poly.type                           'polypeptide(L)' 
_entity_poly.nstd_linkage                   no 
_entity_poly.nstd_monomer                   no 
_entity_poly.pdbx_seq_one_letter_code       
;GSHMVNIIQDFIPVGANNRPGYAMTPLYITVHNTANTAVGADAAAHARYLKNPDTTTSWHFTVDDTEIYQHLPLNENGWH
AGDGNGSGNRASIGIEICENADGDFAKATANAQWLIKTLMAEHNISLANVVPHKYWSGKECPRKLLDTWDSFKAGIG
;
_entity_poly.pdbx_seq_one_letter_code_can   
;GSHMVNIIQDFIPVGANNRPGYAMTPLYITVHNTANTAVGADAAAHARYLKNPDTTTSWHFTVDDTEIYQHLPLNENGWH
AGDGNGSGNRASIGIEICENADGDFAKATANAQWLIKTLMAEHNISLANVVPHKYWSGKECPRKLLDTWDSFKAGIG
;
_entity_poly.pdbx_strand_id                 A 
_entity_poly.pdbx_target_identifier         ? 
# 
loop_
_pdbx_entity_nonpoly.entity_id 
_pdbx_entity_nonpoly.name 
_pdbx_entity_nonpoly.comp_id 
2 'ZINC ION'     ZN  
3 'CHLORIDE ION' CL  
4 water          HOH 
# 
loop_
_entity_poly_seq.entity_id 
_entity_poly_seq.num 
_entity_poly_seq.mon_id 
_entity_poly_seq.hetero 
1 1   GLY n 
1 2   SER n 
1 3   HIS n 
1 4   MET n 
1 5   VAL n 
1 6   ASN n 
1 7   ILE n 
1 8   ILE n 
1 9   GLN n 
1 10  ASP n 
1 11  PHE n 
1 12  ILE n 
1 13  PRO n 
1 14  VAL n 
1 15  GLY n 
1 16  ALA n 
1 17  ASN n 
1 18  ASN n 
1 19  ARG n 
1 20  PRO n 
1 21  GLY n 
1 22  TYR n 
1 23  ALA n 
1 24  MET n 
1 25  THR n 
1 26  PRO n 
1 27  LEU n 
1 28  TYR n 
1 29  ILE n 
1 30  THR n 
1 31  VAL n 
1 32  HIS n 
1 33  ASN n 
1 34  THR n 
1 35  ALA n 
1 36  ASN n 
1 37  THR n 
1 38  ALA n 
1 39  VAL n 
1 40  GLY n 
1 41  ALA n 
1 42  ASP n 
1 43  ALA n 
1 44  ALA n 
1 45  ALA n 
1 46  HIS n 
1 47  ALA n 
1 48  ARG n 
1 49  TYR n 
1 50  LEU n 
1 51  LYS n 
1 52  ASN n 
1 53  PRO n 
1 54  ASP n 
1 55  THR n 
1 56  THR n 
1 57  THR n 
1 58  SER n 
1 59  TRP n 
1 60  HIS n 
1 61  PHE n 
1 62  THR n 
1 63  VAL n 
1 64  ASP n 
1 65  ASP n 
1 66  THR n 
1 67  GLU n 
1 68  ILE n 
1 69  TYR n 
1 70  GLN n 
1 71  HIS n 
1 72  LEU n 
1 73  PRO n 
1 74  LEU n 
1 75  ASN n 
1 76  GLU n 
1 77  ASN n 
1 78  GLY n 
1 79  TRP n 
1 80  HIS n 
1 81  ALA n 
1 82  GLY n 
1 83  ASP n 
1 84  GLY n 
1 85  ASN n 
1 86  GLY n 
1 87  SER n 
1 88  GLY n 
1 89  ASN n 
1 90  ARG n 
1 91  ALA n 
1 92  SER n 
1 93  ILE n 
1 94  GLY n 
1 95  ILE n 
1 96  GLU n 
1 97  ILE n 
1 98  CYS n 
1 99  GLU n 
1 100 ASN n 
1 101 ALA n 
1 102 ASP n 
1 103 GLY n 
1 104 ASP n 
1 105 PHE n 
1 106 ALA n 
1 107 LYS n 
1 108 ALA n 
1 109 THR n 
1 110 ALA n 
1 111 ASN n 
1 112 ALA n 
1 113 GLN n 
1 114 TRP n 
1 115 LEU n 
1 116 ILE n 
1 117 LYS n 
1 118 THR n 
1 119 LEU n 
1 120 MET n 
1 121 ALA n 
1 122 GLU n 
1 123 HIS n 
1 124 ASN n 
1 125 ILE n 
1 126 SER n 
1 127 LEU n 
1 128 ALA n 
1 129 ASN n 
1 130 VAL n 
1 131 VAL n 
1 132 PRO n 
1 133 HIS n 
1 134 LYS n 
1 135 TYR n 
1 136 TRP n 
1 137 SER n 
1 138 GLY n 
1 139 LYS n 
1 140 GLU n 
1 141 CYS n 
1 142 PRO n 
1 143 ARG n 
1 144 LYS n 
1 145 LEU n 
1 146 LEU n 
1 147 ASP n 
1 148 THR n 
1 149 TRP n 
1 150 ASP n 
1 151 SER n 
1 152 PHE n 
1 153 LYS n 
1 154 ALA n 
1 155 GLY n 
1 156 ILE n 
1 157 GLY n 
# 
_entity_src_gen.entity_id                          1 
_entity_src_gen.pdbx_src_id                        1 
_entity_src_gen.pdbx_alt_source_flag               sample 
_entity_src_gen.pdbx_seq_type                      ? 
_entity_src_gen.pdbx_beg_seq_num                   ? 
_entity_src_gen.pdbx_end_seq_num                   ? 
_entity_src_gen.gene_src_common_name               ? 
_entity_src_gen.gene_src_genus                     ? 
_entity_src_gen.pdbx_gene_src_gene                 'xlyA, BSU12810' 
_entity_src_gen.gene_src_species                   ? 
_entity_src_gen.gene_src_strain                    ? 
_entity_src_gen.gene_src_tissue                    ? 
_entity_src_gen.gene_src_tissue_fraction           ? 
_entity_src_gen.gene_src_details                   ? 
_entity_src_gen.pdbx_gene_src_fragment             ? 
_entity_src_gen.pdbx_gene_src_scientific_name      'Bacillus subtilis' 
_entity_src_gen.pdbx_gene_src_ncbi_taxonomy_id     1423 
_entity_src_gen.pdbx_gene_src_variant              ? 
_entity_src_gen.pdbx_gene_src_cell_line            ? 
_entity_src_gen.pdbx_gene_src_atcc                 ? 
_entity_src_gen.pdbx_gene_src_organ                ? 
_entity_src_gen.pdbx_gene_src_organelle            ? 
_entity_src_gen.pdbx_gene_src_cell                 ? 
_entity_src_gen.pdbx_gene_src_cellular_location    ? 
_entity_src_gen.host_org_common_name               ? 
_entity_src_gen.pdbx_host_org_scientific_name      'Escherichia coli' 
_entity_src_gen.pdbx_host_org_ncbi_taxonomy_id     562 
_entity_src_gen.host_org_genus                     ? 
_entity_src_gen.pdbx_host_org_gene                 ? 
_entity_src_gen.pdbx_host_org_organ                ? 
_entity_src_gen.host_org_species                   ? 
_entity_src_gen.pdbx_host_org_tissue               ? 
_entity_src_gen.pdbx_host_org_tissue_fraction      ? 
_entity_src_gen.pdbx_host_org_strain               BL21DE3 
_entity_src_gen.pdbx_host_org_variant              ? 
_entity_src_gen.pdbx_host_org_cell_line            ? 
_entity_src_gen.pdbx_host_org_atcc                 ? 
_entity_src_gen.pdbx_host_org_culture_collection   ? 
_entity_src_gen.pdbx_host_org_cell                 ? 
_entity_src_gen.pdbx_host_org_organelle            ? 
_entity_src_gen.pdbx_host_org_cellular_location    ? 
_entity_src_gen.pdbx_host_org_vector_type          ? 
_entity_src_gen.pdbx_host_org_vector               ? 
_entity_src_gen.host_org_details                   ? 
_entity_src_gen.expression_system_id               ? 
_entity_src_gen.plasmid_name                       ? 
_entity_src_gen.plasmid_details                    ? 
_entity_src_gen.pdbx_description                   ? 
# 
loop_
_chem_comp.id 
_chem_comp.type 
_chem_comp.mon_nstd_flag 
_chem_comp.name 
_chem_comp.pdbx_synonyms 
_chem_comp.formula 
_chem_comp.formula_weight 
ALA 'L-peptide linking' y ALANINE         ? 'C3 H7 N O2'     89.093  
ARG 'L-peptide linking' y ARGININE        ? 'C6 H15 N4 O2 1' 175.209 
ASN 'L-peptide linking' y ASPARAGINE      ? 'C4 H8 N2 O3'    132.118 
ASP 'L-peptide linking' y 'ASPARTIC ACID' ? 'C4 H7 N O4'     133.103 
CL  non-polymer         . 'CHLORIDE ION'  ? 'Cl -1'          35.453  
CYS 'L-peptide linking' y CYSTEINE        ? 'C3 H7 N O2 S'   121.158 
GLN 'L-peptide linking' y GLUTAMINE       ? 'C5 H10 N2 O3'   146.144 
GLU 'L-peptide linking' y 'GLUTAMIC ACID' ? 'C5 H9 N O4'     147.129 
GLY 'peptide linking'   y GLYCINE         ? 'C2 H5 N O2'     75.067  
HIS 'L-peptide linking' y HISTIDINE       ? 'C6 H10 N3 O2 1' 156.162 
HOH non-polymer         . WATER           ? 'H2 O'           18.015  
ILE 'L-peptide linking' y ISOLEUCINE      ? 'C6 H13 N O2'    131.173 
LEU 'L-peptide linking' y LEUCINE         ? 'C6 H13 N O2'    131.173 
LYS 'L-peptide linking' y LYSINE          ? 'C6 H15 N2 O2 1' 147.195 
MET 'L-peptide linking' y METHIONINE      ? 'C5 H11 N O2 S'  149.211 
PHE 'L-peptide linking' y PHENYLALANINE   ? 'C9 H11 N O2'    165.189 
PRO 'L-peptide linking' y PROLINE         ? 'C5 H9 N O2'     115.130 
SER 'L-peptide linking' y SERINE          ? 'C3 H7 N O3'     105.093 
THR 'L-peptide linking' y THREONINE       ? 'C4 H9 N O3'     119.119 
TRP 'L-peptide linking' y TRYPTOPHAN      ? 'C11 H12 N2 O2'  204.225 
TYR 'L-peptide linking' y TYROSINE        ? 'C9 H11 N O3'    181.189 
VAL 'L-peptide linking' y VALINE          ? 'C5 H11 N O2'    117.146 
ZN  non-polymer         . 'ZINC ION'      ? 'Zn 2'           65.409  
# 
loop_
_pdbx_poly_seq_scheme.asym_id 
_pdbx_poly_seq_scheme.entity_id 
_pdbx_poly_seq_scheme.seq_id 
_pdbx_poly_seq_scheme.mon_id 
_pdbx_poly_seq_scheme.ndb_seq_num 
_pdbx_poly_seq_scheme.pdb_seq_num 
_pdbx_poly_seq_scheme.auth_seq_num 
_pdbx_poly_seq_scheme.pdb_mon_id 
_pdbx_poly_seq_scheme.auth_mon_id 
_pdbx_poly_seq_scheme.pdb_strand_id 
_pdbx_poly_seq_scheme.pdb_ins_code 
_pdbx_poly_seq_scheme.hetero 
A 1 1   GLY 1   1   ?   ?   ?   A . n 
A 1 2   SER 2   2   ?   ?   ?   A . n 
A 1 3   HIS 3   3   ?   ?   ?   A . n 
A 1 4   MET 4   4   ?   ?   ?   A . n 
A 1 5   VAL 5   5   5   VAL VAL A . n 
A 1 6   ASN 6   6   6   ASN ASN A . n 
A 1 7   ILE 7   7   7   ILE ILE A . n 
A 1 8   ILE 8   8   8   ILE ILE A . n 
A 1 9   GLN 9   9   9   GLN GLN A . n 
A 1 10  ASP 10  10  10  ASP ASP A . n 
A 1 11  PHE 11  11  11  PHE PHE A . n 
A 1 12  ILE 12  12  12  ILE ILE A . n 
A 1 13  PRO 13  13  13  PRO PRO A . n 
A 1 14  VAL 14  14  14  VAL VAL A . n 
A 1 15  GLY 15  15  15  GLY GLY A . n 
A 1 16  ALA 16  16  16  ALA ALA A . n 
A 1 17  ASN 17  17  17  ASN ASN A . n 
A 1 18  ASN 18  18  18  ASN ASN A . n 
A 1 19  ARG 19  19  19  ARG ARG A . n 
A 1 20  PRO 20  20  20  PRO PRO A . n 
A 1 21  GLY 21  21  21  GLY GLY A . n 
A 1 22  TYR 22  22  22  TYR TYR A . n 
A 1 23  ALA 23  23  23  ALA ALA A . n 
A 1 24  MET 24  24  24  MET MET A . n 
A 1 25  THR 25  25  25  THR THR A . n 
A 1 26  PRO 26  26  26  PRO PRO A . n 
A 1 27  LEU 27  27  27  LEU LEU A . n 
A 1 28  TYR 28  28  28  TYR TYR A . n 
A 1 29  ILE 29  29  29  ILE ILE A . n 
A 1 30  THR 30  30  30  THR THR A . n 
A 1 31  VAL 31  31  31  VAL VAL A . n 
A 1 32  HIS 32  32  32  HIS HIS A . n 
A 1 33  ASN 33  33  33  ASN ASN A . n 
A 1 34  THR 34  34  34  THR THR A . n 
A 1 35  ALA 35  35  35  ALA ALA A . n 
A 1 36  ASN 36  36  36  ASN ASN A . n 
A 1 37  THR 37  37  37  THR THR A . n 
A 1 38  ALA 38  38  38  ALA ALA A . n 
A 1 39  VAL 39  39  39  VAL VAL A . n 
A 1 40  GLY 40  40  40  GLY GLY A . n 
A 1 41  ALA 41  41  41  ALA ALA A . n 
A 1 42  ASP 42  42  42  ASP ASP A . n 
A 1 43  ALA 43  43  43  ALA ALA A . n 
A 1 44  ALA 44  44  44  ALA ALA A . n 
A 1 45  ALA 45  45  45  ALA ALA A . n 
A 1 46  HIS 46  46  46  HIS HIS A . n 
A 1 47  ALA 47  47  47  ALA ALA A . n 
A 1 48  ARG 48  48  48  ARG ARG A . n 
A 1 49  TYR 49  49  49  TYR TYR A . n 
A 1 50  LEU 50  50  50  LEU LEU A . n 
A 1 51  LYS 51  51  51  LYS LYS A . n 
A 1 52  ASN 52  52  52  ASN ASN A . n 
A 1 53  PRO 53  53  53  PRO PRO A . n 
A 1 54  ASP 54  54  54  ASP ASP A . n 
A 1 55  THR 55  55  55  THR THR A . n 
A 1 56  THR 56  56  56  THR THR A . n 
A 1 57  THR 57  57  57  THR THR A . n 
A 1 58  SER 58  58  58  SER SER A . n 
A 1 59  TRP 59  59  59  TRP TRP A . n 
A 1 60  HIS 60  60  60  HIS HIS A . n 
A 1 61  PHE 61  61  61  PHE PHE A . n 
A 1 62  THR 62  62  62  THR THR A . n 
A 1 63  VAL 63  63  63  VAL VAL A . n 
A 1 64  ASP 64  64  64  ASP ASP A . n 
A 1 65  ASP 65  65  65  ASP ASP A . n 
A 1 66  THR 66  66  66  THR THR A . n 
A 1 67  GLU 67  67  67  GLU GLU A . n 
A 1 68  ILE 68  68  68  ILE ILE A . n 
A 1 69  TYR 69  69  69  TYR TYR A . n 
A 1 70  GLN 70  70  70  GLN GLN A . n 
A 1 71  HIS 71  71  71  HIS HIS A . n 
A 1 72  LEU 72  72  72  LEU LEU A . n 
A 1 73  PRO 73  73  73  PRO PRO A . n 
A 1 74  LEU 74  74  74  LEU LEU A . n 
A 1 75  ASN 75  75  75  ASN ASN A . n 
A 1 76  GLU 76  76  76  GLU GLU A . n 
A 1 77  ASN 77  77  77  ASN ASN A . n 
A 1 78  GLY 78  78  78  GLY GLY A . n 
A 1 79  TRP 79  79  79  TRP TRP A . n 
A 1 80  HIS 80  80  80  HIS HIS A . n 
A 1 81  ALA 81  81  81  ALA ALA A . n 
A 1 82  GLY 82  82  82  GLY GLY A . n 
A 1 83  ASP 83  83  83  ASP ASP A . n 
A 1 84  GLY 84  84  84  GLY GLY A . n 
A 1 85  ASN 85  85  85  ASN ASN A . n 
A 1 86  GLY 86  86  86  GLY GLY A . n 
A 1 87  SER 87  87  87  SER SER A . n 
A 1 88  GLY 88  88  88  GLY GLY A . n 
A 1 89  ASN 89  89  89  ASN ASN A . n 
A 1 90  ARG 90  90  90  ARG ARG A . n 
A 1 91  ALA 91  91  91  ALA ALA A . n 
A 1 92  SER 92  92  92  SER SER A . n 
A 1 93  ILE 93  93  93  ILE ILE A . n 
A 1 94  GLY 94  94  94  GLY GLY A . n 
A 1 95  ILE 95  95  95  ILE ILE A . n 
A 1 96  GLU 96  96  96  GLU GLU A . n 
A 1 97  ILE 97  97  97  ILE ILE A . n 
A 1 98  CYS 98  98  98  CYS CYS A . n 
A 1 99  GLU 99  99  99  GLU GLU A . n 
A 1 100 ASN 100 100 100 ASN ASN A . n 
A 1 101 ALA 101 101 101 ALA ALA A . n 
A 1 102 ASP 102 102 102 ASP ASP A . n 
A 1 103 GLY 103 103 103 GLY GLY A . n 
A 1 104 ASP 104 104 104 ASP ASP A . n 
A 1 105 PHE 105 105 105 PHE PHE A . n 
A 1 106 ALA 106 106 106 ALA ALA A . n 
A 1 107 LYS 107 107 107 LYS LYS A . n 
A 1 108 ALA 108 108 108 ALA ALA A . n 
A 1 109 THR 109 109 109 THR THR A . n 
A 1 110 ALA 110 110 110 ALA ALA A . n 
A 1 111 ASN 111 111 111 ASN ASN A . n 
A 1 112 ALA 112 112 112 ALA ALA A . n 
A 1 113 GLN 113 113 113 GLN GLN A . n 
A 1 114 TRP 114 114 114 TRP TRP A . n 
A 1 115 LEU 115 115 115 LEU LEU A . n 
A 1 116 ILE 116 116 116 ILE ILE A . n 
A 1 117 LYS 117 117 117 LYS LYS A . n 
A 1 118 THR 118 118 118 THR THR A . n 
A 1 119 LEU 119 119 119 LEU LEU A . n 
A 1 120 MET 120 120 120 MET MET A . n 
A 1 121 ALA 121 121 121 ALA ALA A . n 
A 1 122 GLU 122 122 122 GLU GLU A . n 
A 1 123 HIS 123 123 123 HIS HIS A . n 
A 1 124 ASN 124 124 124 ASN ASN A . n 
A 1 125 ILE 125 125 125 ILE ILE A . n 
A 1 126 SER 126 126 126 SER SER A . n 
A 1 127 LEU 127 127 127 LEU LEU A . n 
A 1 128 ALA 128 128 128 ALA ALA A . n 
A 1 129 ASN 129 129 129 ASN ASN A . n 
A 1 130 VAL 130 130 130 VAL VAL A . n 
A 1 131 VAL 131 131 131 VAL VAL A . n 
A 1 132 PRO 132 132 132 PRO PRO A . n 
A 1 133 HIS 133 133 133 HIS HIS A . n 
A 1 134 LYS 134 134 134 LYS LYS A . n 
A 1 135 TYR 135 135 135 TYR TYR A . n 
A 1 136 TRP 136 136 136 TRP TRP A . n 
A 1 137 SER 137 137 137 SER SER A . n 
A 1 138 GLY 138 138 138 GLY GLY A . n 
A 1 139 LYS 139 139 139 LYS LYS A . n 
A 1 140 GLU 140 140 140 GLU GLU A . n 
A 1 141 CYS 141 141 141 CYS CYS A . n 
A 1 142 PRO 142 142 142 PRO PRO A . n 
A 1 143 ARG 143 143 143 ARG ARG A . n 
A 1 144 LYS 144 144 144 LYS LYS A . n 
A 1 145 LEU 145 145 145 LEU LEU A . n 
A 1 146 LEU 146 146 146 LEU LEU A . n 
A 1 147 ASP 147 147 147 ASP ASP A . n 
A 1 148 THR 148 148 148 THR THR A . n 
A 1 149 TRP 149 149 149 TRP TRP A . n 
A 1 150 ASP 150 150 150 ASP ASP A . n 
A 1 151 SER 151 151 151 SER SER A . n 
A 1 152 PHE 152 152 152 PHE PHE A . n 
A 1 153 LYS 153 153 153 LYS LYS A . n 
A 1 154 ALA 154 154 154 ALA ALA A . n 
A 1 155 GLY 155 155 155 GLY GLY A . n 
A 1 156 ILE 156 156 156 ILE ILE A . n 
A 1 157 GLY 157 157 157 GLY GLY A . n 
# 
loop_
_pdbx_nonpoly_scheme.asym_id 
_pdbx_nonpoly_scheme.entity_id 
_pdbx_nonpoly_scheme.mon_id 
_pdbx_nonpoly_scheme.ndb_seq_num 
_pdbx_nonpoly_scheme.pdb_seq_num 
_pdbx_nonpoly_scheme.auth_seq_num 
_pdbx_nonpoly_scheme.pdb_mon_id 
_pdbx_nonpoly_scheme.auth_mon_id 
_pdbx_nonpoly_scheme.pdb_strand_id 
_pdbx_nonpoly_scheme.pdb_ins_code 
B 2 ZN  1  190 190 ZN  ZN  A . 
C 3 CL  1  158 1   CL  CL  A . 
D 4 HOH 1  159 1   HOH HOH A . 
D 4 HOH 2  160 2   HOH HOH A . 
D 4 HOH 3  161 3   HOH HOH A . 
D 4 HOH 4  162 4   HOH HOH A . 
D 4 HOH 5  163 5   HOH HOH A . 
D 4 HOH 6  164 6   HOH HOH A . 
D 4 HOH 7  165 7   HOH HOH A . 
D 4 HOH 8  166 8   HOH HOH A . 
D 4 HOH 9  167 9   HOH HOH A . 
D 4 HOH 10 168 10  HOH HOH A . 
D 4 HOH 11 169 11  HOH HOH A . 
D 4 HOH 12 170 12  HOH HOH A . 
D 4 HOH 13 171 13  HOH HOH A . 
D 4 HOH 14 172 14  HOH HOH A . 
D 4 HOH 15 173 15  HOH HOH A . 
D 4 HOH 16 174 16  HOH HOH A . 
D 4 HOH 17 175 17  HOH HOH A . 
D 4 HOH 18 176 18  HOH HOH A . 
D 4 HOH 19 177 19  HOH HOH A . 
D 4 HOH 20 178 20  HOH HOH A . 
D 4 HOH 21 179 21  HOH HOH A . 
D 4 HOH 22 180 22  HOH HOH A . 
D 4 HOH 23 181 23  HOH HOH A . 
D 4 HOH 24 182 24  HOH HOH A . 
D 4 HOH 25 183 25  HOH HOH A . 
D 4 HOH 26 184 26  HOH HOH A . 
D 4 HOH 27 185 27  HOH HOH A . 
D 4 HOH 28 186 28  HOH HOH A . 
D 4 HOH 29 187 29  HOH HOH A . 
D 4 HOH 30 188 30  HOH HOH A . 
D 4 HOH 31 189 31  HOH HOH A . 
D 4 HOH 32 191 32  HOH HOH A . 
D 4 HOH 33 192 33  HOH HOH A . 
D 4 HOH 34 193 34  HOH HOH A . 
D 4 HOH 35 194 35  HOH HOH A . 
D 4 HOH 36 195 36  HOH HOH A . 
D 4 HOH 37 196 37  HOH HOH A . 
D 4 HOH 38 197 38  HOH HOH A . 
D 4 HOH 39 198 39  HOH HOH A . 
D 4 HOH 40 199 40  HOH HOH A . 
D 4 HOH 41 200 41  HOH HOH A . 
D 4 HOH 42 201 42  HOH HOH A . 
D 4 HOH 43 202 43  HOH HOH A . 
D 4 HOH 44 203 44  HOH HOH A . 
D 4 HOH 45 204 45  HOH HOH A . 
D 4 HOH 46 205 46  HOH HOH A . 
D 4 HOH 47 206 47  HOH HOH A . 
D 4 HOH 48 207 48  HOH HOH A . 
D 4 HOH 49 208 49  HOH HOH A . 
D 4 HOH 50 209 50  HOH HOH A . 
D 4 HOH 51 210 51  HOH HOH A . 
D 4 HOH 52 211 52  HOH HOH A . 
D 4 HOH 53 212 53  HOH HOH A . 
D 4 HOH 54 213 54  HOH HOH A . 
D 4 HOH 55 214 55  HOH HOH A . 
D 4 HOH 56 215 56  HOH HOH A . 
D 4 HOH 57 216 57  HOH HOH A . 
D 4 HOH 58 217 58  HOH HOH A . 
D 4 HOH 59 218 59  HOH HOH A . 
D 4 HOH 60 219 60  HOH HOH A . 
D 4 HOH 61 220 61  HOH HOH A . 
D 4 HOH 62 221 62  HOH HOH A . 
D 4 HOH 63 222 63  HOH HOH A . 
D 4 HOH 64 223 64  HOH HOH A . 
D 4 HOH 65 224 65  HOH HOH A . 
# 
loop_
_software.name 
_software.classification 
_software.version 
_software.citation_id 
_software.pdbx_ordinal 
ADSC     'data collection' Quantum ? 1 
SOLVE    phasing           .       ? 2 
CNS      refinement        1.2     ? 3 
HKL-2000 'data reduction'  .       ? 4 
HKL-2000 'data scaling'    .       ? 5 
# 
_cell.entry_id           3RDR 
_cell.length_a           96.700 
_cell.length_b           96.700 
_cell.length_c           114.300 
_cell.angle_alpha        90.00 
_cell.angle_beta         90.00 
_cell.angle_gamma        120.00 
_cell.Z_PDB              12 
_cell.pdbx_unique_axis   ? 
_cell.length_a_esd       ? 
_cell.length_b_esd       ? 
_cell.length_c_esd       ? 
_cell.angle_alpha_esd    ? 
_cell.angle_beta_esd     ? 
_cell.angle_gamma_esd    ? 
# 
_symmetry.entry_id                         3RDR 
_symmetry.space_group_name_H-M             'P 63 2 2' 
_symmetry.pdbx_full_space_group_name_H-M   ? 
_symmetry.cell_setting                     ? 
_symmetry.Int_Tables_number                182 
_symmetry.space_group_name_Hall            ? 
# 
_exptl.entry_id          3RDR 
_exptl.method            'X-RAY DIFFRACTION' 
_exptl.crystals_number   1 
# 
_exptl_crystal.id                    1 
_exptl_crystal.density_meas          ? 
_exptl_crystal.density_Matthews      4.51 
_exptl_crystal.density_percent_sol   72.72 
_exptl_crystal.description           ? 
_exptl_crystal.F_000                 ? 
_exptl_crystal.preparation           ? 
# 
_exptl_crystal_grow.crystal_id      1 
_exptl_crystal_grow.method          'VAPOR DIFFUSION, HANGING DROP' 
_exptl_crystal_grow.temp            298 
_exptl_crystal_grow.temp_details    ? 
_exptl_crystal_grow.pH              6.2 
_exptl_crystal_grow.pdbx_details    '40% peg400, 0.1M mes, pH 6.2, VAPOR DIFFUSION, HANGING DROP, temperature 298K' 
_exptl_crystal_grow.pdbx_pH_range   ? 
# 
loop_
_diffrn.id 
_diffrn.ambient_temp 
_diffrn.ambient_temp_details 
_diffrn.crystal_id 
1 ? ? 1 
2 ? ? 1 
# 
loop_
_diffrn_detector.diffrn_id 
_diffrn_detector.detector 
_diffrn_detector.type 
_diffrn_detector.pdbx_collection_date 
_diffrn_detector.details 
1 CCD 'ADSC QUANTUM 315r' 2005-12-16 ? 
2 CCD 'ADSC QUANTUM 315r' 2005-12-16 ? 
# 
_diffrn_radiation.diffrn_id                        1 
_diffrn_radiation.wavelength_id                    1 
_diffrn_radiation.pdbx_monochromatic_or_laue_m_l   M 
_diffrn_radiation.monochromator                    ? 
_diffrn_radiation.pdbx_diffrn_protocol             MAD 
_diffrn_radiation.pdbx_scattering_type             x-ray 
# 
loop_
_diffrn_radiation_wavelength.id 
_diffrn_radiation_wavelength.wavelength 
_diffrn_radiation_wavelength.wt 
1 1.28279 1.0 
2 1.21972 1.0 
# 
loop_
_diffrn_source.diffrn_id 
_diffrn_source.source 
_diffrn_source.type 
_diffrn_source.pdbx_synchrotron_site 
_diffrn_source.pdbx_synchrotron_beamline 
_diffrn_source.pdbx_wavelength 
_diffrn_source.pdbx_wavelength_list 
1 SYNCHROTRON 'ALS BEAMLINE 12.3.1' ALS 12.3.1 ? 1.28279 
2 SYNCHROTRON 'ALS BEAMLINE 12.3.1' ALS 12.3.1 ? 1.21972 
# 
_reflns.entry_id                     3RDR 
_reflns.observed_criterion_sigma_I   2 
_reflns.observed_criterion_sigma_F   2 
_reflns.d_resolution_low             100 
_reflns.d_resolution_high            2.0 
_reflns.number_obs                   30364 
_reflns.number_all                   ? 
_reflns.percent_possible_obs         100 
_reflns.pdbx_Rmerge_I_obs            0.088 
_reflns.pdbx_Rsym_value              ? 
_reflns.pdbx_netI_over_sigmaI        18.6 
_reflns.B_iso_Wilson_estimate        24.1 
_reflns.pdbx_redundancy              11.2 
_reflns.R_free_details               ? 
_reflns.limit_h_max                  ? 
_reflns.limit_h_min                  ? 
_reflns.limit_k_max                  ? 
_reflns.limit_k_min                  ? 
_reflns.limit_l_max                  ? 
_reflns.limit_l_min                  ? 
_reflns.observed_criterion_F_max     ? 
_reflns.observed_criterion_F_min     ? 
_reflns.pdbx_chi_squared             ? 
_reflns.pdbx_scaling_rejects         ? 
_reflns.pdbx_ordinal                 1 
_reflns.pdbx_diffrn_id               1 
# 
_refine.entry_id                                 3RDR 
_refine.ls_number_reflns_obs                     30359 
_refine.ls_number_reflns_all                     30364 
_refine.pdbx_ls_sigma_I                          ? 
_refine.pdbx_ls_sigma_F                          0.0 
_refine.pdbx_data_cutoff_high_absF               2135702.15 
_refine.pdbx_data_cutoff_low_absF                0.000000 
_refine.pdbx_data_cutoff_high_rms_absF           ? 
_refine.ls_d_res_low                             48.35 
_refine.ls_d_res_high                            2.20 
_refine.ls_percent_reflns_obs                    99.9 
_refine.ls_R_factor_obs                          0.219 
_refine.ls_R_factor_all                          0.219 
_refine.ls_R_factor_R_work                       0.219 
_refine.ls_R_factor_R_free                       0.235 
_refine.ls_R_factor_R_free_error                 0.006 
_refine.ls_R_factor_R_free_error_details         ? 
_refine.ls_percent_reflns_R_free                 5.0 
_refine.ls_number_reflns_R_free                  1504 
_refine.ls_number_parameters                     ? 
_refine.ls_number_restraints                     ? 
_refine.occupancy_min                            ? 
_refine.occupancy_max                            ? 
_refine.correlation_coeff_Fo_to_Fc               ? 
_refine.correlation_coeff_Fo_to_Fc_free          ? 
_refine.B_iso_mean                               29.0 
_refine.aniso_B[1][1]                            4.26 
_refine.aniso_B[2][2]                            4.26 
_refine.aniso_B[3][3]                            -8.52 
_refine.aniso_B[1][2]                            0.00 
_refine.aniso_B[1][3]                            0.00 
_refine.aniso_B[2][3]                            0.00 
_refine.solvent_model_details                    'FLAT MODEL' 
_refine.solvent_model_param_ksol                 0.4 
_refine.solvent_model_param_bsol                 42.9535 
_refine.pdbx_solvent_vdw_probe_radii             ? 
_refine.pdbx_solvent_ion_probe_radii             ? 
_refine.pdbx_solvent_shrinkage_radii             ? 
_refine.pdbx_ls_cross_valid_method               THROUGHOUT 
_refine.details                                  'BULK SOLVENT MODEL USED' 
_refine.pdbx_starting_model                      ? 
_refine.pdbx_method_to_determine_struct          MAD 
_refine.pdbx_isotropic_thermal_model             RESTRAINED 
_refine.pdbx_stereochemistry_target_values       'Engh & Huber' 
_refine.pdbx_stereochem_target_val_spec_case     ? 
_refine.pdbx_R_Free_selection_details            RANDOM 
_refine.pdbx_overall_ESU_R_Free                  ? 
_refine.overall_SU_ML                            ? 
_refine.overall_SU_B                             ? 
_refine.overall_SU_R_Cruickshank_DPI             ? 
_refine.ls_redundancy_reflns_obs                 ? 
_refine.B_iso_min                                ? 
_refine.B_iso_max                                ? 
_refine.overall_SU_R_free                        ? 
_refine.ls_wR_factor_R_free                      ? 
_refine.ls_wR_factor_R_work                      ? 
_refine.overall_FOM_free_R_set                   ? 
_refine.overall_FOM_work_R_set                   ? 
_refine.pdbx_overall_phase_error                 ? 
_refine.pdbx_refine_id                           'X-RAY DIFFRACTION' 
_refine.pdbx_diffrn_id                           1 
_refine.pdbx_overall_ESU_R                       ? 
_refine.pdbx_TLS_residual_ADP_flag               ? 
_refine.pdbx_overall_SU_R_free_Cruickshank_DPI   ? 
_refine.pdbx_overall_SU_R_Blow_DPI               ? 
_refine.pdbx_overall_SU_R_free_Blow_DPI          ? 
# 
_refine_analyze.entry_id                        3RDR 
_refine_analyze.Luzzati_coordinate_error_obs    0.28 
_refine_analyze.Luzzati_sigma_a_obs             0.19 
_refine_analyze.Luzzati_d_res_low_obs           5.00 
_refine_analyze.Luzzati_coordinate_error_free   0.30 
_refine_analyze.Luzzati_sigma_a_free            0.15 
_refine_analyze.Luzzati_d_res_low_free          ? 
_refine_analyze.number_disordered_residues      ? 
_refine_analyze.occupancy_sum_hydrogen          ? 
_refine_analyze.occupancy_sum_non_hydrogen      ? 
_refine_analyze.pdbx_Luzzati_d_res_high_obs     ? 
_refine_analyze.pdbx_refine_id                  'X-RAY DIFFRACTION' 
# 
_refine_hist.pdbx_refine_id                   'X-RAY DIFFRACTION' 
_refine_hist.cycle_id                         LAST 
_refine_hist.pdbx_number_atoms_protein        1178 
_refine_hist.pdbx_number_atoms_nucleic_acid   0 
_refine_hist.pdbx_number_atoms_ligand         2 
_refine_hist.number_atoms_solvent             65 
_refine_hist.number_atoms_total               1245 
_refine_hist.d_res_high                       2.20 
_refine_hist.d_res_low                        48.35 
# 
loop_
_refine_ls_restr.type 
_refine_ls_restr.dev_ideal 
_refine_ls_restr.dev_ideal_target 
_refine_ls_restr.weight 
_refine_ls_restr.number 
_refine_ls_restr.pdbx_restraint_function 
_refine_ls_restr.pdbx_refine_id 
c_bond_d                0.005 ? ? ? ? 'X-RAY DIFFRACTION' 
c_bond_d_na             ?     ? ? ? ? 'X-RAY DIFFRACTION' 
c_bond_d_prot           ?     ? ? ? ? 'X-RAY DIFFRACTION' 
c_angle_d               ?     ? ? ? ? 'X-RAY DIFFRACTION' 
c_angle_d_na            ?     ? ? ? ? 'X-RAY DIFFRACTION' 
c_angle_d_prot          ?     ? ? ? ? 'X-RAY DIFFRACTION' 
c_angle_deg             1.4   ? ? ? ? 'X-RAY DIFFRACTION' 
c_angle_deg_na          ?     ? ? ? ? 'X-RAY DIFFRACTION' 
c_angle_deg_prot        ?     ? ? ? ? 'X-RAY DIFFRACTION' 
c_dihedral_angle_d      24.3  ? ? ? ? 'X-RAY DIFFRACTION' 
c_dihedral_angle_d_na   ?     ? ? ? ? 'X-RAY DIFFRACTION' 
c_dihedral_angle_d_prot ?     ? ? ? ? 'X-RAY DIFFRACTION' 
c_improper_angle_d      0.81  ? ? ? ? 'X-RAY DIFFRACTION' 
c_improper_angle_d_na   ?     ? ? ? ? 'X-RAY DIFFRACTION' 
c_improper_angle_d_prot ?     ? ? ? ? 'X-RAY DIFFRACTION' 
c_mcbond_it             ?     ? ? ? ? 'X-RAY DIFFRACTION' 
c_mcangle_it            ?     ? ? ? ? 'X-RAY DIFFRACTION' 
c_scbond_it             ?     ? ? ? ? 'X-RAY DIFFRACTION' 
c_scangle_it            ?     ? ? ? ? 'X-RAY DIFFRACTION' 
# 
_refine_ls_shell.pdbx_total_number_of_bins_used   6 
_refine_ls_shell.d_res_high                       2.20 
_refine_ls_shell.d_res_low                        2.34 
_refine_ls_shell.number_reflns_R_work             4786 
_refine_ls_shell.R_factor_R_work                  0.259 
_refine_ls_shell.percent_reflns_obs               99.9 
_refine_ls_shell.R_factor_R_free                  0.227 
_refine_ls_shell.R_factor_R_free_error            0.014 
_refine_ls_shell.percent_reflns_R_free            5.0 
_refine_ls_shell.number_reflns_R_free             252 
_refine_ls_shell.number_reflns_all                ? 
_refine_ls_shell.R_factor_all                     ? 
_refine_ls_shell.number_reflns_obs                4786 
_refine_ls_shell.redundancy_reflns_obs            ? 
_refine_ls_shell.pdbx_refine_id                   'X-RAY DIFFRACTION' 
# 
loop_
_pdbx_xplor_file.serial_no 
_pdbx_xplor_file.param_file 
_pdbx_xplor_file.topol_file 
_pdbx_xplor_file.pdbx_refine_id 
1 protein_rep.param protein.top 'X-RAY DIFFRACTION' 
2 dna-rna_rep.param dna-rna.top 'X-RAY DIFFRACTION' 
3 water_rep.param   water.top   'X-RAY DIFFRACTION' 
4 ion.param         ion.top     'X-RAY DIFFRACTION' 
# 
_struct.entry_id                  3RDR 
_struct.title                     'Structure of the catalytic domain of XlyA' 
_struct.pdbx_model_details        ? 
_struct.pdbx_CASP_flag            ? 
_struct.pdbx_model_type_details   ? 
# 
_struct_keywords.entry_id        3RDR 
_struct_keywords.pdbx_keywords   HYDROLASE 
_struct_keywords.text            'T7 lysozyme fold, amidase, HYDROLASE' 
# 
loop_
_struct_asym.id 
_struct_asym.pdbx_blank_PDB_chainid_flag 
_struct_asym.pdbx_modified 
_struct_asym.entity_id 
_struct_asym.details 
A N N 1 ? 
B N N 2 ? 
C N N 3 ? 
D N N 4 ? 
# 
_struct_ref.id                         1 
_struct_ref.db_name                    UNP 
_struct_ref.db_code                    XLYA_BACSU 
_struct_ref.pdbx_db_accession          P39800 
_struct_ref.entity_id                  1 
_struct_ref.pdbx_seq_one_letter_code   
;MVNIIQDFIPVGANNRPGYAMTPLYITVHNTANTAVGADAAAHARYLKNPDTTTSWHFTVDDTEIYQHLPLNENGWHAGD
GNGSGNRASIGIEICENADGDFAKATANAQWLIKTLMAEHNISLANVVPHKYWSGKECPRKLLDTWDSFKAGIG
;
_struct_ref.pdbx_align_begin           1 
_struct_ref.pdbx_db_isoform            ? 
# 
_struct_ref_seq.align_id                      1 
_struct_ref_seq.ref_id                        1 
_struct_ref_seq.pdbx_PDB_id_code              3RDR 
_struct_ref_seq.pdbx_strand_id                A 
_struct_ref_seq.seq_align_beg                 4 
_struct_ref_seq.pdbx_seq_align_beg_ins_code   ? 
_struct_ref_seq.seq_align_end                 157 
_struct_ref_seq.pdbx_seq_align_end_ins_code   ? 
_struct_ref_seq.pdbx_db_accession             P39800 
_struct_ref_seq.db_align_beg                  1 
_struct_ref_seq.pdbx_db_align_beg_ins_code    ? 
_struct_ref_seq.db_align_end                  154 
_struct_ref_seq.pdbx_db_align_end_ins_code    ? 
_struct_ref_seq.pdbx_auth_seq_align_beg       4 
_struct_ref_seq.pdbx_auth_seq_align_end       157 
# 
loop_
_struct_ref_seq_dif.align_id 
_struct_ref_seq_dif.pdbx_pdb_id_code 
_struct_ref_seq_dif.mon_id 
_struct_ref_seq_dif.pdbx_pdb_strand_id 
_struct_ref_seq_dif.seq_num 
_struct_ref_seq_dif.pdbx_pdb_ins_code 
_struct_ref_seq_dif.pdbx_seq_db_name 
_struct_ref_seq_dif.pdbx_seq_db_accession_code 
_struct_ref_seq_dif.db_mon_id 
_struct_ref_seq_dif.pdbx_seq_db_seq_num 
_struct_ref_seq_dif.details 
_struct_ref_seq_dif.pdbx_auth_seq_num 
_struct_ref_seq_dif.pdbx_ordinal 
1 3RDR GLY A 1 ? UNP P39800 ? ? 'expression tag' 1 1 
1 3RDR SER A 2 ? UNP P39800 ? ? 'expression tag' 2 2 
1 3RDR HIS A 3 ? UNP P39800 ? ? 'expression tag' 3 3 
# 
loop_
_pdbx_struct_assembly.id 
_pdbx_struct_assembly.details 
_pdbx_struct_assembly.method_details 
_pdbx_struct_assembly.oligomeric_details 
_pdbx_struct_assembly.oligomeric_count 
1 author_defined_assembly   ?    monomeric 1 
2 software_defined_assembly PISA hexameric 6 
# 
loop_
_pdbx_struct_assembly_prop.biol_id 
_pdbx_struct_assembly_prop.type 
_pdbx_struct_assembly_prop.value 
_pdbx_struct_assembly_prop.details 
2 'ABSA (A^2)' 10220 ? 
2 MORE         -321  ? 
2 'SSA (A^2)'  33240 ? 
# 
loop_
_pdbx_struct_assembly_gen.assembly_id 
_pdbx_struct_assembly_gen.oper_expression 
_pdbx_struct_assembly_gen.asym_id_list 
1 1           A,B,C,D 
2 1,2,3,4,5,6 A,B,C,D 
# 
loop_
_pdbx_struct_oper_list.id 
_pdbx_struct_oper_list.type 
_pdbx_struct_oper_list.name 
_pdbx_struct_oper_list.symmetry_operation 
_pdbx_struct_oper_list.matrix[1][1] 
_pdbx_struct_oper_list.matrix[1][2] 
_pdbx_struct_oper_list.matrix[1][3] 
_pdbx_struct_oper_list.vector[1] 
_pdbx_struct_oper_list.matrix[2][1] 
_pdbx_struct_oper_list.matrix[2][2] 
_pdbx_struct_oper_list.matrix[2][3] 
_pdbx_struct_oper_list.vector[2] 
_pdbx_struct_oper_list.matrix[3][1] 
_pdbx_struct_oper_list.matrix[3][2] 
_pdbx_struct_oper_list.matrix[3][3] 
_pdbx_struct_oper_list.vector[3] 
1 'identity operation'         1_555  x,y,z            1.0000000000  0.0000000000  0.0000000000  0.0000000000  0.0000000000  1.0000000000  0.0000000000  0.0000000000   0.0000000000  0.0000000000  1.0000000000  0.0000000000   
2 'crystal symmetry operation' 2_445  -y-1,x-y-1,z     -0.3810718274 -0.6038080585 -0.7001429075 -7.8537706995 -0.1799386250 0.7912391790  -0.5844336171 -9.8926609885  0.9068662270  -0.0967284343 -0.4101673517 -28.4693137663 
3 'crystal symmetry operation' 3_545  -x+y,-x-1,z      -0.3810718274 -0.1799386250 0.9068662270  21.0449365901 -0.6038080585 0.7912391790  -0.0967284343 0.3314987733   -0.7001429075 -0.5844336171 -0.4101673517 -22.9575485277 
4 'crystal symmetry operation' 10_445 -y-1,-x-1,-z+1/2 0.1804276267  0.1001580045  -0.9784754702 -3.7785513327 0.1001580045  -0.9915017019 -0.0830225830 -38.1027239638 -0.9784754702 -0.0830225830 -0.1889259248 -8.4586680350  
5 'crystal symmetry operation' 11_555 -x+y,y,-z+1/2    -0.9741245368 0.0649516826  0.2164778643  21.6701074464 0.0649516826  -0.8369605584 0.5433951625  -26.7171557947 0.2164778643  0.5433951625  0.8110850952  5.4259596420   
6 'crystal symmetry operation' 12_545 x,x-y-1,-z+1/2   0.5558405649  0.6186369965  0.5552742864  22.5151369733 0.6186369965  -0.7540160978 0.2207894719  -34.4175917303 0.5552742864  0.2207894719  -0.8018244671 -24.7408680576 
# 
_struct_biol.id        1 
_struct_biol.details   ? 
# 
loop_
_struct_conf.conf_type_id 
_struct_conf.id 
_struct_conf.pdbx_PDB_helix_id 
_struct_conf.beg_label_comp_id 
_struct_conf.beg_label_asym_id 
_struct_conf.beg_label_seq_id 
_struct_conf.pdbx_beg_PDB_ins_code 
_struct_conf.end_label_comp_id 
_struct_conf.end_label_asym_id 
_struct_conf.end_label_seq_id 
_struct_conf.pdbx_end_PDB_ins_code 
_struct_conf.beg_auth_comp_id 
_struct_conf.beg_auth_asym_id 
_struct_conf.beg_auth_seq_id 
_struct_conf.end_auth_comp_id 
_struct_conf.end_auth_asym_id 
_struct_conf.end_auth_seq_id 
_struct_conf.pdbx_PDB_helix_class 
_struct_conf.details 
_struct_conf.pdbx_PDB_helix_length 
HELX_P HELX_P1 1 ASP A 42  ? LYS A 51  ? ASP A 42  LYS A 51  1 ? 10 
HELX_P HELX_P2 2 GLY A 86  ? ALA A 91  ? GLY A 86  ALA A 91  1 ? 6  
HELX_P HELX_P3 3 ASP A 104 ? HIS A 123 ? ASP A 104 HIS A 123 1 ? 20 
HELX_P HELX_P4 4 SER A 126 ? ALA A 128 ? SER A 126 ALA A 128 5 ? 3  
HELX_P HELX_P5 5 HIS A 133 ? GLY A 138 ? HIS A 133 GLY A 138 1 ? 6  
HELX_P HELX_P6 6 LEU A 145 ? ASP A 147 ? LEU A 145 ASP A 147 5 ? 3  
HELX_P HELX_P7 7 THR A 148 ? GLY A 155 ? THR A 148 GLY A 155 1 ? 8  
# 
_struct_conf_type.id          HELX_P 
_struct_conf_type.criteria    ? 
_struct_conf_type.reference   ? 
# 
loop_
_struct_conn.id 
_struct_conn.conn_type_id 
_struct_conn.pdbx_leaving_atom_flag 
_struct_conn.pdbx_PDB_id 
_struct_conn.ptnr1_label_asym_id 
_struct_conn.ptnr1_label_comp_id 
_struct_conn.ptnr1_label_seq_id 
_struct_conn.ptnr1_label_atom_id 
_struct_conn.pdbx_ptnr1_label_alt_id 
_struct_conn.pdbx_ptnr1_PDB_ins_code 
_struct_conn.pdbx_ptnr1_standard_comp_id 
_struct_conn.ptnr1_symmetry 
_struct_conn.ptnr2_label_asym_id 
_struct_conn.ptnr2_label_comp_id 
_struct_conn.ptnr2_label_seq_id 
_struct_conn.ptnr2_label_atom_id 
_struct_conn.pdbx_ptnr2_label_alt_id 
_struct_conn.pdbx_ptnr2_PDB_ins_code 
_struct_conn.ptnr1_auth_asym_id 
_struct_conn.ptnr1_auth_comp_id 
_struct_conn.ptnr1_auth_seq_id 
_struct_conn.ptnr2_auth_asym_id 
_struct_conn.ptnr2_auth_comp_id 
_struct_conn.ptnr2_auth_seq_id 
_struct_conn.ptnr2_symmetry 
_struct_conn.pdbx_ptnr3_label_atom_id 
_struct_conn.pdbx_ptnr3_label_seq_id 
_struct_conn.pdbx_ptnr3_label_comp_id 
_struct_conn.pdbx_ptnr3_label_asym_id 
_struct_conn.pdbx_ptnr3_label_alt_id 
_struct_conn.pdbx_ptnr3_PDB_ins_code 
_struct_conn.details 
_struct_conn.pdbx_dist_value 
_struct_conn.pdbx_value_order 
_struct_conn.pdbx_role 
metalc1 metalc ? ? A HIS 32  ND1 ? ? ? 1_555 B ZN . ZN ? ? A HIS 32  A ZN 190 1_555 ? ? ? ? ? ? ? 2.227 ? ? 
metalc2 metalc ? ? A HIS 133 ND1 ? ? ? 1_555 B ZN . ZN ? ? A HIS 133 A ZN 190 1_555 ? ? ? ? ? ? ? 2.249 ? ? 
metalc3 metalc ? ? A CYS 141 SG  ? ? ? 1_555 B ZN . ZN ? ? A CYS 141 A ZN 190 1_555 ? ? ? ? ? ? ? 2.413 ? ? 
# 
_struct_conn_type.id          metalc 
_struct_conn_type.criteria    ? 
_struct_conn_type.reference   ? 
# 
loop_
_pdbx_struct_conn_angle.id 
_pdbx_struct_conn_angle.ptnr1_label_atom_id 
_pdbx_struct_conn_angle.ptnr1_label_alt_id 
_pdbx_struct_conn_angle.ptnr1_label_asym_id 
_pdbx_struct_conn_angle.ptnr1_label_comp_id 
_pdbx_struct_conn_angle.ptnr1_label_seq_id 
_pdbx_struct_conn_angle.ptnr1_auth_atom_id 
_pdbx_struct_conn_angle.ptnr1_auth_asym_id 
_pdbx_struct_conn_angle.ptnr1_auth_comp_id 
_pdbx_struct_conn_angle.ptnr1_auth_seq_id 
_pdbx_struct_conn_angle.ptnr1_PDB_ins_code 
_pdbx_struct_conn_angle.ptnr1_symmetry 
_pdbx_struct_conn_angle.ptnr2_label_atom_id 
_pdbx_struct_conn_angle.ptnr2_label_alt_id 
_pdbx_struct_conn_angle.ptnr2_label_asym_id 
_pdbx_struct_conn_angle.ptnr2_label_comp_id 
_pdbx_struct_conn_angle.ptnr2_label_seq_id 
_pdbx_struct_conn_angle.ptnr2_auth_atom_id 
_pdbx_struct_conn_angle.ptnr2_auth_asym_id 
_pdbx_struct_conn_angle.ptnr2_auth_comp_id 
_pdbx_struct_conn_angle.ptnr2_auth_seq_id 
_pdbx_struct_conn_angle.ptnr2_PDB_ins_code 
_pdbx_struct_conn_angle.ptnr2_symmetry 
_pdbx_struct_conn_angle.ptnr3_label_atom_id 
_pdbx_struct_conn_angle.ptnr3_label_alt_id 
_pdbx_struct_conn_angle.ptnr3_label_asym_id 
_pdbx_struct_conn_angle.ptnr3_label_comp_id 
_pdbx_struct_conn_angle.ptnr3_label_seq_id 
_pdbx_struct_conn_angle.ptnr3_auth_atom_id 
_pdbx_struct_conn_angle.ptnr3_auth_asym_id 
_pdbx_struct_conn_angle.ptnr3_auth_comp_id 
_pdbx_struct_conn_angle.ptnr3_auth_seq_id 
_pdbx_struct_conn_angle.ptnr3_PDB_ins_code 
_pdbx_struct_conn_angle.ptnr3_symmetry 
_pdbx_struct_conn_angle.value 
_pdbx_struct_conn_angle.value_esd 
1 ND1 ? A HIS 32  ? A HIS 32  ? 1_555 ZN ? B ZN . ? A ZN 190 ? 1_555 ND1 ? A HIS 133 ? A HIS 133 ? 1_555 100.3 ? 
2 ND1 ? A HIS 32  ? A HIS 32  ? 1_555 ZN ? B ZN . ? A ZN 190 ? 1_555 SG  ? A CYS 141 ? A CYS 141 ? 1_555 112.9 ? 
3 ND1 ? A HIS 133 ? A HIS 133 ? 1_555 ZN ? B ZN . ? A ZN 190 ? 1_555 SG  ? A CYS 141 ? A CYS 141 ? 1_555 116.6 ? 
# 
_struct_mon_prot_cis.pdbx_id                1 
_struct_mon_prot_cis.label_comp_id          CYS 
_struct_mon_prot_cis.label_seq_id           141 
_struct_mon_prot_cis.label_asym_id          A 
_struct_mon_prot_cis.label_alt_id           . 
_struct_mon_prot_cis.pdbx_PDB_ins_code      ? 
_struct_mon_prot_cis.auth_comp_id           CYS 
_struct_mon_prot_cis.auth_seq_id            141 
_struct_mon_prot_cis.auth_asym_id           A 
_struct_mon_prot_cis.pdbx_label_comp_id_2   PRO 
_struct_mon_prot_cis.pdbx_label_seq_id_2    142 
_struct_mon_prot_cis.pdbx_label_asym_id_2   A 
_struct_mon_prot_cis.pdbx_PDB_ins_code_2    ? 
_struct_mon_prot_cis.pdbx_auth_comp_id_2    PRO 
_struct_mon_prot_cis.pdbx_auth_seq_id_2     142 
_struct_mon_prot_cis.pdbx_auth_asym_id_2    A 
_struct_mon_prot_cis.pdbx_PDB_model_num     1 
_struct_mon_prot_cis.pdbx_omega_angle       -0.04 
# 
_struct_sheet.id               A 
_struct_sheet.type             ? 
_struct_sheet.number_strands   6 
_struct_sheet.details          ? 
# 
loop_
_struct_sheet_order.sheet_id 
_struct_sheet_order.range_id_1 
_struct_sheet_order.range_id_2 
_struct_sheet_order.offset 
_struct_sheet_order.sense 
A 1 2 ? parallel      
A 2 3 ? anti-parallel 
A 3 4 ? parallel      
A 4 5 ? parallel      
A 5 6 ? parallel      
# 
loop_
_struct_sheet_range.sheet_id 
_struct_sheet_range.id 
_struct_sheet_range.beg_label_comp_id 
_struct_sheet_range.beg_label_asym_id 
_struct_sheet_range.beg_label_seq_id 
_struct_sheet_range.pdbx_beg_PDB_ins_code 
_struct_sheet_range.end_label_comp_id 
_struct_sheet_range.end_label_asym_id 
_struct_sheet_range.end_label_seq_id 
_struct_sheet_range.pdbx_end_PDB_ins_code 
_struct_sheet_range.beg_auth_comp_id 
_struct_sheet_range.beg_auth_asym_id 
_struct_sheet_range.beg_auth_seq_id 
_struct_sheet_range.end_auth_comp_id 
_struct_sheet_range.end_auth_asym_id 
_struct_sheet_range.end_auth_seq_id 
A 1 ILE A 7   ? GLN A 9   ? ILE A 7   GLN A 9   
A 2 ILE A 68  ? GLN A 70  ? ILE A 68  GLN A 70  
A 3 PHE A 61  ? VAL A 63  ? PHE A 61  VAL A 63  
A 4 SER A 92  ? ILE A 97  ? SER A 92  ILE A 97  
A 5 TYR A 28  ? ASN A 33  ? TYR A 28  ASN A 33  
A 6 VAL A 130 ? PRO A 132 ? VAL A 130 PRO A 132 
# 
loop_
_pdbx_struct_sheet_hbond.sheet_id 
_pdbx_struct_sheet_hbond.range_id_1 
_pdbx_struct_sheet_hbond.range_id_2 
_pdbx_struct_sheet_hbond.range_1_label_atom_id 
_pdbx_struct_sheet_hbond.range_1_label_comp_id 
_pdbx_struct_sheet_hbond.range_1_label_asym_id 
_pdbx_struct_sheet_hbond.range_1_label_seq_id 
_pdbx_struct_sheet_hbond.range_1_PDB_ins_code 
_pdbx_struct_sheet_hbond.range_1_auth_atom_id 
_pdbx_struct_sheet_hbond.range_1_auth_comp_id 
_pdbx_struct_sheet_hbond.range_1_auth_asym_id 
_pdbx_struct_sheet_hbond.range_1_auth_seq_id 
_pdbx_struct_sheet_hbond.range_2_label_atom_id 
_pdbx_struct_sheet_hbond.range_2_label_comp_id 
_pdbx_struct_sheet_hbond.range_2_label_asym_id 
_pdbx_struct_sheet_hbond.range_2_label_seq_id 
_pdbx_struct_sheet_hbond.range_2_PDB_ins_code 
_pdbx_struct_sheet_hbond.range_2_auth_atom_id 
_pdbx_struct_sheet_hbond.range_2_auth_comp_id 
_pdbx_struct_sheet_hbond.range_2_auth_asym_id 
_pdbx_struct_sheet_hbond.range_2_auth_seq_id 
A 1 2 N ILE A 8  ? N ILE A 8  O ILE A 68  ? O ILE A 68  
A 2 3 O TYR A 69 ? O TYR A 69 N THR A 62  ? N THR A 62  
A 3 4 N PHE A 61 ? N PHE A 61 O GLU A 96  ? O GLU A 96  
A 4 5 O ILE A 95 ? O ILE A 95 N THR A 30  ? N THR A 30  
A 5 6 N VAL A 31 ? N VAL A 31 O VAL A 131 ? O VAL A 131 
# 
loop_
_struct_site.id 
_struct_site.pdbx_evidence_code 
_struct_site.pdbx_auth_asym_id 
_struct_site.pdbx_auth_comp_id 
_struct_site.pdbx_auth_seq_id 
_struct_site.pdbx_auth_ins_code 
_struct_site.pdbx_num_residues 
_struct_site.details 
AC1 Software A ZN 190 ? 4 'BINDING SITE FOR RESIDUE ZN A 190' 
AC2 Software A CL 158 ? 3 'BINDING SITE FOR RESIDUE CL A 158' 
# 
loop_
_struct_site_gen.id 
_struct_site_gen.site_id 
_struct_site_gen.pdbx_num_res 
_struct_site_gen.label_comp_id 
_struct_site_gen.label_asym_id 
_struct_site_gen.label_seq_id 
_struct_site_gen.pdbx_auth_ins_code 
_struct_site_gen.auth_comp_id 
_struct_site_gen.auth_asym_id 
_struct_site_gen.auth_seq_id 
_struct_site_gen.label_atom_id 
_struct_site_gen.label_alt_id 
_struct_site_gen.symmetry 
_struct_site_gen.details 
1 AC1 4 HIS A 32  ? HIS A 32  . ? 1_555 ? 
2 AC1 4 HIS A 133 ? HIS A 133 . ? 1_555 ? 
3 AC1 4 CYS A 141 ? CYS A 141 . ? 1_555 ? 
4 AC1 4 CL  C .   ? CL  A 158 . ? 1_555 ? 
5 AC2 3 HIS A 133 ? HIS A 133 . ? 1_555 ? 
6 AC2 3 HOH D .   ? HOH A 159 . ? 1_555 ? 
7 AC2 3 ZN  B .   ? ZN  A 190 . ? 1_555 ? 
# 
loop_
_pdbx_validate_torsion.id 
_pdbx_validate_torsion.PDB_model_num 
_pdbx_validate_torsion.auth_comp_id 
_pdbx_validate_torsion.auth_asym_id 
_pdbx_validate_torsion.auth_seq_id 
_pdbx_validate_torsion.PDB_ins_code 
_pdbx_validate_torsion.label_alt_id 
_pdbx_validate_torsion.phi 
_pdbx_validate_torsion.psi 
1 1 ASP A 10 ? ? -151.39 71.86  
2 1 HIS A 80 ? ? -151.14 -23.04 
3 1 ALA A 91 ? ? -144.69 31.85  
# 
_pdbx_struct_special_symmetry.id              1 
_pdbx_struct_special_symmetry.PDB_model_num   1 
_pdbx_struct_special_symmetry.auth_asym_id    A 
_pdbx_struct_special_symmetry.auth_comp_id    HOH 
_pdbx_struct_special_symmetry.auth_seq_id     207 
_pdbx_struct_special_symmetry.PDB_ins_code    ? 
_pdbx_struct_special_symmetry.label_asym_id   D 
_pdbx_struct_special_symmetry.label_comp_id   HOH 
_pdbx_struct_special_symmetry.label_seq_id    . 
# 
loop_
_pdbx_unobs_or_zero_occ_residues.id 
_pdbx_unobs_or_zero_occ_residues.PDB_model_num 
_pdbx_unobs_or_zero_occ_residues.polymer_flag 
_pdbx_unobs_or_zero_occ_residues.occupancy_flag 
_pdbx_unobs_or_zero_occ_residues.auth_asym_id 
_pdbx_unobs_or_zero_occ_residues.auth_comp_id 
_pdbx_unobs_or_zero_occ_residues.auth_seq_id 
_pdbx_unobs_or_zero_occ_residues.PDB_ins_code 
_pdbx_unobs_or_zero_occ_residues.label_asym_id 
_pdbx_unobs_or_zero_occ_residues.label_comp_id 
_pdbx_unobs_or_zero_occ_residues.label_seq_id 
1 1 Y 1 A GLY 1 ? A GLY 1 
2 1 Y 1 A SER 2 ? A SER 2 
3 1 Y 1 A HIS 3 ? A HIS 3 
4 1 Y 1 A MET 4 ? A MET 4 
# 
loop_
_chem_comp_atom.comp_id 
_chem_comp_atom.atom_id 
_chem_comp_atom.type_symbol 
_chem_comp_atom.pdbx_aromatic_flag 
_chem_comp_atom.pdbx_stereo_config 
_chem_comp_atom.pdbx_ordinal 
ALA N    N  N N 1   
ALA CA   C  N S 2   
ALA C    C  N N 3   
ALA O    O  N N 4   
ALA CB   C  N N 5   
ALA OXT  O  N N 6   
ALA H    H  N N 7   
ALA H2   H  N N 8   
ALA HA   H  N N 9   
ALA HB1  H  N N 10  
ALA HB2  H  N N 11  
ALA HB3  H  N N 12  
ALA HXT  H  N N 13  
ARG N    N  N N 14  
ARG CA   C  N S 15  
ARG C    C  N N 16  
ARG O    O  N N 17  
ARG CB   C  N N 18  
ARG CG   C  N N 19  
ARG CD   C  N N 20  
ARG NE   N  N N 21  
ARG CZ   C  N N 22  
ARG NH1  N  N N 23  
ARG NH2  N  N N 24  
ARG OXT  O  N N 25  
ARG H    H  N N 26  
ARG H2   H  N N 27  
ARG HA   H  N N 28  
ARG HB2  H  N N 29  
ARG HB3  H  N N 30  
ARG HG2  H  N N 31  
ARG HG3  H  N N 32  
ARG HD2  H  N N 33  
ARG HD3  H  N N 34  
ARG HE   H  N N 35  
ARG HH11 H  N N 36  
ARG HH12 H  N N 37  
ARG HH21 H  N N 38  
ARG HH22 H  N N 39  
ARG HXT  H  N N 40  
ASN N    N  N N 41  
ASN CA   C  N S 42  
ASN C    C  N N 43  
ASN O    O  N N 44  
ASN CB   C  N N 45  
ASN CG   C  N N 46  
ASN OD1  O  N N 47  
ASN ND2  N  N N 48  
ASN OXT  O  N N 49  
ASN H    H  N N 50  
ASN H2   H  N N 51  
ASN HA   H  N N 52  
ASN HB2  H  N N 53  
ASN HB3  H  N N 54  
ASN HD21 H  N N 55  
ASN HD22 H  N N 56  
ASN HXT  H  N N 57  
ASP N    N  N N 58  
ASP CA   C  N S 59  
ASP C    C  N N 60  
ASP O    O  N N 61  
ASP CB   C  N N 62  
ASP CG   C  N N 63  
ASP OD1  O  N N 64  
ASP OD2  O  N N 65  
ASP OXT  O  N N 66  
ASP H    H  N N 67  
ASP H2   H  N N 68  
ASP HA   H  N N 69  
ASP HB2  H  N N 70  
ASP HB3  H  N N 71  
ASP HD2  H  N N 72  
ASP HXT  H  N N 73  
CL  CL   CL N N 74  
CYS N    N  N N 75  
CYS CA   C  N R 76  
CYS C    C  N N 77  
CYS O    O  N N 78  
CYS CB   C  N N 79  
CYS SG   S  N N 80  
CYS OXT  O  N N 81  
CYS H    H  N N 82  
CYS H2   H  N N 83  
CYS HA   H  N N 84  
CYS HB2  H  N N 85  
CYS HB3  H  N N 86  
CYS HG   H  N N 87  
CYS HXT  H  N N 88  
GLN N    N  N N 89  
GLN CA   C  N S 90  
GLN C    C  N N 91  
GLN O    O  N N 92  
GLN CB   C  N N 93  
GLN CG   C  N N 94  
GLN CD   C  N N 95  
GLN OE1  O  N N 96  
GLN NE2  N  N N 97  
GLN OXT  O  N N 98  
GLN H    H  N N 99  
GLN H2   H  N N 100 
GLN HA   H  N N 101 
GLN HB2  H  N N 102 
GLN HB3  H  N N 103 
GLN HG2  H  N N 104 
GLN HG3  H  N N 105 
GLN HE21 H  N N 106 
GLN HE22 H  N N 107 
GLN HXT  H  N N 108 
GLU N    N  N N 109 
GLU CA   C  N S 110 
GLU C    C  N N 111 
GLU O    O  N N 112 
GLU CB   C  N N 113 
GLU CG   C  N N 114 
GLU CD   C  N N 115 
GLU OE1  O  N N 116 
GLU OE2  O  N N 117 
GLU OXT  O  N N 118 
GLU H    H  N N 119 
GLU H2   H  N N 120 
GLU HA   H  N N 121 
GLU HB2  H  N N 122 
GLU HB3  H  N N 123 
GLU HG2  H  N N 124 
GLU HG3  H  N N 125 
GLU HE2  H  N N 126 
GLU HXT  H  N N 127 
GLY N    N  N N 128 
GLY CA   C  N N 129 
GLY C    C  N N 130 
GLY O    O  N N 131 
GLY OXT  O  N N 132 
GLY H    H  N N 133 
GLY H2   H  N N 134 
GLY HA2  H  N N 135 
GLY HA3  H  N N 136 
GLY HXT  H  N N 137 
HIS N    N  N N 138 
HIS CA   C  N S 139 
HIS C    C  N N 140 
HIS O    O  N N 141 
HIS CB   C  N N 142 
HIS CG   C  Y N 143 
HIS ND1  N  Y N 144 
HIS CD2  C  Y N 145 
HIS CE1  C  Y N 146 
HIS NE2  N  Y N 147 
HIS OXT  O  N N 148 
HIS H    H  N N 149 
HIS H2   H  N N 150 
HIS HA   H  N N 151 
HIS HB2  H  N N 152 
HIS HB3  H  N N 153 
HIS HD1  H  N N 154 
HIS HD2  H  N N 155 
HIS HE1  H  N N 156 
HIS HE2  H  N N 157 
HIS HXT  H  N N 158 
HOH O    O  N N 159 
HOH H1   H  N N 160 
HOH H2   H  N N 161 
ILE N    N  N N 162 
ILE CA   C  N S 163 
ILE C    C  N N 164 
ILE O    O  N N 165 
ILE CB   C  N S 166 
ILE CG1  C  N N 167 
ILE CG2  C  N N 168 
ILE CD1  C  N N 169 
ILE OXT  O  N N 170 
ILE H    H  N N 171 
ILE H2   H  N N 172 
ILE HA   H  N N 173 
ILE HB   H  N N 174 
ILE HG12 H  N N 175 
ILE HG13 H  N N 176 
ILE HG21 H  N N 177 
ILE HG22 H  N N 178 
ILE HG23 H  N N 179 
ILE HD11 H  N N 180 
ILE HD12 H  N N 181 
ILE HD13 H  N N 182 
ILE HXT  H  N N 183 
LEU N    N  N N 184 
LEU CA   C  N S 185 
LEU C    C  N N 186 
LEU O    O  N N 187 
LEU CB   C  N N 188 
LEU CG   C  N N 189 
LEU CD1  C  N N 190 
LEU CD2  C  N N 191 
LEU OXT  O  N N 192 
LEU H    H  N N 193 
LEU H2   H  N N 194 
LEU HA   H  N N 195 
LEU HB2  H  N N 196 
LEU HB3  H  N N 197 
LEU HG   H  N N 198 
LEU HD11 H  N N 199 
LEU HD12 H  N N 200 
LEU HD13 H  N N 201 
LEU HD21 H  N N 202 
LEU HD22 H  N N 203 
LEU HD23 H  N N 204 
LEU HXT  H  N N 205 
LYS N    N  N N 206 
LYS CA   C  N S 207 
LYS C    C  N N 208 
LYS O    O  N N 209 
LYS CB   C  N N 210 
LYS CG   C  N N 211 
LYS CD   C  N N 212 
LYS CE   C  N N 213 
LYS NZ   N  N N 214 
LYS OXT  O  N N 215 
LYS H    H  N N 216 
LYS H2   H  N N 217 
LYS HA   H  N N 218 
LYS HB2  H  N N 219 
LYS HB3  H  N N 220 
LYS HG2  H  N N 221 
LYS HG3  H  N N 222 
LYS HD2  H  N N 223 
LYS HD3  H  N N 224 
LYS HE2  H  N N 225 
LYS HE3  H  N N 226 
LYS HZ1  H  N N 227 
LYS HZ2  H  N N 228 
LYS HZ3  H  N N 229 
LYS HXT  H  N N 230 
MET N    N  N N 231 
MET CA   C  N S 232 
MET C    C  N N 233 
MET O    O  N N 234 
MET CB   C  N N 235 
MET CG   C  N N 236 
MET SD   S  N N 237 
MET CE   C  N N 238 
MET OXT  O  N N 239 
MET H    H  N N 240 
MET H2   H  N N 241 
MET HA   H  N N 242 
MET HB2  H  N N 243 
MET HB3  H  N N 244 
MET HG2  H  N N 245 
MET HG3  H  N N 246 
MET HE1  H  N N 247 
MET HE2  H  N N 248 
MET HE3  H  N N 249 
MET HXT  H  N N 250 
PHE N    N  N N 251 
PHE CA   C  N S 252 
PHE C    C  N N 253 
PHE O    O  N N 254 
PHE CB   C  N N 255 
PHE CG   C  Y N 256 
PHE CD1  C  Y N 257 
PHE CD2  C  Y N 258 
PHE CE1  C  Y N 259 
PHE CE2  C  Y N 260 
PHE CZ   C  Y N 261 
PHE OXT  O  N N 262 
PHE H    H  N N 263 
PHE H2   H  N N 264 
PHE HA   H  N N 265 
PHE HB2  H  N N 266 
PHE HB3  H  N N 267 
PHE HD1  H  N N 268 
PHE HD2  H  N N 269 
PHE HE1  H  N N 270 
PHE HE2  H  N N 271 
PHE HZ   H  N N 272 
PHE HXT  H  N N 273 
PRO N    N  N N 274 
PRO CA   C  N S 275 
PRO C    C  N N 276 
PRO O    O  N N 277 
PRO CB   C  N N 278 
PRO CG   C  N N 279 
PRO CD   C  N N 280 
PRO OXT  O  N N 281 
PRO H    H  N N 282 
PRO HA   H  N N 283 
PRO HB2  H  N N 284 
PRO HB3  H  N N 285 
PRO HG2  H  N N 286 
PRO HG3  H  N N 287 
PRO HD2  H  N N 288 
PRO HD3  H  N N 289 
PRO HXT  H  N N 290 
SER N    N  N N 291 
SER CA   C  N S 292 
SER C    C  N N 293 
SER O    O  N N 294 
SER CB   C  N N 295 
SER OG   O  N N 296 
SER OXT  O  N N 297 
SER H    H  N N 298 
SER H2   H  N N 299 
SER HA   H  N N 300 
SER HB2  H  N N 301 
SER HB3  H  N N 302 
SER HG   H  N N 303 
SER HXT  H  N N 304 
THR N    N  N N 305 
THR CA   C  N S 306 
THR C    C  N N 307 
THR O    O  N N 308 
THR CB   C  N R 309 
THR OG1  O  N N 310 
THR CG2  C  N N 311 
THR OXT  O  N N 312 
THR H    H  N N 313 
THR H2   H  N N 314 
THR HA   H  N N 315 
THR HB   H  N N 316 
THR HG1  H  N N 317 
THR HG21 H  N N 318 
THR HG22 H  N N 319 
THR HG23 H  N N 320 
THR HXT  H  N N 321 
TRP N    N  N N 322 
TRP CA   C  N S 323 
TRP C    C  N N 324 
TRP O    O  N N 325 
TRP CB   C  N N 326 
TRP CG   C  Y N 327 
TRP CD1  C  Y N 328 
TRP CD2  C  Y N 329 
TRP NE1  N  Y N 330 
TRP CE2  C  Y N 331 
TRP CE3  C  Y N 332 
TRP CZ2  C  Y N 333 
TRP CZ3  C  Y N 334 
TRP CH2  C  Y N 335 
TRP OXT  O  N N 336 
TRP H    H  N N 337 
TRP H2   H  N N 338 
TRP HA   H  N N 339 
TRP HB2  H  N N 340 
TRP HB3  H  N N 341 
TRP HD1  H  N N 342 
TRP HE1  H  N N 343 
TRP HE3  H  N N 344 
TRP HZ2  H  N N 345 
TRP HZ3  H  N N 346 
TRP HH2  H  N N 347 
TRP HXT  H  N N 348 
TYR N    N  N N 349 
TYR CA   C  N S 350 
TYR C    C  N N 351 
TYR O    O  N N 352 
TYR CB   C  N N 353 
TYR CG   C  Y N 354 
TYR CD1  C  Y N 355 
TYR CD2  C  Y N 356 
TYR CE1  C  Y N 357 
TYR CE2  C  Y N 358 
TYR CZ   C  Y N 359 
TYR OH   O  N N 360 
TYR OXT  O  N N 361 
TYR H    H  N N 362 
TYR H2   H  N N 363 
TYR HA   H  N N 364 
TYR HB2  H  N N 365 
TYR HB3  H  N N 366 
TYR HD1  H  N N 367 
TYR HD2  H  N N 368 
TYR HE1  H  N N 369 
TYR HE2  H  N N 370 
TYR HH   H  N N 371 
TYR HXT  H  N N 372 
VAL N    N  N N 373 
VAL CA   C  N S 374 
VAL C    C  N N 375 
VAL O    O  N N 376 
VAL CB   C  N N 377 
VAL CG1  C  N N 378 
VAL CG2  C  N N 379 
VAL OXT  O  N N 380 
VAL H    H  N N 381 
VAL H2   H  N N 382 
VAL HA   H  N N 383 
VAL HB   H  N N 384 
VAL HG11 H  N N 385 
VAL HG12 H  N N 386 
VAL HG13 H  N N 387 
VAL HG21 H  N N 388 
VAL HG22 H  N N 389 
VAL HG23 H  N N 390 
VAL HXT  H  N N 391 
ZN  ZN   ZN N N 392 
# 
loop_
_chem_comp_bond.comp_id 
_chem_comp_bond.atom_id_1 
_chem_comp_bond.atom_id_2 
_chem_comp_bond.value_order 
_chem_comp_bond.pdbx_aromatic_flag 
_chem_comp_bond.pdbx_stereo_config 
_chem_comp_bond.pdbx_ordinal 
ALA N   CA   sing N N 1   
ALA N   H    sing N N 2   
ALA N   H2   sing N N 3   
ALA CA  C    sing N N 4   
ALA CA  CB   sing N N 5   
ALA CA  HA   sing N N 6   
ALA C   O    doub N N 7   
ALA C   OXT  sing N N 8   
ALA CB  HB1  sing N N 9   
ALA CB  HB2  sing N N 10  
ALA CB  HB3  sing N N 11  
ALA OXT HXT  sing N N 12  
ARG N   CA   sing N N 13  
ARG N   H    sing N N 14  
ARG N   H2   sing N N 15  
ARG CA  C    sing N N 16  
ARG CA  CB   sing N N 17  
ARG CA  HA   sing N N 18  
ARG C   O    doub N N 19  
ARG C   OXT  sing N N 20  
ARG CB  CG   sing N N 21  
ARG CB  HB2  sing N N 22  
ARG CB  HB3  sing N N 23  
ARG CG  CD   sing N N 24  
ARG CG  HG2  sing N N 25  
ARG CG  HG3  sing N N 26  
ARG CD  NE   sing N N 27  
ARG CD  HD2  sing N N 28  
ARG CD  HD3  sing N N 29  
ARG NE  CZ   sing N N 30  
ARG NE  HE   sing N N 31  
ARG CZ  NH1  sing N N 32  
ARG CZ  NH2  doub N N 33  
ARG NH1 HH11 sing N N 34  
ARG NH1 HH12 sing N N 35  
ARG NH2 HH21 sing N N 36  
ARG NH2 HH22 sing N N 37  
ARG OXT HXT  sing N N 38  
ASN N   CA   sing N N 39  
ASN N   H    sing N N 40  
ASN N   H2   sing N N 41  
ASN CA  C    sing N N 42  
ASN CA  CB   sing N N 43  
ASN CA  HA   sing N N 44  
ASN C   O    doub N N 45  
ASN C   OXT  sing N N 46  
ASN CB  CG   sing N N 47  
ASN CB  HB2  sing N N 48  
ASN CB  HB3  sing N N 49  
ASN CG  OD1  doub N N 50  
ASN CG  ND2  sing N N 51  
ASN ND2 HD21 sing N N 52  
ASN ND2 HD22 sing N N 53  
ASN OXT HXT  sing N N 54  
ASP N   CA   sing N N 55  
ASP N   H    sing N N 56  
ASP N   H2   sing N N 57  
ASP CA  C    sing N N 58  
ASP CA  CB   sing N N 59  
ASP CA  HA   sing N N 60  
ASP C   O    doub N N 61  
ASP C   OXT  sing N N 62  
ASP CB  CG   sing N N 63  
ASP CB  HB2  sing N N 64  
ASP CB  HB3  sing N N 65  
ASP CG  OD1  doub N N 66  
ASP CG  OD2  sing N N 67  
ASP OD2 HD2  sing N N 68  
ASP OXT HXT  sing N N 69  
CYS N   CA   sing N N 70  
CYS N   H    sing N N 71  
CYS N   H2   sing N N 72  
CYS CA  C    sing N N 73  
CYS CA  CB   sing N N 74  
CYS CA  HA   sing N N 75  
CYS C   O    doub N N 76  
CYS C   OXT  sing N N 77  
CYS CB  SG   sing N N 78  
CYS CB  HB2  sing N N 79  
CYS CB  HB3  sing N N 80  
CYS SG  HG   sing N N 81  
CYS OXT HXT  sing N N 82  
GLN N   CA   sing N N 83  
GLN N   H    sing N N 84  
GLN N   H2   sing N N 85  
GLN CA  C    sing N N 86  
GLN CA  CB   sing N N 87  
GLN CA  HA   sing N N 88  
GLN C   O    doub N N 89  
GLN C   OXT  sing N N 90  
GLN CB  CG   sing N N 91  
GLN CB  HB2  sing N N 92  
GLN CB  HB3  sing N N 93  
GLN CG  CD   sing N N 94  
GLN CG  HG2  sing N N 95  
GLN CG  HG3  sing N N 96  
GLN CD  OE1  doub N N 97  
GLN CD  NE2  sing N N 98  
GLN NE2 HE21 sing N N 99  
GLN NE2 HE22 sing N N 100 
GLN OXT HXT  sing N N 101 
GLU N   CA   sing N N 102 
GLU N   H    sing N N 103 
GLU N   H2   sing N N 104 
GLU CA  C    sing N N 105 
GLU CA  CB   sing N N 106 
GLU CA  HA   sing N N 107 
GLU C   O    doub N N 108 
GLU C   OXT  sing N N 109 
GLU CB  CG   sing N N 110 
GLU CB  HB2  sing N N 111 
GLU CB  HB3  sing N N 112 
GLU CG  CD   sing N N 113 
GLU CG  HG2  sing N N 114 
GLU CG  HG3  sing N N 115 
GLU CD  OE1  doub N N 116 
GLU CD  OE2  sing N N 117 
GLU OE2 HE2  sing N N 118 
GLU OXT HXT  sing N N 119 
GLY N   CA   sing N N 120 
GLY N   H    sing N N 121 
GLY N   H2   sing N N 122 
GLY CA  C    sing N N 123 
GLY CA  HA2  sing N N 124 
GLY CA  HA3  sing N N 125 
GLY C   O    doub N N 126 
GLY C   OXT  sing N N 127 
GLY OXT HXT  sing N N 128 
HIS N   CA   sing N N 129 
HIS N   H    sing N N 130 
HIS N   H2   sing N N 131 
HIS CA  C    sing N N 132 
HIS CA  CB   sing N N 133 
HIS CA  HA   sing N N 134 
HIS C   O    doub N N 135 
HIS C   OXT  sing N N 136 
HIS CB  CG   sing N N 137 
HIS CB  HB2  sing N N 138 
HIS CB  HB3  sing N N 139 
HIS CG  ND1  sing Y N 140 
HIS CG  CD2  doub Y N 141 
HIS ND1 CE1  doub Y N 142 
HIS ND1 HD1  sing N N 143 
HIS CD2 NE2  sing Y N 144 
HIS CD2 HD2  sing N N 145 
HIS CE1 NE2  sing Y N 146 
HIS CE1 HE1  sing N N 147 
HIS NE2 HE2  sing N N 148 
HIS OXT HXT  sing N N 149 
HOH O   H1   sing N N 150 
HOH O   H2   sing N N 151 
ILE N   CA   sing N N 152 
ILE N   H    sing N N 153 
ILE N   H2   sing N N 154 
ILE CA  C    sing N N 155 
ILE CA  CB   sing N N 156 
ILE CA  HA   sing N N 157 
ILE C   O    doub N N 158 
ILE C   OXT  sing N N 159 
ILE CB  CG1  sing N N 160 
ILE CB  CG2  sing N N 161 
ILE CB  HB   sing N N 162 
ILE CG1 CD1  sing N N 163 
ILE CG1 HG12 sing N N 164 
ILE CG1 HG13 sing N N 165 
ILE CG2 HG21 sing N N 166 
ILE CG2 HG22 sing N N 167 
ILE CG2 HG23 sing N N 168 
ILE CD1 HD11 sing N N 169 
ILE CD1 HD12 sing N N 170 
ILE CD1 HD13 sing N N 171 
ILE OXT HXT  sing N N 172 
LEU N   CA   sing N N 173 
LEU N   H    sing N N 174 
LEU N   H2   sing N N 175 
LEU CA  C    sing N N 176 
LEU CA  CB   sing N N 177 
LEU CA  HA   sing N N 178 
LEU C   O    doub N N 179 
LEU C   OXT  sing N N 180 
LEU CB  CG   sing N N 181 
LEU CB  HB2  sing N N 182 
LEU CB  HB3  sing N N 183 
LEU CG  CD1  sing N N 184 
LEU CG  CD2  sing N N 185 
LEU CG  HG   sing N N 186 
LEU CD1 HD11 sing N N 187 
LEU CD1 HD12 sing N N 188 
LEU CD1 HD13 sing N N 189 
LEU CD2 HD21 sing N N 190 
LEU CD2 HD22 sing N N 191 
LEU CD2 HD23 sing N N 192 
LEU OXT HXT  sing N N 193 
LYS N   CA   sing N N 194 
LYS N   H    sing N N 195 
LYS N   H2   sing N N 196 
LYS CA  C    sing N N 197 
LYS CA  CB   sing N N 198 
LYS CA  HA   sing N N 199 
LYS C   O    doub N N 200 
LYS C   OXT  sing N N 201 
LYS CB  CG   sing N N 202 
LYS CB  HB2  sing N N 203 
LYS CB  HB3  sing N N 204 
LYS CG  CD   sing N N 205 
LYS CG  HG2  sing N N 206 
LYS CG  HG3  sing N N 207 
LYS CD  CE   sing N N 208 
LYS CD  HD2  sing N N 209 
LYS CD  HD3  sing N N 210 
LYS CE  NZ   sing N N 211 
LYS CE  HE2  sing N N 212 
LYS CE  HE3  sing N N 213 
LYS NZ  HZ1  sing N N 214 
LYS NZ  HZ2  sing N N 215 
LYS NZ  HZ3  sing N N 216 
LYS OXT HXT  sing N N 217 
MET N   CA   sing N N 218 
MET N   H    sing N N 219 
MET N   H2   sing N N 220 
MET CA  C    sing N N 221 
MET CA  CB   sing N N 222 
MET CA  HA   sing N N 223 
MET C   O    doub N N 224 
MET C   OXT  sing N N 225 
MET CB  CG   sing N N 226 
MET CB  HB2  sing N N 227 
MET CB  HB3  sing N N 228 
MET CG  SD   sing N N 229 
MET CG  HG2  sing N N 230 
MET CG  HG3  sing N N 231 
MET SD  CE   sing N N 232 
MET CE  HE1  sing N N 233 
MET CE  HE2  sing N N 234 
MET CE  HE3  sing N N 235 
MET OXT HXT  sing N N 236 
PHE N   CA   sing N N 237 
PHE N   H    sing N N 238 
PHE N   H2   sing N N 239 
PHE CA  C    sing N N 240 
PHE CA  CB   sing N N 241 
PHE CA  HA   sing N N 242 
PHE C   O    doub N N 243 
PHE C   OXT  sing N N 244 
PHE CB  CG   sing N N 245 
PHE CB  HB2  sing N N 246 
PHE CB  HB3  sing N N 247 
PHE CG  CD1  doub Y N 248 
PHE CG  CD2  sing Y N 249 
PHE CD1 CE1  sing Y N 250 
PHE CD1 HD1  sing N N 251 
PHE CD2 CE2  doub Y N 252 
PHE CD2 HD2  sing N N 253 
PHE CE1 CZ   doub Y N 254 
PHE CE1 HE1  sing N N 255 
PHE CE2 CZ   sing Y N 256 
PHE CE2 HE2  sing N N 257 
PHE CZ  HZ   sing N N 258 
PHE OXT HXT  sing N N 259 
PRO N   CA   sing N N 260 
PRO N   CD   sing N N 261 
PRO N   H    sing N N 262 
PRO CA  C    sing N N 263 
PRO CA  CB   sing N N 264 
PRO CA  HA   sing N N 265 
PRO C   O    doub N N 266 
PRO C   OXT  sing N N 267 
PRO CB  CG   sing N N 268 
PRO CB  HB2  sing N N 269 
PRO CB  HB3  sing N N 270 
PRO CG  CD   sing N N 271 
PRO CG  HG2  sing N N 272 
PRO CG  HG3  sing N N 273 
PRO CD  HD2  sing N N 274 
PRO CD  HD3  sing N N 275 
PRO OXT HXT  sing N N 276 
SER N   CA   sing N N 277 
SER N   H    sing N N 278 
SER N   H2   sing N N 279 
SER CA  C    sing N N 280 
SER CA  CB   sing N N 281 
SER CA  HA   sing N N 282 
SER C   O    doub N N 283 
SER C   OXT  sing N N 284 
SER CB  OG   sing N N 285 
SER CB  HB2  sing N N 286 
SER CB  HB3  sing N N 287 
SER OG  HG   sing N N 288 
SER OXT HXT  sing N N 289 
THR N   CA   sing N N 290 
THR N   H    sing N N 291 
THR N   H2   sing N N 292 
THR CA  C    sing N N 293 
THR CA  CB   sing N N 294 
THR CA  HA   sing N N 295 
THR C   O    doub N N 296 
THR C   OXT  sing N N 297 
THR CB  OG1  sing N N 298 
THR CB  CG2  sing N N 299 
THR CB  HB   sing N N 300 
THR OG1 HG1  sing N N 301 
THR CG2 HG21 sing N N 302 
THR CG2 HG22 sing N N 303 
THR CG2 HG23 sing N N 304 
THR OXT HXT  sing N N 305 
TRP N   CA   sing N N 306 
TRP N   H    sing N N 307 
TRP N   H2   sing N N 308 
TRP CA  C    sing N N 309 
TRP CA  CB   sing N N 310 
TRP CA  HA   sing N N 311 
TRP C   O    doub N N 312 
TRP C   OXT  sing N N 313 
TRP CB  CG   sing N N 314 
TRP CB  HB2  sing N N 315 
TRP CB  HB3  sing N N 316 
TRP CG  CD1  doub Y N 317 
TRP CG  CD2  sing Y N 318 
TRP CD1 NE1  sing Y N 319 
TRP CD1 HD1  sing N N 320 
TRP CD2 CE2  doub Y N 321 
TRP CD2 CE3  sing Y N 322 
TRP NE1 CE2  sing Y N 323 
TRP NE1 HE1  sing N N 324 
TRP CE2 CZ2  sing Y N 325 
TRP CE3 CZ3  doub Y N 326 
TRP CE3 HE3  sing N N 327 
TRP CZ2 CH2  doub Y N 328 
TRP CZ2 HZ2  sing N N 329 
TRP CZ3 CH2  sing Y N 330 
TRP CZ3 HZ3  sing N N 331 
TRP CH2 HH2  sing N N 332 
TRP OXT HXT  sing N N 333 
TYR N   CA   sing N N 334 
TYR N   H    sing N N 335 
TYR N   H2   sing N N 336 
TYR CA  C    sing N N 337 
TYR CA  CB   sing N N 338 
TYR CA  HA   sing N N 339 
TYR C   O    doub N N 340 
TYR C   OXT  sing N N 341 
TYR CB  CG   sing N N 342 
TYR CB  HB2  sing N N 343 
TYR CB  HB3  sing N N 344 
TYR CG  CD1  doub Y N 345 
TYR CG  CD2  sing Y N 346 
TYR CD1 CE1  sing Y N 347 
TYR CD1 HD1  sing N N 348 
TYR CD2 CE2  doub Y N 349 
TYR CD2 HD2  sing N N 350 
TYR CE1 CZ   doub Y N 351 
TYR CE1 HE1  sing N N 352 
TYR CE2 CZ   sing Y N 353 
TYR CE2 HE2  sing N N 354 
TYR CZ  OH   sing N N 355 
TYR OH  HH   sing N N 356 
TYR OXT HXT  sing N N 357 
VAL N   CA   sing N N 358 
VAL N   H    sing N N 359 
VAL N   H2   sing N N 360 
VAL CA  C    sing N N 361 
VAL CA  CB   sing N N 362 
VAL CA  HA   sing N N 363 
VAL C   O    doub N N 364 
VAL C   OXT  sing N N 365 
VAL CB  CG1  sing N N 366 
VAL CB  CG2  sing N N 367 
VAL CB  HB   sing N N 368 
VAL CG1 HG11 sing N N 369 
VAL CG1 HG12 sing N N 370 
VAL CG1 HG13 sing N N 371 
VAL CG2 HG21 sing N N 372 
VAL CG2 HG22 sing N N 373 
VAL CG2 HG23 sing N N 374 
VAL OXT HXT  sing N N 375 
# 
_atom_sites.entry_id                    3RDR 
_atom_sites.fract_transf_matrix[1][1]   0.01053179 
_atom_sites.fract_transf_matrix[1][2]   0.00418783 
_atom_sites.fract_transf_matrix[1][3]   0.00375933 
_atom_sites.fract_transf_matrix[2][1]   0.00135822 
_atom_sites.fract_transf_matrix[2][2]   0.00340935 
_atom_sites.fract_transf_matrix[2][3]   0.01136306 
_atom_sites.fract_transf_matrix[3][1]   0.00246351 
_atom_sites.fract_transf_matrix[3][2]   -0.00811738 
_atom_sites.fract_transf_matrix[3][3]   0.00214107 
_atom_sites.fract_transf_vector[1]      -0.301878 
_atom_sites.fract_transf_vector[2]      -0.466981 
_atom_sites.fract_transf_vector[3]      0.109065 
# 
loop_
_atom_type.symbol 
C  
CL 
N  
O  
S  
ZN 
# 
loop_
_atom_site.group_PDB 
_atom_site.id 
_atom_site.type_symbol 
_atom_site.label_atom_id 
_atom_site.label_alt_id 
_atom_site.label_comp_id 
_atom_site.label_asym_id 
_atom_site.label_entity_id 
_atom_site.label_seq_id 
_atom_site.pdbx_PDB_ins_code 
_atom_site.Cartn_x 
_atom_site.Cartn_y 
_atom_site.Cartn_z 
_atom_site.occupancy 
_atom_site.B_iso_or_equiv 
_atom_site.pdbx_formal_charge 
_atom_site.auth_seq_id 
_atom_site.auth_comp_id 
_atom_site.auth_asym_id 
_atom_site.auth_atom_id 
_atom_site.pdbx_PDB_model_num 
ATOM   1    N  N   . VAL A 1 5   ? 12.754  7.617   5.913   1.00 47.31 ? 5   VAL A N   1 
ATOM   2    C  CA  . VAL A 1 5   ? 12.480  7.646   4.446   1.00 46.06 ? 5   VAL A CA  1 
ATOM   3    C  C   . VAL A 1 5   ? 11.549  8.811   4.116   1.00 45.54 ? 5   VAL A C   1 
ATOM   4    O  O   . VAL A 1 5   ? 10.619  9.109   4.863   1.00 46.23 ? 5   VAL A O   1 
ATOM   5    C  CB  . VAL A 1 5   ? 11.830  6.324   3.975   1.00 46.16 ? 5   VAL A CB  1 
ATOM   6    C  CG1 . VAL A 1 5   ? 11.723  6.300   2.456   1.00 44.26 ? 5   VAL A CG1 1 
ATOM   7    C  CG2 . VAL A 1 5   ? 12.646  5.143   4.472   1.00 46.12 ? 5   VAL A CG2 1 
ATOM   8    N  N   . ASN A 1 6   ? 11.804  9.464   2.989   1.00 44.52 ? 6   ASN A N   1 
ATOM   9    C  CA  . ASN A 1 6   ? 11.015  10.611  2.561   1.00 43.57 ? 6   ASN A CA  1 
ATOM   10   C  C   . ASN A 1 6   ? 9.650   10.223  1.983   1.00 41.65 ? 6   ASN A C   1 
ATOM   11   O  O   . ASN A 1 6   ? 9.552   9.316   1.156   1.00 39.83 ? 6   ASN A O   1 
ATOM   12   C  CB  . ASN A 1 6   ? 11.813  11.401  1.522   1.00 46.92 ? 6   ASN A CB  1 
ATOM   13   C  CG  . ASN A 1 6   ? 11.409  12.857  1.461   1.00 50.94 ? 6   ASN A CG  1 
ATOM   14   O  OD1 . ASN A 1 6   ? 10.280  13.187  1.099   1.00 53.64 ? 6   ASN A OD1 1 
ATOM   15   N  ND2 . ASN A 1 6   ? 12.335  13.742  1.817   1.00 52.42 ? 6   ASN A ND2 1 
ATOM   16   N  N   . ILE A 1 7   ? 8.601   10.915  2.427   1.00 39.70 ? 7   ILE A N   1 
ATOM   17   C  CA  . ILE A 1 7   ? 7.241   10.663  1.950   1.00 37.69 ? 7   ILE A CA  1 
ATOM   18   C  C   . ILE A 1 7   ? 6.753   11.853  1.124   1.00 36.38 ? 7   ILE A C   1 
ATOM   19   O  O   . ILE A 1 7   ? 6.648   12.964  1.640   1.00 35.40 ? 7   ILE A O   1 
ATOM   20   C  CB  . ILE A 1 7   ? 6.230   10.461  3.116   1.00 38.35 ? 7   ILE A CB  1 
ATOM   21   C  CG1 . ILE A 1 7   ? 6.551   9.190   3.901   1.00 38.75 ? 7   ILE A CG1 1 
ATOM   22   C  CG2 . ILE A 1 7   ? 4.810   10.371  2.570   1.00 36.91 ? 7   ILE A CG2 1 
ATOM   23   C  CD1 . ILE A 1 7   ? 7.695   9.339   4.865   1.00 43.77 ? 7   ILE A CD1 1 
ATOM   24   N  N   . ILE A 1 8   ? 6.452   11.617  -0.151  1.00 34.30 ? 8   ILE A N   1 
ATOM   25   C  CA  . ILE A 1 8   ? 5.966   12.675  -1.034  1.00 33.21 ? 8   ILE A CA  1 
ATOM   26   C  C   . ILE A 1 8   ? 4.457   12.536  -1.263  1.00 33.62 ? 8   ILE A C   1 
ATOM   27   O  O   . ILE A 1 8   ? 3.987   11.503  -1.742  1.00 30.76 ? 8   ILE A O   1 
ATOM   28   C  CB  . ILE A 1 8   ? 6.671   12.641  -2.418  1.00 32.97 ? 8   ILE A CB  1 
ATOM   29   C  CG1 . ILE A 1 8   ? 8.160   12.971  -2.271  1.00 33.23 ? 8   ILE A CG1 1 
ATOM   30   C  CG2 . ILE A 1 8   ? 6.016   13.638  -3.367  1.00 31.88 ? 8   ILE A CG2 1 
ATOM   31   C  CD1 . ILE A 1 8   ? 8.987   11.850  -1.683  1.00 36.68 ? 8   ILE A CD1 1 
ATOM   32   N  N   . GLN A 1 9   ? 3.703   13.578  -0.919  1.00 32.44 ? 9   GLN A N   1 
ATOM   33   C  CA  . GLN A 1 9   ? 2.257   13.559  -1.103  1.00 32.34 ? 9   GLN A CA  1 
ATOM   34   C  C   . GLN A 1 9   ? 1.889   14.094  -2.482  1.00 32.36 ? 9   GLN A C   1 
ATOM   35   O  O   . GLN A 1 9   ? 2.302   15.188  -2.873  1.00 32.53 ? 9   GLN A O   1 
ATOM   36   C  CB  . GLN A 1 9   ? 1.567   14.389  -0.018  1.00 32.42 ? 9   GLN A CB  1 
ATOM   37   C  CG  . GLN A 1 9   ? 1.846   13.891  1.392   1.00 35.06 ? 9   GLN A CG  1 
ATOM   38   C  CD  . GLN A 1 9   ? 1.058   14.637  2.446   1.00 37.84 ? 9   GLN A CD  1 
ATOM   39   O  OE1 . GLN A 1 9   ? 0.982   15.868  2.427   1.00 39.20 ? 9   GLN A OE1 1 
ATOM   40   N  NE2 . GLN A 1 9   ? 0.475   13.898  3.383   1.00 35.60 ? 9   GLN A NE2 1 
ATOM   41   N  N   . ASP A 1 10  ? 1.120   13.301  -3.218  1.00 30.26 ? 10  ASP A N   1 
ATOM   42   C  CA  . ASP A 1 10  ? 0.684   13.665  -4.559  1.00 30.86 ? 10  ASP A CA  1 
ATOM   43   C  C   . ASP A 1 10  ? -0.650  12.960  -4.765  1.00 30.46 ? 10  ASP A C   1 
ATOM   44   O  O   . ASP A 1 10  ? -0.766  11.993  -5.520  1.00 28.71 ? 10  ASP A O   1 
ATOM   45   C  CB  . ASP A 1 10  ? 1.730   13.207  -5.578  1.00 32.32 ? 10  ASP A CB  1 
ATOM   46   C  CG  . ASP A 1 10  ? 1.402   13.642  -6.987  1.00 34.78 ? 10  ASP A CG  1 
ATOM   47   O  OD1 . ASP A 1 10  ? 0.780   14.708  -7.155  1.00 35.46 ? 10  ASP A OD1 1 
ATOM   48   O  OD2 . ASP A 1 10  ? 1.782   12.917  -7.933  1.00 38.11 ? 10  ASP A OD2 1 
ATOM   49   N  N   . PHE A 1 11  ? -1.656  13.471  -4.066  1.00 29.23 ? 11  PHE A N   1 
ATOM   50   C  CA  . PHE A 1 11  ? -2.998  12.912  -4.081  1.00 29.32 ? 11  PHE A CA  1 
ATOM   51   C  C   . PHE A 1 11  ? -3.721  12.825  -5.411  1.00 29.02 ? 11  PHE A C   1 
ATOM   52   O  O   . PHE A 1 11  ? -3.514  13.633  -6.320  1.00 28.68 ? 11  PHE A O   1 
ATOM   53   C  CB  . PHE A 1 11  ? -3.893  13.680  -3.099  1.00 28.47 ? 11  PHE A CB  1 
ATOM   54   C  CG  . PHE A 1 11  ? -3.490  13.533  -1.653  1.00 28.14 ? 11  PHE A CG  1 
ATOM   55   C  CD1 . PHE A 1 11  ? -4.183  14.219  -0.656  1.00 26.98 ? 11  PHE A CD1 1 
ATOM   56   C  CD2 . PHE A 1 11  ? -2.415  12.723  -1.288  1.00 25.36 ? 11  PHE A CD2 1 
ATOM   57   C  CE1 . PHE A 1 11  ? -3.812  14.102  0.681   1.00 25.57 ? 11  PHE A CE1 1 
ATOM   58   C  CE2 . PHE A 1 11  ? -2.035  12.599  0.044   1.00 25.55 ? 11  PHE A CE2 1 
ATOM   59   C  CZ  . PHE A 1 11  ? -2.734  13.290  1.033   1.00 27.88 ? 11  PHE A CZ  1 
ATOM   60   N  N   . ILE A 1 12  ? -4.573  11.810  -5.499  1.00 26.71 ? 12  ILE A N   1 
ATOM   61   C  CA  . ILE A 1 12  ? -5.414  11.576  -6.655  1.00 25.65 ? 12  ILE A CA  1 
ATOM   62   C  C   . ILE A 1 12  ? -6.439  12.699  -6.515  1.00 27.35 ? 12  ILE A C   1 
ATOM   63   O  O   . ILE A 1 12  ? -6.874  13.002  -5.403  1.00 26.19 ? 12  ILE A O   1 
ATOM   64   C  CB  . ILE A 1 12  ? -6.121  10.210  -6.529  1.00 24.24 ? 12  ILE A CB  1 
ATOM   65   C  CG1 . ILE A 1 12  ? -5.099  9.078   -6.691  1.00 24.44 ? 12  ILE A CG1 1 
ATOM   66   C  CG2 . ILE A 1 12  ? -7.242  10.102  -7.543  1.00 23.63 ? 12  ILE A CG2 1 
ATOM   67   C  CD1 . ILE A 1 12  ? -5.618  7.714   -6.253  1.00 20.44 ? 12  ILE A CD1 1 
ATOM   68   N  N   . PRO A 1 13  ? -6.837  13.338  -7.626  1.00 28.50 ? 13  PRO A N   1 
ATOM   69   C  CA  . PRO A 1 13  ? -7.818  14.420  -7.480  1.00 29.03 ? 13  PRO A CA  1 
ATOM   70   C  C   . PRO A 1 13  ? -9.175  14.017  -6.907  1.00 28.44 ? 13  PRO A C   1 
ATOM   71   O  O   . PRO A 1 13  ? -9.707  12.944  -7.201  1.00 27.77 ? 13  PRO A O   1 
ATOM   72   C  CB  . PRO A 1 13  ? -7.918  14.993  -8.898  1.00 28.54 ? 13  PRO A CB  1 
ATOM   73   C  CG  . PRO A 1 13  ? -7.590  13.814  -9.769  1.00 30.33 ? 13  PRO A CG  1 
ATOM   74   C  CD  . PRO A 1 13  ? -6.436  13.174  -9.035  1.00 27.76 ? 13  PRO A CD  1 
ATOM   75   N  N   . VAL A 1 14  ? -9.723  14.896  -6.074  1.00 30.02 ? 14  VAL A N   1 
ATOM   76   C  CA  . VAL A 1 14  ? -11.026 14.681  -5.456  1.00 29.86 ? 14  VAL A CA  1 
ATOM   77   C  C   . VAL A 1 14  ? -12.058 14.436  -6.550  1.00 29.35 ? 14  VAL A C   1 
ATOM   78   O  O   . VAL A 1 14  ? -12.026 15.082  -7.591  1.00 30.11 ? 14  VAL A O   1 
ATOM   79   C  CB  . VAL A 1 14  ? -11.441 15.920  -4.630  1.00 31.65 ? 14  VAL A CB  1 
ATOM   80   C  CG1 . VAL A 1 14  ? -12.900 15.814  -4.204  1.00 33.34 ? 14  VAL A CG1 1 
ATOM   81   C  CG2 . VAL A 1 14  ? -10.542 16.046  -3.408  1.00 30.40 ? 14  VAL A CG2 1 
ATOM   82   N  N   . GLY A 1 15  ? -12.961 13.487  -6.322  1.00 29.82 ? 15  GLY A N   1 
ATOM   83   C  CA  . GLY A 1 15  ? -13.986 13.198  -7.310  1.00 30.52 ? 15  GLY A CA  1 
ATOM   84   C  C   . GLY A 1 15  ? -13.619 12.185  -8.383  1.00 32.14 ? 15  GLY A C   1 
ATOM   85   O  O   . GLY A 1 15  ? -14.478 11.770  -9.164  1.00 32.27 ? 15  GLY A O   1 
ATOM   86   N  N   . ALA A 1 16  ? -12.353 11.782  -8.438  1.00 31.52 ? 16  ALA A N   1 
ATOM   87   C  CA  . ALA A 1 16  ? -11.918 10.810  -9.438  1.00 30.51 ? 16  ALA A CA  1 
ATOM   88   C  C   . ALA A 1 16  ? -12.566 9.462   -9.145  1.00 29.55 ? 16  ALA A C   1 
ATOM   89   O  O   . ALA A 1 16  ? -12.952 9.185   -8.012  1.00 30.08 ? 16  ALA A O   1 
ATOM   90   C  CB  . ALA A 1 16  ? -10.390 10.678  -9.420  1.00 30.79 ? 16  ALA A CB  1 
ATOM   91   N  N   . ASN A 1 17  ? -12.689 8.627   -10.172 1.00 30.17 ? 17  ASN A N   1 
ATOM   92   C  CA  . ASN A 1 17  ? -13.290 7.309   -10.013 1.00 29.62 ? 17  ASN A CA  1 
ATOM   93   C  C   . ASN A 1 17  ? -12.549 6.452   -8.987  1.00 28.35 ? 17  ASN A C   1 
ATOM   94   O  O   . ASN A 1 17  ? -13.171 5.642   -8.294  1.00 28.29 ? 17  ASN A O   1 
ATOM   95   C  CB  . ASN A 1 17  ? -13.341 6.582   -11.362 1.00 32.26 ? 17  ASN A CB  1 
ATOM   96   C  CG  . ASN A 1 17  ? -14.430 7.125   -12.281 1.00 36.84 ? 17  ASN A CG  1 
ATOM   97   O  OD1 . ASN A 1 17  ? -14.455 6.823   -13.476 1.00 40.10 ? 17  ASN A OD1 1 
ATOM   98   N  ND2 . ASN A 1 17  ? -15.343 7.918   -11.725 1.00 36.62 ? 17  ASN A ND2 1 
ATOM   99   N  N   . ASN A 1 18  ? -11.232 6.617   -8.876  1.00 24.91 ? 18  ASN A N   1 
ATOM   100  C  CA  . ASN A 1 18  ? -10.504 5.818   -7.901  1.00 24.69 ? 18  ASN A CA  1 
ATOM   101  C  C   . ASN A 1 18  ? -10.220 6.540   -6.588  1.00 24.26 ? 18  ASN A C   1 
ATOM   102  O  O   . ASN A 1 18  ? -9.294  6.188   -5.861  1.00 22.87 ? 18  ASN A O   1 
ATOM   103  C  CB  . ASN A 1 18  ? -9.210  5.236   -8.493  1.00 22.46 ? 18  ASN A CB  1 
ATOM   104  C  CG  . ASN A 1 18  ? -8.184  6.288   -8.826  1.00 22.18 ? 18  ASN A CG  1 
ATOM   105  O  OD1 . ASN A 1 18  ? -6.995  5.981   -8.972  1.00 24.56 ? 18  ASN A OD1 1 
ATOM   106  N  ND2 . ASN A 1 18  ? -8.622  7.526   -8.954  1.00 19.36 ? 18  ASN A ND2 1 
ATOM   107  N  N   . ARG A 1 19  ? -11.009 7.571   -6.301  1.00 23.50 ? 19  ARG A N   1 
ATOM   108  C  CA  . ARG A 1 19  ? -10.895 8.276   -5.030  1.00 24.34 ? 19  ARG A CA  1 
ATOM   109  C  C   . ARG A 1 19  ? -12.325 8.365   -4.502  1.00 25.59 ? 19  ARG A C   1 
ATOM   110  O  O   . ARG A 1 19  ? -12.920 9.443   -4.444  1.00 25.69 ? 19  ARG A O   1 
ATOM   111  C  CB  . ARG A 1 19  ? -10.289 9.679   -5.178  1.00 23.19 ? 19  ARG A CB  1 
ATOM   112  C  CG  . ARG A 1 19  ? -10.156 10.380  -3.821  1.00 23.21 ? 19  ARG A CG  1 
ATOM   113  C  CD  . ARG A 1 19  ? -9.254  11.618  -3.814  1.00 22.53 ? 19  ARG A CD  1 
ATOM   114  N  NE  . ARG A 1 19  ? -9.268  12.239  -2.489  1.00 24.28 ? 19  ARG A NE  1 
ATOM   115  C  CZ  . ARG A 1 19  ? -8.607  13.345  -2.149  1.00 25.25 ? 19  ARG A CZ  1 
ATOM   116  N  NH1 . ARG A 1 19  ? -7.854  13.984  -3.032  1.00 22.94 ? 19  ARG A NH1 1 
ATOM   117  N  NH2 . ARG A 1 19  ? -8.714  13.821  -0.915  1.00 23.25 ? 19  ARG A NH2 1 
ATOM   118  N  N   . PRO A 1 20  ? -12.899 7.212   -4.118  1.00 25.89 ? 20  PRO A N   1 
ATOM   119  C  CA  . PRO A 1 20  ? -14.267 7.134   -3.594  1.00 25.97 ? 20  PRO A CA  1 
ATOM   120  C  C   . PRO A 1 20  ? -14.526 8.126   -2.470  1.00 26.07 ? 20  PRO A C   1 
ATOM   121  O  O   . PRO A 1 20  ? -15.636 8.635   -2.332  1.00 26.00 ? 20  PRO A O   1 
ATOM   122  C  CB  . PRO A 1 20  ? -14.384 5.675   -3.144  1.00 25.99 ? 20  PRO A CB  1 
ATOM   123  C  CG  . PRO A 1 20  ? -12.964 5.303   -2.814  1.00 24.92 ? 20  PRO A CG  1 
ATOM   124  C  CD  . PRO A 1 20  ? -12.207 5.922   -3.956  1.00 23.58 ? 20  PRO A CD  1 
ATOM   125  N  N   . GLY A 1 21  ? -13.503 8.381   -1.661  1.00 26.20 ? 21  GLY A N   1 
ATOM   126  C  CA  . GLY A 1 21  ? -13.634 9.343   -0.581  1.00 25.71 ? 21  GLY A CA  1 
ATOM   127  C  C   . GLY A 1 21  ? -14.499 9.015   0.623   1.00 25.83 ? 21  GLY A C   1 
ATOM   128  O  O   . GLY A 1 21  ? -15.038 9.928   1.249   1.00 26.22 ? 21  GLY A O   1 
ATOM   129  N  N   . TYR A 1 22  ? -14.654 7.737   0.964   1.00 24.79 ? 22  TYR A N   1 
ATOM   130  C  CA  . TYR A 1 22  ? -15.450 7.398   2.140   1.00 24.03 ? 22  TYR A CA  1 
ATOM   131  C  C   . TYR A 1 22  ? -14.595 7.630   3.377   1.00 24.69 ? 22  TYR A C   1 
ATOM   132  O  O   . TYR A 1 22  ? -13.400 7.322   3.377   1.00 23.84 ? 22  TYR A O   1 
ATOM   133  C  CB  . TYR A 1 22  ? -15.894 5.936   2.111   1.00 25.16 ? 22  TYR A CB  1 
ATOM   134  C  CG  . TYR A 1 22  ? -16.979 5.647   1.107   1.00 28.74 ? 22  TYR A CG  1 
ATOM   135  C  CD1 . TYR A 1 22  ? -18.253 6.207   1.241   1.00 28.44 ? 22  TYR A CD1 1 
ATOM   136  C  CD2 . TYR A 1 22  ? -16.731 4.820   0.011   1.00 27.38 ? 22  TYR A CD2 1 
ATOM   137  C  CE1 . TYR A 1 22  ? -19.255 5.949   0.304   1.00 30.47 ? 22  TYR A CE1 1 
ATOM   138  C  CE2 . TYR A 1 22  ? -17.719 4.556   -0.927  1.00 30.34 ? 22  TYR A CE2 1 
ATOM   139  C  CZ  . TYR A 1 22  ? -18.978 5.122   -0.780  1.00 31.53 ? 22  TYR A CZ  1 
ATOM   140  O  OH  . TYR A 1 22  ? -19.945 4.862   -1.725  1.00 32.77 ? 22  TYR A OH  1 
ATOM   141  N  N   . ALA A 1 23  ? -15.202 8.184   4.425   1.00 23.14 ? 23  ALA A N   1 
ATOM   142  C  CA  . ALA A 1 23  ? -14.480 8.440   5.665   1.00 22.41 ? 23  ALA A CA  1 
ATOM   143  C  C   . ALA A 1 23  ? -13.946 7.119   6.197   1.00 22.58 ? 23  ALA A C   1 
ATOM   144  O  O   . ALA A 1 23  ? -14.641 6.096   6.169   1.00 22.06 ? 23  ALA A O   1 
ATOM   145  C  CB  . ALA A 1 23  ? -15.403 9.080   6.694   1.00 21.17 ? 23  ALA A CB  1 
ATOM   146  N  N   . MET A 1 24  ? -12.712 7.140   6.685   1.00 22.90 ? 24  MET A N   1 
ATOM   147  C  CA  . MET A 1 24  ? -12.106 5.930   7.215   1.00 22.12 ? 24  MET A CA  1 
ATOM   148  C  C   . MET A 1 24  ? -11.295 6.157   8.480   1.00 20.88 ? 24  MET A C   1 
ATOM   149  O  O   . MET A 1 24  ? -10.561 7.131   8.599   1.00 20.84 ? 24  MET A O   1 
ATOM   150  C  CB  . MET A 1 24  ? -11.196 5.279   6.158   1.00 22.25 ? 24  MET A CB  1 
ATOM   151  C  CG  . MET A 1 24  ? -10.407 4.065   6.669   1.00 23.37 ? 24  MET A CG  1 
ATOM   152  S  SD  . MET A 1 24  ? -9.299  3.296   5.442   1.00 24.90 ? 24  MET A SD  1 
ATOM   153  C  CE  . MET A 1 24  ? -7.812  4.299   5.619   1.00 18.16 ? 24  MET A CE  1 
ATOM   154  N  N   . THR A 1 25  ? -11.457 5.237   9.420   1.00 22.80 ? 25  THR A N   1 
ATOM   155  C  CA  . THR A 1 25  ? -10.714 5.221   10.670  1.00 25.01 ? 25  THR A CA  1 
ATOM   156  C  C   . THR A 1 25  ? -10.048 3.848   10.540  1.00 24.82 ? 25  THR A C   1 
ATOM   157  O  O   . THR A 1 25  ? -10.621 2.829   10.925  1.00 24.27 ? 25  THR A O   1 
ATOM   158  C  CB  . THR A 1 25  ? -11.657 5.263   11.895  1.00 27.34 ? 25  THR A CB  1 
ATOM   159  O  OG1 . THR A 1 25  ? -12.317 6.536   11.943  1.00 27.10 ? 25  THR A OG1 1 
ATOM   160  C  CG2 . THR A 1 25  ? -10.871 5.065   13.189  1.00 27.03 ? 25  THR A CG2 1 
ATOM   161  N  N   . PRO A 1 26  ? -8.835  3.808   9.963   1.00 25.17 ? 26  PRO A N   1 
ATOM   162  C  CA  . PRO A 1 26  ? -8.083  2.564   9.755   1.00 25.35 ? 26  PRO A CA  1 
ATOM   163  C  C   . PRO A 1 26  ? -7.767  1.708   10.980  1.00 24.76 ? 26  PRO A C   1 
ATOM   164  O  O   . PRO A 1 26  ? -7.155  2.164   11.944  1.00 25.64 ? 26  PRO A O   1 
ATOM   165  C  CB  . PRO A 1 26  ? -6.824  3.040   9.028   1.00 23.48 ? 26  PRO A CB  1 
ATOM   166  C  CG  . PRO A 1 26  ? -6.608  4.400   9.602   1.00 24.00 ? 26  PRO A CG  1 
ATOM   167  C  CD  . PRO A 1 26  ? -8.009  4.980   9.615   1.00 24.65 ? 26  PRO A CD  1 
ATOM   168  N  N   . LEU A 1 27  ? -8.191  0.452   10.914  1.00 25.36 ? 27  LEU A N   1 
ATOM   169  C  CA  . LEU A 1 27  ? -7.954  -0.514  11.980  1.00 25.77 ? 27  LEU A CA  1 
ATOM   170  C  C   . LEU A 1 27  ? -6.951  -1.563  11.487  1.00 26.22 ? 27  LEU A C   1 
ATOM   171  O  O   . LEU A 1 27  ? -6.452  -2.377  12.272  1.00 25.52 ? 27  LEU A O   1 
ATOM   172  C  CB  . LEU A 1 27  ? -9.264  -1.207  12.360  1.00 24.97 ? 27  LEU A CB  1 
ATOM   173  C  CG  . LEU A 1 27  ? -10.432 -0.310  12.785  1.00 27.98 ? 27  LEU A CG  1 
ATOM   174  C  CD1 . LEU A 1 27  ? -11.676 -1.165  13.013  1.00 26.49 ? 27  LEU A CD1 1 
ATOM   175  C  CD2 . LEU A 1 27  ? -10.059 0.457   14.050  1.00 25.83 ? 27  LEU A CD2 1 
ATOM   176  N  N   . TYR A 1 28  ? -6.669  -1.538  10.185  1.00 24.75 ? 28  TYR A N   1 
ATOM   177  C  CA  . TYR A 1 28  ? -5.741  -2.487  9.573   1.00 25.83 ? 28  TYR A CA  1 
ATOM   178  C  C   . TYR A 1 28  ? -4.788  -1.816  8.592   1.00 25.55 ? 28  TYR A C   1 
ATOM   179  O  O   . TYR A 1 28  ? -4.980  -0.662  8.194   1.00 22.90 ? 28  TYR A O   1 
ATOM   180  C  CB  . TYR A 1 28  ? -6.507  -3.565  8.798   1.00 26.32 ? 28  TYR A CB  1 
ATOM   181  C  CG  . TYR A 1 28  ? -7.525  -4.342  9.597   1.00 31.41 ? 28  TYR A CG  1 
ATOM   182  C  CD1 . TYR A 1 28  ? -7.176  -5.528  10.248  1.00 32.74 ? 28  TYR A CD1 1 
ATOM   183  C  CD2 . TYR A 1 28  ? -8.844  -3.903  9.690   1.00 30.91 ? 28  TYR A CD2 1 
ATOM   184  C  CE1 . TYR A 1 28  ? -8.124  -6.260  10.968  1.00 35.08 ? 28  TYR A CE1 1 
ATOM   185  C  CE2 . TYR A 1 28  ? -9.797  -4.623  10.408  1.00 35.55 ? 28  TYR A CE2 1 
ATOM   186  C  CZ  . TYR A 1 28  ? -9.431  -5.801  11.042  1.00 35.64 ? 28  TYR A CZ  1 
ATOM   187  O  OH  . TYR A 1 28  ? -10.377 -6.524  11.731  1.00 40.08 ? 28  TYR A OH  1 
ATOM   188  N  N   . ILE A 1 29  ? -3.765  -2.571  8.206   1.00 25.56 ? 29  ILE A N   1 
ATOM   189  C  CA  . ILE A 1 29  ? -2.773  -2.141  7.232   1.00 23.95 ? 29  ILE A CA  1 
ATOM   190  C  C   . ILE A 1 29  ? -2.629  -3.329  6.284   1.00 23.83 ? 29  ILE A C   1 
ATOM   191  O  O   . ILE A 1 29  ? -2.250  -4.428  6.699   1.00 23.51 ? 29  ILE A O   1 
ATOM   192  C  CB  . ILE A 1 29  ? -1.430  -1.817  7.905   1.00 25.82 ? 29  ILE A CB  1 
ATOM   193  C  CG1 . ILE A 1 29  ? -1.594  -0.579  8.792   1.00 26.00 ? 29  ILE A CG1 1 
ATOM   194  C  CG2 . ILE A 1 29  ? -0.355  -1.568  6.853   1.00 25.16 ? 29  ILE A CG2 1 
ATOM   195  C  CD1 . ILE A 1 29  ? -0.365  -0.239  9.627   1.00 24.96 ? 29  ILE A CD1 1 
ATOM   196  N  N   . THR A 1 30  ? -2.969  -3.109  5.016   1.00 22.37 ? 30  THR A N   1 
ATOM   197  C  CA  . THR A 1 30  ? -2.920  -4.151  3.999   1.00 20.50 ? 30  THR A CA  1 
ATOM   198  C  C   . THR A 1 30  ? -1.713  -3.998  3.069   1.00 22.13 ? 30  THR A C   1 
ATOM   199  O  O   . THR A 1 30  ? -1.521  -2.955  2.447   1.00 22.63 ? 30  THR A O   1 
ATOM   200  C  CB  . THR A 1 30  ? -4.221  -4.143  3.175   1.00 19.27 ? 30  THR A CB  1 
ATOM   201  O  OG1 . THR A 1 30  ? -5.340  -4.301  4.061   1.00 19.78 ? 30  THR A OG1 1 
ATOM   202  C  CG2 . THR A 1 30  ? -4.232  -5.281  2.158   1.00 19.60 ? 30  THR A CG2 1 
ATOM   203  N  N   . VAL A 1 31  ? -0.910  -5.054  2.967   1.00 22.17 ? 31  VAL A N   1 
ATOM   204  C  CA  . VAL A 1 31  ? 0.300   -5.035  2.138   1.00 21.64 ? 31  VAL A CA  1 
ATOM   205  C  C   . VAL A 1 31  ? 0.144   -5.703  0.778   1.00 19.68 ? 31  VAL A C   1 
ATOM   206  O  O   . VAL A 1 31  ? -0.423  -6.789  0.672   1.00 19.64 ? 31  VAL A O   1 
ATOM   207  C  CB  . VAL A 1 31  ? 1.470   -5.717  2.883   1.00 22.45 ? 31  VAL A CB  1 
ATOM   208  C  CG1 . VAL A 1 31  ? 2.746   -5.647  2.046   1.00 21.76 ? 31  VAL A CG1 1 
ATOM   209  C  CG2 . VAL A 1 31  ? 1.671   -5.052  4.235   1.00 20.51 ? 31  VAL A CG2 1 
ATOM   210  N  N   . HIS A 1 32  ? 0.667   -5.042  -0.255  1.00 19.03 ? 32  HIS A N   1 
ATOM   211  C  CA  . HIS A 1 32  ? 0.614   -5.535  -1.631  1.00 19.41 ? 32  HIS A CA  1 
ATOM   212  C  C   . HIS A 1 32  ? 2.014   -5.505  -2.256  1.00 20.01 ? 32  HIS A C   1 
ATOM   213  O  O   . HIS A 1 32  ? 2.944   -4.918  -1.706  1.00 20.37 ? 32  HIS A O   1 
ATOM   214  C  CB  . HIS A 1 32  ? -0.260  -4.628  -2.517  1.00 19.35 ? 32  HIS A CB  1 
ATOM   215  C  CG  . HIS A 1 32  ? -1.646  -4.385  -2.002  1.00 20.53 ? 32  HIS A CG  1 
ATOM   216  N  ND1 . HIS A 1 32  ? -2.752  -5.025  -2.517  1.00 18.00 ? 32  HIS A ND1 1 
ATOM   217  C  CD2 . HIS A 1 32  ? -2.115  -3.512  -1.079  1.00 19.58 ? 32  HIS A CD2 1 
ATOM   218  C  CE1 . HIS A 1 32  ? -3.843  -4.555  -1.939  1.00 16.66 ? 32  HIS A CE1 1 
ATOM   219  N  NE2 . HIS A 1 32  ? -3.484  -3.635  -1.062  1.00 18.33 ? 32  HIS A NE2 1 
ATOM   220  N  N   . ASN A 1 33  ? 2.132   -6.131  -3.422  1.00 19.69 ? 33  ASN A N   1 
ATOM   221  C  CA  . ASN A 1 33  ? 3.359   -6.140  -4.220  1.00 20.01 ? 33  ASN A CA  1 
ATOM   222  C  C   . ASN A 1 33  ? 2.808   -5.805  -5.604  1.00 17.65 ? 33  ASN A C   1 
ATOM   223  O  O   . ASN A 1 33  ? 1.845   -6.425  -6.042  1.00 19.24 ? 33  ASN A O   1 
ATOM   224  C  CB  . ASN A 1 33  ? 4.024   -7.526  -4.235  1.00 19.85 ? 33  ASN A CB  1 
ATOM   225  C  CG  . ASN A 1 33  ? 4.917   -7.770  -3.019  1.00 22.45 ? 33  ASN A CG  1 
ATOM   226  O  OD1 . ASN A 1 33  ? 5.432   -8.873  -2.830  1.00 22.33 ? 33  ASN A OD1 1 
ATOM   227  N  ND2 . ASN A 1 33  ? 5.110   -6.743  -2.196  1.00 22.26 ? 33  ASN A ND2 1 
ATOM   228  N  N   . THR A 1 34  ? 3.401   -4.828  -6.283  1.00 17.62 ? 34  THR A N   1 
ATOM   229  C  CA  . THR A 1 34  ? 2.914   -4.401  -7.596  1.00 17.49 ? 34  THR A CA  1 
ATOM   230  C  C   . THR A 1 34  ? 2.931   -5.451  -8.710  1.00 20.02 ? 34  THR A C   1 
ATOM   231  O  O   . THR A 1 34  ? 2.148   -5.353  -9.660  1.00 18.08 ? 34  THR A O   1 
ATOM   232  C  CB  . THR A 1 34  ? 3.704   -3.187  -8.114  1.00 14.72 ? 34  THR A CB  1 
ATOM   233  O  OG1 . THR A 1 34  ? 5.066   -3.571  -8.337  1.00 17.43 ? 34  THR A OG1 1 
ATOM   234  C  CG2 . THR A 1 34  ? 3.663   -2.041  -7.103  1.00 13.75 ? 34  THR A CG2 1 
ATOM   235  N  N   . ALA A 1 35  ? 3.813   -6.444  -8.598  1.00 18.58 ? 35  ALA A N   1 
ATOM   236  C  CA  . ALA A 1 35  ? 3.948   -7.481  -9.626  1.00 20.28 ? 35  ALA A CA  1 
ATOM   237  C  C   . ALA A 1 35  ? 4.329   -6.819  -10.957 1.00 20.05 ? 35  ALA A C   1 
ATOM   238  O  O   . ALA A 1 35  ? 3.973   -7.292  -12.042 1.00 20.87 ? 35  ALA A O   1 
ATOM   239  C  CB  . ALA A 1 35  ? 2.638   -8.274  -9.776  1.00 19.20 ? 35  ALA A CB  1 
ATOM   240  N  N   . ASN A 1 36  ? 5.063   -5.717  -10.856 1.00 20.53 ? 36  ASN A N   1 
ATOM   241  C  CA  . ASN A 1 36  ? 5.518   -4.971  -12.021 1.00 18.33 ? 36  ASN A CA  1 
ATOM   242  C  C   . ASN A 1 36  ? 7.038   -4.873  -11.931 1.00 18.37 ? 36  ASN A C   1 
ATOM   243  O  O   . ASN A 1 36  ? 7.572   -3.987  -11.259 1.00 16.71 ? 36  ASN A O   1 
ATOM   244  C  CB  . ASN A 1 36  ? 4.906   -3.566  -12.015 1.00 19.92 ? 36  ASN A CB  1 
ATOM   245  C  CG  . ASN A 1 36  ? 5.100   -2.844  -13.333 1.00 20.80 ? 36  ASN A CG  1 
ATOM   246  O  OD1 . ASN A 1 36  ? 6.008   -3.170  -14.102 1.00 20.76 ? 36  ASN A OD1 1 
ATOM   247  N  ND2 . ASN A 1 36  ? 4.257   -1.848  -13.598 1.00 19.63 ? 36  ASN A ND2 1 
ATOM   248  N  N   . THR A 1 37  ? 7.737   -5.780  -12.611 1.00 17.45 ? 37  THR A N   1 
ATOM   249  C  CA  . THR A 1 37  ? 9.198   -5.800  -12.579 1.00 18.46 ? 37  THR A CA  1 
ATOM   250  C  C   . THR A 1 37  ? 9.862   -4.867  -13.593 1.00 19.19 ? 37  THR A C   1 
ATOM   251  O  O   . THR A 1 37  ? 11.087  -4.753  -13.622 1.00 19.53 ? 37  THR A O   1 
ATOM   252  C  CB  . THR A 1 37  ? 9.735   -7.227  -12.829 1.00 19.84 ? 37  THR A CB  1 
ATOM   253  O  OG1 . THR A 1 37  ? 9.220   -7.715  -14.075 1.00 18.71 ? 37  THR A OG1 1 
ATOM   254  C  CG2 . THR A 1 37  ? 9.316   -8.174  -11.702 1.00 18.38 ? 37  THR A CG2 1 
ATOM   255  N  N   . ALA A 1 38  ? 9.058   -4.205  -14.418 1.00 19.04 ? 38  ALA A N   1 
ATOM   256  C  CA  . ALA A 1 38  ? 9.580   -3.306  -15.443 1.00 19.75 ? 38  ALA A CA  1 
ATOM   257  C  C   . ALA A 1 38  ? 10.469  -2.190  -14.912 1.00 20.17 ? 38  ALA A C   1 
ATOM   258  O  O   . ALA A 1 38  ? 10.174  -1.569  -13.890 1.00 19.89 ? 38  ALA A O   1 
ATOM   259  C  CB  . ALA A 1 38  ? 8.431   -2.698  -16.235 1.00 19.68 ? 38  ALA A CB  1 
ATOM   260  N  N   . VAL A 1 39  ? 11.563  -1.941  -15.622 1.00 20.67 ? 39  VAL A N   1 
ATOM   261  C  CA  . VAL A 1 39  ? 12.476  -0.875  -15.251 1.00 20.52 ? 39  VAL A CA  1 
ATOM   262  C  C   . VAL A 1 39  ? 11.664  0.419   -15.269 1.00 22.10 ? 39  VAL A C   1 
ATOM   263  O  O   . VAL A 1 39  ? 10.916  0.679   -16.215 1.00 22.83 ? 39  VAL A O   1 
ATOM   264  C  CB  . VAL A 1 39  ? 13.660  -0.779  -16.257 1.00 20.86 ? 39  VAL A CB  1 
ATOM   265  C  CG1 . VAL A 1 39  ? 13.139  -0.492  -17.666 1.00 16.74 ? 39  VAL A CG1 1 
ATOM   266  C  CG2 . VAL A 1 39  ? 14.650  0.303   -15.810 1.00 18.52 ? 39  VAL A CG2 1 
ATOM   267  N  N   . GLY A 1 40  ? 11.783  1.207   -14.206 1.00 23.71 ? 40  GLY A N   1 
ATOM   268  C  CA  . GLY A 1 40  ? 11.054  2.461   -14.135 1.00 24.98 ? 40  GLY A CA  1 
ATOM   269  C  C   . GLY A 1 40  ? 9.706   2.412   -13.433 1.00 24.73 ? 40  GLY A C   1 
ATOM   270  O  O   . GLY A 1 40  ? 9.095   3.454   -13.220 1.00 24.63 ? 40  GLY A O   1 
ATOM   271  N  N   . ALA A 1 41  ? 9.231   1.222   -13.074 1.00 23.16 ? 41  ALA A N   1 
ATOM   272  C  CA  . ALA A 1 41  ? 7.940   1.105   -12.395 1.00 21.82 ? 41  ALA A CA  1 
ATOM   273  C  C   . ALA A 1 41  ? 8.108   1.374   -10.900 1.00 21.29 ? 41  ALA A C   1 
ATOM   274  O  O   . ALA A 1 41  ? 7.875   0.491   -10.067 1.00 20.75 ? 41  ALA A O   1 
ATOM   275  C  CB  . ALA A 1 41  ? 7.352   -0.284  -12.622 1.00 20.71 ? 41  ALA A CB  1 
ATOM   276  N  N   . ASP A 1 42  ? 8.503   2.601   -10.569 1.00 19.95 ? 42  ASP A N   1 
ATOM   277  C  CA  . ASP A 1 42  ? 8.732   2.988   -9.184  1.00 20.64 ? 42  ASP A CA  1 
ATOM   278  C  C   . ASP A 1 42  ? 7.556   3.744   -8.566  1.00 21.34 ? 42  ASP A C   1 
ATOM   279  O  O   . ASP A 1 42  ? 6.486   3.834   -9.166  1.00 22.67 ? 42  ASP A O   1 
ATOM   280  C  CB  . ASP A 1 42  ? 10.019  3.816   -9.087  1.00 20.48 ? 42  ASP A CB  1 
ATOM   281  C  CG  . ASP A 1 42  ? 9.939   5.122   -9.854  1.00 20.48 ? 42  ASP A CG  1 
ATOM   282  O  OD1 . ASP A 1 42  ? 10.997  5.744   -10.066 1.00 21.35 ? 42  ASP A OD1 1 
ATOM   283  O  OD2 . ASP A 1 42  ? 8.824   5.534   -10.240 1.00 24.37 ? 42  ASP A OD2 1 
ATOM   284  N  N   . ALA A 1 43  ? 7.762   4.282   -7.366  1.00 21.23 ? 43  ALA A N   1 
ATOM   285  C  CA  . ALA A 1 43  ? 6.708   4.997   -6.643  1.00 22.79 ? 43  ALA A CA  1 
ATOM   286  C  C   . ALA A 1 43  ? 6.177   6.223   -7.378  1.00 22.16 ? 43  ALA A C   1 
ATOM   287  O  O   . ALA A 1 43  ? 4.971   6.431   -7.449  1.00 21.35 ? 43  ALA A O   1 
ATOM   288  C  CB  . ALA A 1 43  ? 7.204   5.393   -5.246  1.00 19.94 ? 43  ALA A CB  1 
ATOM   289  N  N   . ALA A 1 44  ? 7.077   7.036   -7.918  1.00 24.01 ? 44  ALA A N   1 
ATOM   290  C  CA  . ALA A 1 44  ? 6.668   8.226   -8.652  1.00 24.61 ? 44  ALA A CA  1 
ATOM   291  C  C   . ALA A 1 44  ? 5.846   7.833   -9.877  1.00 25.00 ? 44  ALA A C   1 
ATOM   292  O  O   . ALA A 1 44  ? 4.852   8.486   -10.201 1.00 27.28 ? 44  ALA A O   1 
ATOM   293  C  CB  . ALA A 1 44  ? 7.899   9.039   -9.077  1.00 22.68 ? 44  ALA A CB  1 
ATOM   294  N  N   . ALA A 1 45  ? 6.253   6.764   -10.556 1.00 23.33 ? 45  ALA A N   1 
ATOM   295  C  CA  . ALA A 1 45  ? 5.525   6.314   -11.741 1.00 22.70 ? 45  ALA A CA  1 
ATOM   296  C  C   . ALA A 1 45  ? 4.109   5.884   -11.369 1.00 22.04 ? 45  ALA A C   1 
ATOM   297  O  O   . ALA A 1 45  ? 3.153   6.191   -12.088 1.00 23.21 ? 45  ALA A O   1 
ATOM   298  C  CB  . ALA A 1 45  ? 6.270   5.162   -12.428 1.00 22.26 ? 45  ALA A CB  1 
ATOM   299  N  N   . HIS A 1 46  ? 3.962   5.171   -10.255 1.00 20.33 ? 46  HIS A N   1 
ATOM   300  C  CA  . HIS A 1 46  ? 2.633   4.752   -9.829  1.00 21.23 ? 46  HIS A CA  1 
ATOM   301  C  C   . HIS A 1 46  ? 1.793   5.969   -9.437  1.00 21.07 ? 46  HIS A C   1 
ATOM   302  O  O   . HIS A 1 46  ? 0.593   5.996   -9.670  1.00 21.20 ? 46  HIS A O   1 
ATOM   303  C  CB  . HIS A 1 46  ? 2.712   3.765   -8.655  1.00 19.16 ? 46  HIS A CB  1 
ATOM   304  C  CG  . HIS A 1 46  ? 3.059   2.368   -9.068  1.00 20.41 ? 46  HIS A CG  1 
ATOM   305  N  ND1 . HIS A 1 46  ? 4.339   1.987   -9.412  1.00 20.33 ? 46  HIS A ND1 1 
ATOM   306  C  CD2 . HIS A 1 46  ? 2.283   1.270   -9.234  1.00 19.99 ? 46  HIS A CD2 1 
ATOM   307  C  CE1 . HIS A 1 46  ? 4.336   0.716   -9.773  1.00 18.42 ? 46  HIS A CE1 1 
ATOM   308  N  NE2 . HIS A 1 46  ? 3.101   0.257   -9.674  1.00 19.16 ? 46  HIS A NE2 1 
ATOM   309  N  N   . ALA A 1 47  ? 2.426   6.977   -8.842  1.00 22.92 ? 47  ALA A N   1 
ATOM   310  C  CA  . ALA A 1 47  ? 1.710   8.190   -8.448  1.00 24.60 ? 47  ALA A CA  1 
ATOM   311  C  C   . ALA A 1 47  ? 1.072   8.841   -9.675  1.00 25.28 ? 47  ALA A C   1 
ATOM   312  O  O   . ALA A 1 47  ? -0.061  9.319   -9.622  1.00 23.97 ? 47  ALA A O   1 
ATOM   313  C  CB  . ALA A 1 47  ? 2.666   9.169   -7.782  1.00 21.33 ? 47  ALA A CB  1 
ATOM   314  N  N   . ARG A 1 48  ? 1.819   8.858   -10.775 1.00 27.16 ? 48  ARG A N   1 
ATOM   315  C  CA  . ARG A 1 48  ? 1.345   9.439   -12.026 1.00 27.75 ? 48  ARG A CA  1 
ATOM   316  C  C   . ARG A 1 48  ? 0.233   8.574   -12.611 1.00 26.72 ? 48  ARG A C   1 
ATOM   317  O  O   . ARG A 1 48  ? -0.798  9.086   -13.050 1.00 25.83 ? 48  ARG A O   1 
ATOM   318  C  CB  . ARG A 1 48  ? 2.503   9.559   -13.028 1.00 30.71 ? 48  ARG A CB  1 
ATOM   319  C  CG  . ARG A 1 48  ? 2.128   10.261  -14.328 1.00 37.22 ? 48  ARG A CG  1 
ATOM   320  C  CD  . ARG A 1 48  ? 3.338   10.550  -15.221 1.00 43.39 ? 48  ARG A CD  1 
ATOM   321  N  NE  . ARG A 1 48  ? 3.918   9.346   -15.825 1.00 49.52 ? 48  ARG A NE  1 
ATOM   322  C  CZ  . ARG A 1 48  ? 4.869   8.596   -15.268 1.00 52.66 ? 48  ARG A CZ  1 
ATOM   323  N  NH1 . ARG A 1 48  ? 5.368   8.912   -14.080 1.00 53.82 ? 48  ARG A NH1 1 
ATOM   324  N  NH2 . ARG A 1 48  ? 5.326   7.525   -15.905 1.00 53.90 ? 48  ARG A NH2 1 
ATOM   325  N  N   . TYR A 1 49  ? 0.437   7.261   -12.610 1.00 25.06 ? 49  TYR A N   1 
ATOM   326  C  CA  . TYR A 1 49  ? -0.571  6.356   -13.138 1.00 25.38 ? 49  TYR A CA  1 
ATOM   327  C  C   . TYR A 1 49  ? -1.918  6.489   -12.423 1.00 25.23 ? 49  TYR A C   1 
ATOM   328  O  O   . TYR A 1 49  ? -2.970  6.566   -13.067 1.00 25.37 ? 49  TYR A O   1 
ATOM   329  C  CB  . TYR A 1 49  ? -0.101  4.907   -13.026 1.00 27.20 ? 49  TYR A CB  1 
ATOM   330  C  CG  . TYR A 1 49  ? -1.230  3.916   -13.212 1.00 28.51 ? 49  TYR A CG  1 
ATOM   331  C  CD1 . TYR A 1 49  ? -1.748  3.649   -14.478 1.00 30.77 ? 49  TYR A CD1 1 
ATOM   332  C  CD2 . TYR A 1 49  ? -1.819  3.288   -12.116 1.00 30.10 ? 49  TYR A CD2 1 
ATOM   333  C  CE1 . TYR A 1 49  ? -2.831  2.778   -14.649 1.00 31.75 ? 49  TYR A CE1 1 
ATOM   334  C  CE2 . TYR A 1 49  ? -2.901  2.418   -12.273 1.00 31.33 ? 49  TYR A CE2 1 
ATOM   335  C  CZ  . TYR A 1 49  ? -3.401  2.169   -13.542 1.00 33.11 ? 49  TYR A CZ  1 
ATOM   336  O  OH  . TYR A 1 49  ? -4.483  1.322   -13.703 1.00 36.15 ? 49  TYR A OH  1 
ATOM   337  N  N   . LEU A 1 50  ? -1.886  6.508   -11.095 1.00 23.60 ? 50  LEU A N   1 
ATOM   338  C  CA  . LEU A 1 50  ? -3.112  6.597   -10.308 1.00 24.30 ? 50  LEU A CA  1 
ATOM   339  C  C   . LEU A 1 50  ? -3.959  7.839   -10.570 1.00 26.40 ? 50  LEU A C   1 
ATOM   340  O  O   . LEU A 1 50  ? -5.157  7.847   -10.279 1.00 26.58 ? 50  LEU A O   1 
ATOM   341  C  CB  . LEU A 1 50  ? -2.788  6.481   -8.809  1.00 21.93 ? 50  LEU A CB  1 
ATOM   342  C  CG  . LEU A 1 50  ? -2.391  5.070   -8.344  1.00 22.32 ? 50  LEU A CG  1 
ATOM   343  C  CD1 . LEU A 1 50  ? -1.990  5.076   -6.875  1.00 19.36 ? 50  LEU A CD1 1 
ATOM   344  C  CD2 . LEU A 1 50  ? -3.566  4.121   -8.563  1.00 21.27 ? 50  LEU A CD2 1 
ATOM   345  N  N   . LYS A 1 51  ? -3.354  8.880   -11.129 1.00 28.64 ? 51  LYS A N   1 
ATOM   346  C  CA  . LYS A 1 51  ? -4.097  10.100  -11.413 1.00 33.08 ? 51  LYS A CA  1 
ATOM   347  C  C   . LYS A 1 51  ? -4.777  10.108  -12.780 1.00 33.75 ? 51  LYS A C   1 
ATOM   348  O  O   . LYS A 1 51  ? -5.434  11.081  -13.138 1.00 35.71 ? 51  LYS A O   1 
ATOM   349  C  CB  . LYS A 1 51  ? -3.190  11.322  -11.242 1.00 34.43 ? 51  LYS A CB  1 
ATOM   350  C  CG  . LYS A 1 51  ? -2.697  11.466  -9.804  1.00 37.52 ? 51  LYS A CG  1 
ATOM   351  C  CD  . LYS A 1 51  ? -2.329  12.895  -9.432  1.00 39.80 ? 51  LYS A CD  1 
ATOM   352  C  CE  . LYS A 1 51  ? -1.086  13.368  -10.147 1.00 41.97 ? 51  LYS A CE  1 
ATOM   353  N  NZ  . LYS A 1 51  ? -0.640  14.697  -9.639  1.00 45.41 ? 51  LYS A NZ  1 
ATOM   354  N  N   . ASN A 1 52  ? -4.634  9.022   -13.537 1.00 36.26 ? 52  ASN A N   1 
ATOM   355  C  CA  . ASN A 1 52  ? -5.288  8.919   -14.840 1.00 36.47 ? 52  ASN A CA  1 
ATOM   356  C  C   . ASN A 1 52  ? -6.782  8.747   -14.579 1.00 36.38 ? 52  ASN A C   1 
ATOM   357  O  O   . ASN A 1 52  ? -7.184  7.874   -13.814 1.00 34.86 ? 52  ASN A O   1 
ATOM   358  C  CB  . ASN A 1 52  ? -4.764  7.717   -15.634 1.00 38.58 ? 52  ASN A CB  1 
ATOM   359  C  CG  . ASN A 1 52  ? -3.562  8.062   -16.493 1.00 41.24 ? 52  ASN A CG  1 
ATOM   360  O  OD1 . ASN A 1 52  ? -3.562  9.072   -17.194 1.00 44.05 ? 52  ASN A OD1 1 
ATOM   361  N  ND2 . ASN A 1 52  ? -2.539  7.213   -16.459 1.00 40.79 ? 52  ASN A ND2 1 
ATOM   362  N  N   . PRO A 1 53  ? -7.624  9.579   -15.217 1.00 36.70 ? 53  PRO A N   1 
ATOM   363  C  CA  . PRO A 1 53  ? -9.084  9.549   -15.066 1.00 36.06 ? 53  PRO A CA  1 
ATOM   364  C  C   . PRO A 1 53  ? -9.769  8.198   -15.230 1.00 35.47 ? 53  PRO A C   1 
ATOM   365  O  O   . PRO A 1 53  ? -10.866 7.996   -14.711 1.00 35.58 ? 53  PRO A O   1 
ATOM   366  C  CB  . PRO A 1 53  ? -9.557  10.560  -16.111 1.00 35.83 ? 53  PRO A CB  1 
ATOM   367  C  CG  . PRO A 1 53  ? -8.450  11.559  -16.116 1.00 38.28 ? 53  PRO A CG  1 
ATOM   368  C  CD  . PRO A 1 53  ? -7.223  10.671  -16.122 1.00 37.12 ? 53  PRO A CD  1 
ATOM   369  N  N   . ASP A 1 54  ? -9.138  7.277   -15.948 1.00 34.80 ? 54  ASP A N   1 
ATOM   370  C  CA  . ASP A 1 54  ? -9.746  5.969   -16.173 1.00 36.44 ? 54  ASP A CA  1 
ATOM   371  C  C   . ASP A 1 54  ? -9.378  4.854   -15.193 1.00 33.94 ? 54  ASP A C   1 
ATOM   372  O  O   . ASP A 1 54  ? -9.916  3.753   -15.285 1.00 33.36 ? 54  ASP A O   1 
ATOM   373  C  CB  . ASP A 1 54  ? -9.467  5.506   -17.606 1.00 40.43 ? 54  ASP A CB  1 
ATOM   374  C  CG  . ASP A 1 54  ? -8.165  6.053   -18.152 1.00 44.10 ? 54  ASP A CG  1 
ATOM   375  O  OD1 . ASP A 1 54  ? -7.129  5.890   -17.478 1.00 45.67 ? 54  ASP A OD1 1 
ATOM   376  O  OD2 . ASP A 1 54  ? -8.181  6.644   -19.256 1.00 48.06 ? 54  ASP A OD2 1 
ATOM   377  N  N   . THR A 1 55  ? -8.474  5.129   -14.259 1.00 33.48 ? 55  THR A N   1 
ATOM   378  C  CA  . THR A 1 55  ? -8.079  4.119   -13.277 1.00 32.74 ? 55  THR A CA  1 
ATOM   379  C  C   . THR A 1 55  ? -9.208  3.905   -12.271 1.00 32.05 ? 55  THR A C   1 
ATOM   380  O  O   . THR A 1 55  ? -9.927  4.845   -11.924 1.00 32.43 ? 55  THR A O   1 
ATOM   381  C  CB  . THR A 1 55  ? -6.810  4.546   -12.514 1.00 34.23 ? 55  THR A CB  1 
ATOM   382  O  OG1 . THR A 1 55  ? -7.080  5.745   -11.778 1.00 35.50 ? 55  THR A OG1 1 
ATOM   383  C  CG2 . THR A 1 55  ? -5.668  4.799   -13.484 1.00 31.88 ? 55  THR A CG2 1 
ATOM   384  N  N   . THR A 1 56  ? -9.361  2.670   -11.804 1.00 30.51 ? 56  THR A N   1 
ATOM   385  C  CA  . THR A 1 56  ? -10.412 2.350   -10.844 1.00 29.00 ? 56  THR A CA  1 
ATOM   386  C  C   . THR A 1 56  ? -9.874  1.827   -9.511  1.00 28.74 ? 56  THR A C   1 
ATOM   387  O  O   . THR A 1 56  ? -10.597 1.805   -8.505  1.00 27.56 ? 56  THR A O   1 
ATOM   388  C  CB  . THR A 1 56  ? -11.397 1.312   -11.435 1.00 31.28 ? 56  THR A CB  1 
ATOM   389  O  OG1 . THR A 1 56  ? -10.660 0.215   -11.991 1.00 29.90 ? 56  THR A OG1 1 
ATOM   390  C  CG2 . THR A 1 56  ? -12.257 1.951   -12.534 1.00 30.08 ? 56  THR A CG2 1 
ATOM   391  N  N   . THR A 1 57  ? -8.610  1.408   -9.497  1.00 25.23 ? 57  THR A N   1 
ATOM   392  C  CA  . THR A 1 57  ? -7.996  0.897   -8.272  1.00 23.23 ? 57  THR A CA  1 
ATOM   393  C  C   . THR A 1 57  ? -7.192  2.001   -7.588  1.00 20.90 ? 57  THR A C   1 
ATOM   394  O  O   . THR A 1 57  ? -6.713  2.924   -8.245  1.00 19.79 ? 57  THR A O   1 
ATOM   395  C  CB  . THR A 1 57  ? -7.059  -0.309  -8.576  1.00 24.21 ? 57  THR A CB  1 
ATOM   396  O  OG1 . THR A 1 57  ? -7.850  -1.434  -8.981  1.00 28.00 ? 57  THR A OG1 1 
ATOM   397  C  CG2 . THR A 1 57  ? -6.257  -0.701  -7.345  1.00 26.20 ? 57  THR A CG2 1 
ATOM   398  N  N   . SER A 1 58  ? -7.054  1.915   -6.268  1.00 19.28 ? 58  SER A N   1 
ATOM   399  C  CA  . SER A 1 58  ? -6.295  2.919   -5.533  1.00 18.55 ? 58  SER A CA  1 
ATOM   400  C  C   . SER A 1 58  ? -5.907  2.437   -4.145  1.00 17.69 ? 58  SER A C   1 
ATOM   401  O  O   . SER A 1 58  ? -6.610  1.632   -3.534  1.00 19.67 ? 58  SER A O   1 
ATOM   402  C  CB  . SER A 1 58  ? -7.099  4.219   -5.405  1.00 19.47 ? 58  SER A CB  1 
ATOM   403  O  OG  . SER A 1 58  ? -8.237  4.030   -4.582  1.00 17.37 ? 58  SER A OG  1 
ATOM   404  N  N   . TRP A 1 59  ? -4.774  2.933   -3.666  1.00 17.33 ? 59  TRP A N   1 
ATOM   405  C  CA  . TRP A 1 59  ? -4.268  2.594   -2.345  1.00 18.35 ? 59  TRP A CA  1 
ATOM   406  C  C   . TRP A 1 59  ? -3.584  3.843   -1.799  1.00 19.38 ? 59  TRP A C   1 
ATOM   407  O  O   . TRP A 1 59  ? -3.434  4.836   -2.517  1.00 17.36 ? 59  TRP A O   1 
ATOM   408  C  CB  . TRP A 1 59  ? -3.304  1.402   -2.427  1.00 17.82 ? 59  TRP A CB  1 
ATOM   409  C  CG  . TRP A 1 59  ? -2.218  1.590   -3.415  1.00 19.66 ? 59  TRP A CG  1 
ATOM   410  C  CD1 . TRP A 1 59  ? -0.975  2.099   -3.181  1.00 18.66 ? 59  TRP A CD1 1 
ATOM   411  C  CD2 . TRP A 1 59  ? -2.278  1.300   -4.818  1.00 19.51 ? 59  TRP A CD2 1 
ATOM   412  N  NE1 . TRP A 1 59  ? -0.258  2.144   -4.351  1.00 19.52 ? 59  TRP A NE1 1 
ATOM   413  C  CE2 . TRP A 1 59  ? -1.033  1.661   -5.371  1.00 18.66 ? 59  TRP A CE2 1 
ATOM   414  C  CE3 . TRP A 1 59  ? -3.265  0.769   -5.660  1.00 22.21 ? 59  TRP A CE3 1 
ATOM   415  C  CZ2 . TRP A 1 59  ? -0.742  1.507   -6.732  1.00 20.04 ? 59  TRP A CZ2 1 
ATOM   416  C  CZ3 . TRP A 1 59  ? -2.976  0.615   -7.017  1.00 22.74 ? 59  TRP A CZ3 1 
ATOM   417  C  CH2 . TRP A 1 59  ? -1.723  0.986   -7.536  1.00 21.09 ? 59  TRP A CH2 1 
ATOM   418  N  N   . HIS A 1 60  ? -3.153  3.792   -0.544  1.00 18.72 ? 60  HIS A N   1 
ATOM   419  C  CA  . HIS A 1 60  ? -2.563  4.959   0.102   1.00 20.42 ? 60  HIS A CA  1 
ATOM   420  C  C   . HIS A 1 60  ? -1.082  5.257   -0.115  1.00 20.52 ? 60  HIS A C   1 
ATOM   421  O  O   . HIS A 1 60  ? -0.713  6.411   -0.344  1.00 19.34 ? 60  HIS A O   1 
ATOM   422  C  CB  . HIS A 1 60  ? -2.860  4.874   1.603   1.00 18.61 ? 60  HIS A CB  1 
ATOM   423  C  CG  . HIS A 1 60  ? -4.300  4.604   1.903   1.00 19.72 ? 60  HIS A CG  1 
ATOM   424  N  ND1 . HIS A 1 60  ? -5.216  5.610   2.133   1.00 21.55 ? 60  HIS A ND1 1 
ATOM   425  C  CD2 . HIS A 1 60  ? -5.002  3.446   1.926   1.00 17.40 ? 60  HIS A CD2 1 
ATOM   426  C  CE1 . HIS A 1 60  ? -6.419  5.083   2.281   1.00 17.40 ? 60  HIS A CE1 1 
ATOM   427  N  NE2 . HIS A 1 60  ? -6.317  3.772   2.158   1.00 21.09 ? 60  HIS A NE2 1 
ATOM   428  N  N   . PHE A 1 61  ? -0.242  4.228   -0.050  1.00 20.20 ? 61  PHE A N   1 
ATOM   429  C  CA  . PHE A 1 61  ? 1.202   4.408   -0.198  1.00 20.52 ? 61  PHE A CA  1 
ATOM   430  C  C   . PHE A 1 61  ? 1.876   3.439   -1.171  1.00 20.53 ? 61  PHE A C   1 
ATOM   431  O  O   . PHE A 1 61  ? 1.570   2.244   -1.186  1.00 19.43 ? 61  PHE A O   1 
ATOM   432  C  CB  . PHE A 1 61  ? 1.900   4.210   1.154   1.00 20.76 ? 61  PHE A CB  1 
ATOM   433  C  CG  . PHE A 1 61  ? 1.568   5.243   2.197   1.00 21.96 ? 61  PHE A CG  1 
ATOM   434  C  CD1 . PHE A 1 61  ? 2.142   6.508   2.156   1.00 21.88 ? 61  PHE A CD1 1 
ATOM   435  C  CD2 . PHE A 1 61  ? 0.746   4.916   3.272   1.00 22.34 ? 61  PHE A CD2 1 
ATOM   436  C  CE1 . PHE A 1 61  ? 1.910   7.429   3.176   1.00 22.91 ? 61  PHE A CE1 1 
ATOM   437  C  CE2 . PHE A 1 61  ? 0.509   5.833   4.296   1.00 22.58 ? 61  PHE A CE2 1 
ATOM   438  C  CZ  . PHE A 1 61  ? 1.095   7.091   4.246   1.00 21.61 ? 61  PHE A CZ  1 
ATOM   439  N  N   . THR A 1 62  ? 2.797   3.959   -1.973  1.00 19.66 ? 62  THR A N   1 
ATOM   440  C  CA  . THR A 1 62  ? 3.579   3.122   -2.873  1.00 19.18 ? 62  THR A CA  1 
ATOM   441  C  C   . THR A 1 62  ? 5.011   3.317   -2.383  1.00 19.80 ? 62  THR A C   1 
ATOM   442  O  O   . THR A 1 62  ? 5.472   4.450   -2.214  1.00 18.93 ? 62  THR A O   1 
ATOM   443  C  CB  . THR A 1 62  ? 3.469   3.541   -4.342  1.00 18.13 ? 62  THR A CB  1 
ATOM   444  O  OG1 . THR A 1 62  ? 2.109   3.406   -4.777  1.00 18.08 ? 62  THR A OG1 1 
ATOM   445  C  CG2 . THR A 1 62  ? 4.353   2.629   -5.208  1.00 16.24 ? 62  THR A CG2 1 
ATOM   446  N  N   . VAL A 1 63  ? 5.701   2.210   -2.139  1.00 18.71 ? 63  VAL A N   1 
ATOM   447  C  CA  . VAL A 1 63  ? 7.061   2.240   -1.618  1.00 17.99 ? 63  VAL A CA  1 
ATOM   448  C  C   . VAL A 1 63  ? 8.090   1.610   -2.554  1.00 18.62 ? 63  VAL A C   1 
ATOM   449  O  O   . VAL A 1 63  ? 7.894   0.489   -3.015  1.00 18.74 ? 63  VAL A O   1 
ATOM   450  C  CB  . VAL A 1 63  ? 7.137   1.462   -0.265  1.00 18.94 ? 63  VAL A CB  1 
ATOM   451  C  CG1 . VAL A 1 63  ? 8.534   1.593   0.351   1.00 18.75 ? 63  VAL A CG1 1 
ATOM   452  C  CG2 . VAL A 1 63  ? 6.069   1.960   0.699   1.00 16.67 ? 63  VAL A CG2 1 
ATOM   453  N  N   . ASP A 1 64  ? 9.169   2.330   -2.859  1.00 20.94 ? 64  ASP A N   1 
ATOM   454  C  CA  . ASP A 1 64  ? 10.240  1.748   -3.668  1.00 23.13 ? 64  ASP A CA  1 
ATOM   455  C  C   . ASP A 1 64  ? 11.515  1.835   -2.830  1.00 23.22 ? 64  ASP A C   1 
ATOM   456  O  O   . ASP A 1 64  ? 11.447  2.189   -1.650  1.00 22.48 ? 64  ASP A O   1 
ATOM   457  C  CB  . ASP A 1 64  ? 10.405  2.422   -5.047  1.00 22.75 ? 64  ASP A CB  1 
ATOM   458  C  CG  . ASP A 1 64  ? 10.789  3.885   -4.967  1.00 25.33 ? 64  ASP A CG  1 
ATOM   459  O  OD1 . ASP A 1 64  ? 11.602  4.249   -4.100  1.00 27.66 ? 64  ASP A OD1 1 
ATOM   460  O  OD2 . ASP A 1 64  ? 10.291  4.669   -5.806  1.00 24.70 ? 64  ASP A OD2 1 
ATOM   461  N  N   . ASP A 1 65  ? 12.666  1.506   -3.409  1.00 24.46 ? 65  ASP A N   1 
ATOM   462  C  CA  . ASP A 1 65  ? 13.915  1.520   -2.648  1.00 26.94 ? 65  ASP A CA  1 
ATOM   463  C  C   . ASP A 1 65  ? 14.457  2.902   -2.311  1.00 29.07 ? 65  ASP A C   1 
ATOM   464  O  O   . ASP A 1 65  ? 15.397  3.032   -1.525  1.00 29.40 ? 65  ASP A O   1 
ATOM   465  C  CB  . ASP A 1 65  ? 14.991  0.709   -3.385  1.00 27.25 ? 65  ASP A CB  1 
ATOM   466  C  CG  . ASP A 1 65  ? 15.456  1.364   -4.681  1.00 28.37 ? 65  ASP A CG  1 
ATOM   467  O  OD1 . ASP A 1 65  ? 14.807  2.316   -5.166  1.00 29.30 ? 65  ASP A OD1 1 
ATOM   468  O  OD2 . ASP A 1 65  ? 16.479  0.904   -5.228  1.00 29.61 ? 65  ASP A OD2 1 
ATOM   469  N  N   . THR A 1 66  ? 13.853  3.934   -2.885  1.00 29.04 ? 66  THR A N   1 
ATOM   470  C  CA  . THR A 1 66  ? 14.317  5.290   -2.652  1.00 31.45 ? 66  THR A CA  1 
ATOM   471  C  C   . THR A 1 66  ? 13.356  6.158   -1.848  1.00 31.88 ? 66  THR A C   1 
ATOM   472  O  O   . THR A 1 66  ? 13.762  6.830   -0.902  1.00 30.52 ? 66  THR A O   1 
ATOM   473  C  CB  . THR A 1 66  ? 14.603  5.996   -3.992  1.00 32.81 ? 66  THR A CB  1 
ATOM   474  O  OG1 . THR A 1 66  ? 15.519  5.203   -4.758  1.00 35.37 ? 66  THR A OG1 1 
ATOM   475  C  CG2 . THR A 1 66  ? 15.209  7.370   -3.758  1.00 35.01 ? 66  THR A CG2 1 
ATOM   476  N  N   . GLU A 1 67  ? 12.080  6.146   -2.221  1.00 32.30 ? 67  GLU A N   1 
ATOM   477  C  CA  . GLU A 1 67  ? 11.106  6.978   -1.529  1.00 31.16 ? 67  GLU A CA  1 
ATOM   478  C  C   . GLU A 1 67  ? 9.715   6.374   -1.438  1.00 29.79 ? 67  GLU A C   1 
ATOM   479  O  O   . GLU A 1 67  ? 9.477   5.254   -1.884  1.00 27.74 ? 67  GLU A O   1 
ATOM   480  C  CB  . GLU A 1 67  ? 11.027  8.333   -2.223  1.00 33.71 ? 67  GLU A CB  1 
ATOM   481  C  CG  . GLU A 1 67  ? 10.892  8.215   -3.724  1.00 34.80 ? 67  GLU A CG  1 
ATOM   482  C  CD  . GLU A 1 67  ? 11.099  9.536   -4.421  1.00 38.21 ? 67  GLU A CD  1 
ATOM   483  O  OE1 . GLU A 1 67  ? 11.783  10.405  -3.840  1.00 39.61 ? 67  GLU A OE1 1 
ATOM   484  O  OE2 . GLU A 1 67  ? 10.594  9.699   -5.551  1.00 39.44 ? 67  GLU A OE2 1 
ATOM   485  N  N   . ILE A 1 68  ? 8.802   7.150   -0.862  1.00 28.81 ? 68  ILE A N   1 
ATOM   486  C  CA  . ILE A 1 68  ? 7.418   6.740   -0.671  1.00 27.18 ? 68  ILE A CA  1 
ATOM   487  C  C   . ILE A 1 68  ? 6.493   7.849   -1.160  1.00 27.58 ? 68  ILE A C   1 
ATOM   488  O  O   . ILE A 1 68  ? 6.718   9.023   -0.867  1.00 28.32 ? 68  ILE A O   1 
ATOM   489  C  CB  . ILE A 1 68  ? 7.121   6.494   0.827   1.00 26.04 ? 68  ILE A CB  1 
ATOM   490  C  CG1 . ILE A 1 68  ? 8.014   5.378   1.366   1.00 25.33 ? 68  ILE A CG1 1 
ATOM   491  C  CG2 . ILE A 1 68  ? 5.653   6.135   1.023   1.00 26.01 ? 68  ILE A CG2 1 
ATOM   492  C  CD1 . ILE A 1 68  ? 7.958   5.239   2.873   1.00 22.54 ? 68  ILE A CD1 1 
ATOM   493  N  N   . TYR A 1 69  ? 5.465   7.473   -1.916  1.00 25.33 ? 69  TYR A N   1 
ATOM   494  C  CA  . TYR A 1 69  ? 4.485   8.424   -2.421  1.00 24.55 ? 69  TYR A CA  1 
ATOM   495  C  C   . TYR A 1 69  ? 3.134   8.095   -1.799  1.00 24.18 ? 69  TYR A C   1 
ATOM   496  O  O   . TYR A 1 69  ? 2.780   6.923   -1.670  1.00 23.64 ? 69  TYR A O   1 
ATOM   497  C  CB  . TYR A 1 69  ? 4.369   8.341   -3.948  1.00 22.89 ? 69  TYR A CB  1 
ATOM   498  C  CG  . TYR A 1 69  ? 5.267   9.301   -4.699  1.00 26.05 ? 69  TYR A CG  1 
ATOM   499  C  CD1 . TYR A 1 69  ? 6.650   9.096   -4.762  1.00 26.35 ? 69  TYR A CD1 1 
ATOM   500  C  CD2 . TYR A 1 69  ? 4.738   10.427  -5.331  1.00 24.84 ? 69  TYR A CD2 1 
ATOM   501  C  CE1 . TYR A 1 69  ? 7.480   9.992   -5.438  1.00 27.24 ? 69  TYR A CE1 1 
ATOM   502  C  CE2 . TYR A 1 69  ? 5.559   11.332  -6.009  1.00 26.58 ? 69  TYR A CE2 1 
ATOM   503  C  CZ  . TYR A 1 69  ? 6.927   11.108  -6.057  1.00 27.80 ? 69  TYR A CZ  1 
ATOM   504  O  OH  . TYR A 1 69  ? 7.740   12.003  -6.718  1.00 29.90 ? 69  TYR A OH  1 
ATOM   505  N  N   . GLN A 1 70  ? 2.392   9.126   -1.405  1.00 23.62 ? 70  GLN A N   1 
ATOM   506  C  CA  . GLN A 1 70  ? 1.066   8.943   -0.812  1.00 24.58 ? 70  GLN A CA  1 
ATOM   507  C  C   . GLN A 1 70  ? 0.047   9.473   -1.818  1.00 24.15 ? 70  GLN A C   1 
ATOM   508  O  O   . GLN A 1 70  ? 0.123   10.623  -2.246  1.00 23.44 ? 70  GLN A O   1 
ATOM   509  C  CB  . GLN A 1 70  ? 0.950   9.711   0.505   1.00 25.67 ? 70  GLN A CB  1 
ATOM   510  C  CG  . GLN A 1 70  ? -0.254  9.316   1.346   1.00 27.31 ? 70  GLN A CG  1 
ATOM   511  C  CD  . GLN A 1 70  ? -0.431  10.211  2.561   1.00 28.03 ? 70  GLN A CD  1 
ATOM   512  O  OE1 . GLN A 1 70  ? 0.541   10.727  3.106   1.00 30.61 ? 70  GLN A OE1 1 
ATOM   513  N  NE2 . GLN A 1 70  ? -1.668  10.385  2.997   1.00 26.18 ? 70  GLN A NE2 1 
ATOM   514  N  N   . HIS A 1 71  ? -0.910  8.627   -2.178  1.00 23.46 ? 71  HIS A N   1 
ATOM   515  C  CA  . HIS A 1 71  ? -1.916  8.969   -3.170  1.00 22.61 ? 71  HIS A CA  1 
ATOM   516  C  C   . HIS A 1 71  ? -3.267  9.345   -2.579  1.00 23.20 ? 71  HIS A C   1 
ATOM   517  O  O   . HIS A 1 71  ? -4.117  9.907   -3.267  1.00 21.07 ? 71  HIS A O   1 
ATOM   518  C  CB  . HIS A 1 71  ? -2.101  7.777   -4.109  1.00 21.81 ? 71  HIS A CB  1 
ATOM   519  C  CG  . HIS A 1 71  ? -0.823  7.086   -4.462  1.00 21.40 ? 71  HIS A CG  1 
ATOM   520  N  ND1 . HIS A 1 71  ? 0.100   7.624   -5.334  1.00 21.42 ? 71  HIS A ND1 1 
ATOM   521  C  CD2 . HIS A 1 71  ? -0.301  5.909   -4.040  1.00 18.53 ? 71  HIS A CD2 1 
ATOM   522  C  CE1 . HIS A 1 71  ? 1.135   6.808   -5.436  1.00 22.16 ? 71  HIS A CE1 1 
ATOM   523  N  NE2 . HIS A 1 71  ? 0.916   5.760   -4.660  1.00 21.19 ? 71  HIS A NE2 1 
ATOM   524  N  N   . LEU A 1 72  ? -3.458  9.033   -1.304  1.00 23.71 ? 72  LEU A N   1 
ATOM   525  C  CA  . LEU A 1 72  ? -4.722  9.291   -0.626  1.00 23.19 ? 72  LEU A CA  1 
ATOM   526  C  C   . LEU A 1 72  ? -4.489  9.711   0.820   1.00 24.89 ? 72  LEU A C   1 
ATOM   527  O  O   . LEU A 1 72  ? -3.504  9.301   1.443   1.00 23.94 ? 72  LEU A O   1 
ATOM   528  C  CB  . LEU A 1 72  ? -5.557  8.007   -0.615  1.00 21.32 ? 72  LEU A CB  1 
ATOM   529  C  CG  . LEU A 1 72  ? -6.695  7.644   -1.574  1.00 25.27 ? 72  LEU A CG  1 
ATOM   530  C  CD1 . LEU A 1 72  ? -6.616  8.382   -2.888  1.00 27.02 ? 72  LEU A CD1 1 
ATOM   531  C  CD2 . LEU A 1 72  ? -6.662  6.137   -1.773  1.00 22.27 ? 72  LEU A CD2 1 
ATOM   532  N  N   . PRO A 1 73  ? -5.386  10.546  1.371   1.00 25.19 ? 73  PRO A N   1 
ATOM   533  C  CA  . PRO A 1 73  ? -5.227  10.971  2.764   1.00 25.26 ? 73  PRO A CA  1 
ATOM   534  C  C   . PRO A 1 73  ? -5.630  9.766   3.613   1.00 25.19 ? 73  PRO A C   1 
ATOM   535  O  O   . PRO A 1 73  ? -6.466  8.968   3.189   1.00 24.18 ? 73  PRO A O   1 
ATOM   536  C  CB  . PRO A 1 73  ? -6.208  12.139  2.885   1.00 26.04 ? 73  PRO A CB  1 
ATOM   537  C  CG  . PRO A 1 73  ? -7.287  11.779  1.907   1.00 26.38 ? 73  PRO A CG  1 
ATOM   538  C  CD  . PRO A 1 73  ? -6.482  11.289  0.718   1.00 25.14 ? 73  PRO A CD  1 
ATOM   539  N  N   . LEU A 1 74  ? -5.048  9.626   4.800   1.00 23.90 ? 74  LEU A N   1 
ATOM   540  C  CA  . LEU A 1 74  ? -5.362  8.480   5.644   1.00 25.74 ? 74  LEU A CA  1 
ATOM   541  C  C   . LEU A 1 74  ? -6.758  8.449   6.269   1.00 26.70 ? 74  LEU A C   1 
ATOM   542  O  O   . LEU A 1 74  ? -7.105  7.489   6.959   1.00 28.03 ? 74  LEU A O   1 
ATOM   543  C  CB  . LEU A 1 74  ? -4.290  8.326   6.729   1.00 26.35 ? 74  LEU A CB  1 
ATOM   544  C  CG  . LEU A 1 74  ? -2.863  8.214   6.174   1.00 27.95 ? 74  LEU A CG  1 
ATOM   545  C  CD1 . LEU A 1 74  ? -1.922  7.777   7.285   1.00 27.46 ? 74  LEU A CD1 1 
ATOM   546  C  CD2 . LEU A 1 74  ? -2.821  7.209   5.023   1.00 26.29 ? 74  LEU A CD2 1 
ATOM   547  N  N   . ASN A 1 75  ? -7.562  9.483   6.035   1.00 27.11 ? 75  ASN A N   1 
ATOM   548  C  CA  . ASN A 1 75  ? -8.923  9.497   6.568   1.00 27.66 ? 75  ASN A CA  1 
ATOM   549  C  C   . ASN A 1 75  ? -9.939  9.114   5.489   1.00 26.36 ? 75  ASN A C   1 
ATOM   550  O  O   . ASN A 1 75  ? -11.144 9.269   5.676   1.00 25.75 ? 75  ASN A O   1 
ATOM   551  C  CB  . ASN A 1 75  ? -9.280  10.869  7.168   1.00 30.16 ? 75  ASN A CB  1 
ATOM   552  C  CG  . ASN A 1 75  ? -8.968  12.028  6.235   1.00 32.03 ? 75  ASN A CG  1 
ATOM   553  O  OD1 . ASN A 1 75  ? -9.365  12.040  5.073   1.00 31.12 ? 75  ASN A OD1 1 
ATOM   554  N  ND2 . ASN A 1 75  ? -8.262  13.022  6.756   1.00 38.41 ? 75  ASN A ND2 1 
ATOM   555  N  N   . GLU A 1 76  ? -9.433  8.600   4.367   1.00 24.01 ? 76  GLU A N   1 
ATOM   556  C  CA  . GLU A 1 76  ? -10.264 8.159   3.244   1.00 23.55 ? 76  GLU A CA  1 
ATOM   557  C  C   . GLU A 1 76  ? -9.879  6.732   2.840   1.00 22.87 ? 76  GLU A C   1 
ATOM   558  O  O   . GLU A 1 76  ? -8.741  6.313   3.043   1.00 23.63 ? 76  GLU A O   1 
ATOM   559  C  CB  . GLU A 1 76  ? -10.079 9.083   2.039   1.00 22.14 ? 76  GLU A CB  1 
ATOM   560  C  CG  . GLU A 1 76  ? -10.870 10.383  2.099   1.00 24.45 ? 76  GLU A CG  1 
ATOM   561  C  CD  . GLU A 1 76  ? -10.670 11.237  0.857   1.00 23.92 ? 76  GLU A CD  1 
ATOM   562  O  OE1 . GLU A 1 76  ? -10.470 10.666  -0.236  1.00 25.40 ? 76  GLU A OE1 1 
ATOM   563  O  OE2 . GLU A 1 76  ? -10.727 12.477  0.965   1.00 23.33 ? 76  GLU A OE2 1 
ATOM   564  N  N   . ASN A 1 77  ? -10.823 5.997   2.263   1.00 20.52 ? 77  ASN A N   1 
ATOM   565  C  CA  . ASN A 1 77  ? -10.562 4.624   1.832   1.00 21.45 ? 77  ASN A CA  1 
ATOM   566  C  C   . ASN A 1 77  ? -10.066 4.573   0.392   1.00 19.83 ? 77  ASN A C   1 
ATOM   567  O  O   . ASN A 1 77  ? -10.107 5.566   -0.339  1.00 20.07 ? 77  ASN A O   1 
ATOM   568  C  CB  . ASN A 1 77  ? -11.837 3.779   1.921   1.00 19.67 ? 77  ASN A CB  1 
ATOM   569  C  CG  . ASN A 1 77  ? -12.779 4.023   0.750   1.00 23.23 ? 77  ASN A CG  1 
ATOM   570  O  OD1 . ASN A 1 77  ? -13.271 5.137   0.551   1.00 20.55 ? 77  ASN A OD1 1 
ATOM   571  N  ND2 . ASN A 1 77  ? -13.024 2.980   -0.041  1.00 19.86 ? 77  ASN A ND2 1 
ATOM   572  N  N   . GLY A 1 78  ? -9.600  3.396   -0.007  1.00 21.32 ? 78  GLY A N   1 
ATOM   573  C  CA  . GLY A 1 78  ? -9.138  3.191   -1.365  1.00 19.55 ? 78  GLY A CA  1 
ATOM   574  C  C   . GLY A 1 78  ? -9.803  1.913   -1.837  1.00 19.47 ? 78  GLY A C   1 
ATOM   575  O  O   . GLY A 1 78  ? -10.413 1.219   -1.034  1.00 18.26 ? 78  GLY A O   1 
ATOM   576  N  N   . TRP A 1 79  ? -9.717  1.612   -3.127  1.00 21.17 ? 79  TRP A N   1 
ATOM   577  C  CA  . TRP A 1 79  ? -10.291 0.378   -3.667  1.00 22.78 ? 79  TRP A CA  1 
ATOM   578  C  C   . TRP A 1 79  ? -9.096  -0.517  -3.986  1.00 22.53 ? 79  TRP A C   1 
ATOM   579  O  O   . TRP A 1 79  ? -8.476  -0.355  -5.034  1.00 22.81 ? 79  TRP A O   1 
ATOM   580  C  CB  . TRP A 1 79  ? -11.061 0.664   -4.959  1.00 22.59 ? 79  TRP A CB  1 
ATOM   581  C  CG  . TRP A 1 79  ? -12.321 1.470   -4.791  1.00 23.97 ? 79  TRP A CG  1 
ATOM   582  C  CD1 . TRP A 1 79  ? -12.751 2.482   -5.600  1.00 23.63 ? 79  TRP A CD1 1 
ATOM   583  C  CD2 . TRP A 1 79  ? -13.345 1.286   -3.802  1.00 22.67 ? 79  TRP A CD2 1 
ATOM   584  N  NE1 . TRP A 1 79  ? -13.976 2.936   -5.182  1.00 24.04 ? 79  TRP A NE1 1 
ATOM   585  C  CE2 . TRP A 1 79  ? -14.367 2.222   -4.082  1.00 23.71 ? 79  TRP A CE2 1 
ATOM   586  C  CE3 . TRP A 1 79  ? -13.501 0.421   -2.709  1.00 22.64 ? 79  TRP A CE3 1 
ATOM   587  C  CZ2 . TRP A 1 79  ? -15.528 2.321   -3.309  1.00 23.78 ? 79  TRP A CZ2 1 
ATOM   588  C  CZ3 . TRP A 1 79  ? -14.654 0.516   -1.941  1.00 24.25 ? 79  TRP A CZ3 1 
ATOM   589  C  CH2 . TRP A 1 79  ? -15.655 1.463   -2.245  1.00 26.34 ? 79  TRP A CH2 1 
ATOM   590  N  N   . HIS A 1 80  ? -8.772  -1.460  -3.104  1.00 22.21 ? 80  HIS A N   1 
ATOM   591  C  CA  . HIS A 1 80  ? -7.604  -2.305  -3.342  1.00 23.77 ? 80  HIS A CA  1 
ATOM   592  C  C   . HIS A 1 80  ? -7.642  -3.711  -2.756  1.00 24.51 ? 80  HIS A C   1 
ATOM   593  O  O   . HIS A 1 80  ? -6.938  -4.595  -3.244  1.00 24.55 ? 80  HIS A O   1 
ATOM   594  C  CB  . HIS A 1 80  ? -6.364  -1.592  -2.803  1.00 22.83 ? 80  HIS A CB  1 
ATOM   595  C  CG  . HIS A 1 80  ? -6.442  -1.292  -1.338  1.00 22.18 ? 80  HIS A CG  1 
ATOM   596  N  ND1 . HIS A 1 80  ? -5.998  -2.170  -0.373  1.00 22.56 ? 80  HIS A ND1 1 
ATOM   597  C  CD2 . HIS A 1 80  ? -6.990  -0.247  -0.670  1.00 21.66 ? 80  HIS A CD2 1 
ATOM   598  C  CE1 . HIS A 1 80  ? -6.272  -1.682  0.825   1.00 21.73 ? 80  HIS A CE1 1 
ATOM   599  N  NE2 . HIS A 1 80  ? -6.874  -0.516  0.671   1.00 20.92 ? 80  HIS A NE2 1 
ATOM   600  N  N   . ALA A 1 81  ? -8.454  -3.916  -1.721  1.00 24.72 ? 81  ALA A N   1 
ATOM   601  C  CA  . ALA A 1 81  ? -8.535  -5.210  -1.045  1.00 26.12 ? 81  ALA A CA  1 
ATOM   602  C  C   . ALA A 1 81  ? -9.437  -6.246  -1.713  1.00 27.92 ? 81  ALA A C   1 
ATOM   603  O  O   . ALA A 1 81  ? -9.329  -7.438  -1.428  1.00 28.01 ? 81  ALA A O   1 
ATOM   604  C  CB  . ALA A 1 81  ? -8.966  -5.001  0.406   1.00 25.32 ? 81  ALA A CB  1 
ATOM   605  N  N   . GLY A 1 82  ? -10.333 -5.791  -2.586  1.00 29.24 ? 82  GLY A N   1 
ATOM   606  C  CA  . GLY A 1 82  ? -11.222 -6.706  -3.280  1.00 29.10 ? 82  GLY A CA  1 
ATOM   607  C  C   . GLY A 1 82  ? -12.308 -7.349  -2.436  1.00 30.46 ? 82  GLY A C   1 
ATOM   608  O  O   . GLY A 1 82  ? -12.815 -8.415  -2.788  1.00 30.30 ? 82  GLY A O   1 
ATOM   609  N  N   . ASP A 1 83  ? -12.682 -6.716  -1.328  1.00 28.91 ? 83  ASP A N   1 
ATOM   610  C  CA  . ASP A 1 83  ? -13.723 -7.277  -0.478  1.00 27.79 ? 83  ASP A CA  1 
ATOM   611  C  C   . ASP A 1 83  ? -14.939 -6.354  -0.364  1.00 28.44 ? 83  ASP A C   1 
ATOM   612  O  O   . ASP A 1 83  ? -15.591 -6.293  0.676   1.00 28.22 ? 83  ASP A O   1 
ATOM   613  C  CB  . ASP A 1 83  ? -13.155 -7.605  0.909   1.00 27.26 ? 83  ASP A CB  1 
ATOM   614  C  CG  . ASP A 1 83  ? -12.718 -6.370  1.682   1.00 27.36 ? 83  ASP A CG  1 
ATOM   615  O  OD1 . ASP A 1 83  ? -12.409 -5.330  1.057   1.00 26.08 ? 83  ASP A OD1 1 
ATOM   616  O  OD2 . ASP A 1 83  ? -12.670 -6.453  2.929   1.00 26.11 ? 83  ASP A OD2 1 
ATOM   617  N  N   . GLY A 1 84  ? -15.239 -5.650  -1.451  1.00 28.79 ? 84  GLY A N   1 
ATOM   618  C  CA  . GLY A 1 84  ? -16.375 -4.743  -1.471  1.00 30.17 ? 84  GLY A CA  1 
ATOM   619  C  C   . GLY A 1 84  ? -16.298 -3.662  -0.407  1.00 31.32 ? 84  GLY A C   1 
ATOM   620  O  O   . GLY A 1 84  ? -15.368 -2.850  -0.393  1.00 30.99 ? 84  GLY A O   1 
ATOM   621  N  N   . ASN A 1 85  ? -17.278 -3.655  0.491   1.00 29.98 ? 85  ASN A N   1 
ATOM   622  C  CA  . ASN A 1 85  ? -17.324 -2.673  1.564   1.00 30.88 ? 85  ASN A CA  1 
ATOM   623  C  C   . ASN A 1 85  ? -16.831 -3.262  2.877   1.00 29.20 ? 85  ASN A C   1 
ATOM   624  O  O   . ASN A 1 85  ? -17.148 -2.751  3.949   1.00 29.07 ? 85  ASN A O   1 
ATOM   625  C  CB  . ASN A 1 85  ? -18.748 -2.138  1.726   1.00 32.50 ? 85  ASN A CB  1 
ATOM   626  C  CG  . ASN A 1 85  ? -19.091 -1.082  0.692   1.00 35.11 ? 85  ASN A CG  1 
ATOM   627  O  OD1 . ASN A 1 85  ? -20.245 -0.936  0.296   1.00 36.39 ? 85  ASN A OD1 1 
ATOM   628  N  ND2 . ASN A 1 85  ? -18.085 -0.328  0.262   1.00 35.04 ? 85  ASN A ND2 1 
ATOM   629  N  N   . GLY A 1 86  ? -16.055 -4.339  2.783   1.00 28.77 ? 86  GLY A N   1 
ATOM   630  C  CA  . GLY A 1 86  ? -15.504 -4.976  3.966   1.00 25.18 ? 86  GLY A CA  1 
ATOM   631  C  C   . GLY A 1 86  ? -14.384 -4.128  4.548   1.00 25.24 ? 86  GLY A C   1 
ATOM   632  O  O   . GLY A 1 86  ? -14.051 -3.076  4.003   1.00 25.37 ? 86  GLY A O   1 
ATOM   633  N  N   . SER A 1 87  ? -13.786 -4.594  5.639   1.00 24.24 ? 87  SER A N   1 
ATOM   634  C  CA  . SER A 1 87  ? -12.720 -3.859  6.310   1.00 24.71 ? 87  SER A CA  1 
ATOM   635  C  C   . SER A 1 87  ? -11.447 -3.637  5.499   1.00 24.05 ? 87  SER A C   1 
ATOM   636  O  O   . SER A 1 87  ? -10.692 -2.706  5.775   1.00 22.90 ? 87  SER A O   1 
ATOM   637  C  CB  . SER A 1 87  ? -12.371 -4.550  7.628   1.00 24.75 ? 87  SER A CB  1 
ATOM   638  O  OG  . SER A 1 87  ? -13.495 -4.562  8.488   1.00 28.45 ? 87  SER A OG  1 
ATOM   639  N  N   . GLY A 1 88  ? -11.201 -4.493  4.513   1.00 24.41 ? 88  GLY A N   1 
ATOM   640  C  CA  . GLY A 1 88  ? -10.010 -4.328  3.699   1.00 22.49 ? 88  GLY A CA  1 
ATOM   641  C  C   . GLY A 1 88  ? -10.068 -2.993  2.983   1.00 22.94 ? 88  GLY A C   1 
ATOM   642  O  O   . GLY A 1 88  ? -9.170  -2.158  3.107   1.00 21.42 ? 88  GLY A O   1 
ATOM   643  N  N   . ASN A 1 89  ? -11.140 -2.786  2.232   1.00 22.28 ? 89  ASN A N   1 
ATOM   644  C  CA  . ASN A 1 89  ? -11.310 -1.536  1.510   1.00 22.88 ? 89  ASN A CA  1 
ATOM   645  C  C   . ASN A 1 89  ? -11.742 -0.367  2.394   1.00 23.23 ? 89  ASN A C   1 
ATOM   646  O  O   . ASN A 1 89  ? -11.212 0.736   2.265   1.00 23.97 ? 89  ASN A O   1 
ATOM   647  C  CB  . ASN A 1 89  ? -12.330 -1.698  0.384   1.00 20.86 ? 89  ASN A CB  1 
ATOM   648  C  CG  . ASN A 1 89  ? -11.742 -2.372  -0.842  1.00 22.61 ? 89  ASN A CG  1 
ATOM   649  O  OD1 . ASN A 1 89  ? -10.542 -2.267  -1.109  1.00 23.17 ? 89  ASN A OD1 1 
ATOM   650  N  ND2 . ASN A 1 89  ? -12.588 -3.045  -1.607  1.00 19.86 ? 89  ASN A ND2 1 
ATOM   651  N  N   . ARG A 1 90  ? -12.683 -0.613  3.301   1.00 23.25 ? 90  ARG A N   1 
ATOM   652  C  CA  . ARG A 1 90  ? -13.217 0.453   4.149   1.00 23.98 ? 90  ARG A CA  1 
ATOM   653  C  C   . ARG A 1 90  ? -12.566 0.704   5.507   1.00 24.29 ? 90  ARG A C   1 
ATOM   654  O  O   . ARG A 1 90  ? -12.927 1.663   6.189   1.00 24.11 ? 90  ARG A O   1 
ATOM   655  C  CB  . ARG A 1 90  ? -14.722 0.231   4.344   1.00 23.03 ? 90  ARG A CB  1 
ATOM   656  C  CG  . ARG A 1 90  ? -15.520 0.189   3.029   1.00 23.57 ? 90  ARG A CG  1 
ATOM   657  C  CD  . ARG A 1 90  ? -15.541 1.549   2.331   1.00 22.48 ? 90  ARG A CD  1 
ATOM   658  N  NE  . ARG A 1 90  ? -16.248 2.565   3.109   1.00 24.69 ? 90  ARG A NE  1 
ATOM   659  C  CZ  . ARG A 1 90  ? -17.575 2.702   3.146   1.00 25.52 ? 90  ARG A CZ  1 
ATOM   660  N  NH1 . ARG A 1 90  ? -18.357 1.893   2.442   1.00 21.92 ? 90  ARG A NH1 1 
ATOM   661  N  NH2 . ARG A 1 90  ? -18.124 3.645   3.902   1.00 22.12 ? 90  ARG A NH2 1 
ATOM   662  N  N   . ALA A 1 91  ? -11.613 -0.130  5.909   1.00 23.66 ? 91  ALA A N   1 
ATOM   663  C  CA  . ALA A 1 91  ? -10.975 0.078   7.208   1.00 23.74 ? 91  ALA A CA  1 
ATOM   664  C  C   . ALA A 1 91  ? -9.494  -0.270  7.260   1.00 23.51 ? 91  ALA A C   1 
ATOM   665  O  O   . ALA A 1 91  ? -8.997  -0.709  8.298   1.00 25.30 ? 91  ALA A O   1 
ATOM   666  C  CB  . ALA A 1 91  ? -11.725 -0.703  8.296   1.00 23.38 ? 91  ALA A CB  1 
ATOM   667  N  N   . SER A 1 92  ? -8.781  -0.094  6.155   1.00 21.65 ? 92  SER A N   1 
ATOM   668  C  CA  . SER A 1 92  ? -7.355  -0.385  6.177   1.00 21.40 ? 92  SER A CA  1 
ATOM   669  C  C   . SER A 1 92  ? -6.583  0.542   5.263   1.00 20.29 ? 92  SER A C   1 
ATOM   670  O  O   . SER A 1 92  ? -7.129  1.099   4.309   1.00 19.05 ? 92  SER A O   1 
ATOM   671  C  CB  . SER A 1 92  ? -7.074  -1.846  5.782   1.00 20.91 ? 92  SER A CB  1 
ATOM   672  O  OG  . SER A 1 92  ? -6.979  -2.018  4.374   1.00 21.21 ? 92  SER A OG  1 
ATOM   673  N  N   . ILE A 1 93  ? -5.309  0.715   5.588   1.00 20.37 ? 93  ILE A N   1 
ATOM   674  C  CA  . ILE A 1 93  ? -4.415  1.542   4.801   1.00 19.03 ? 93  ILE A CA  1 
ATOM   675  C  C   . ILE A 1 93  ? -3.715  0.599   3.830   1.00 19.72 ? 93  ILE A C   1 
ATOM   676  O  O   . ILE A 1 93  ? -3.076  -0.368  4.252   1.00 21.02 ? 93  ILE A O   1 
ATOM   677  C  CB  . ILE A 1 93  ? -3.365  2.225   5.695   1.00 20.13 ? 93  ILE A CB  1 
ATOM   678  C  CG1 . ILE A 1 93  ? -4.063  3.139   6.708   1.00 21.20 ? 93  ILE A CG1 1 
ATOM   679  C  CG2 . ILE A 1 93  ? -2.387  3.022   4.842   1.00 19.73 ? 93  ILE A CG2 1 
ATOM   680  C  CD1 . ILE A 1 93  ? -3.128  3.735   7.749   1.00 21.94 ? 93  ILE A CD1 1 
ATOM   681  N  N   . GLY A 1 94  ? -3.861  0.864   2.536   1.00 18.29 ? 94  GLY A N   1 
ATOM   682  C  CA  . GLY A 1 94  ? -3.233  0.026   1.531   1.00 19.31 ? 94  GLY A CA  1 
ATOM   683  C  C   . GLY A 1 94  ? -1.828  0.484   1.168   1.00 19.65 ? 94  GLY A C   1 
ATOM   684  O  O   . GLY A 1 94  ? -1.602  1.673   0.895   1.00 16.77 ? 94  GLY A O   1 
ATOM   685  N  N   . ILE A 1 95  ? -0.887  -0.460  1.170   1.00 17.76 ? 95  ILE A N   1 
ATOM   686  C  CA  . ILE A 1 95  ? 0.507   -0.176  0.829   1.00 19.70 ? 95  ILE A CA  1 
ATOM   687  C  C   . ILE A 1 95  ? 1.008   -1.079  -0.297  1.00 19.96 ? 95  ILE A C   1 
ATOM   688  O  O   . ILE A 1 95  ? 0.854   -2.302  -0.246  1.00 18.87 ? 95  ILE A O   1 
ATOM   689  C  CB  . ILE A 1 95  ? 1.465   -0.379  2.043   1.00 21.96 ? 95  ILE A CB  1 
ATOM   690  C  CG1 . ILE A 1 95  ? 1.114   0.588   3.178   1.00 24.09 ? 95  ILE A CG1 1 
ATOM   691  C  CG2 . ILE A 1 95  ? 2.909   -0.115  1.619   1.00 17.58 ? 95  ILE A CG2 1 
ATOM   692  C  CD1 . ILE A 1 95  ? -0.101  0.188   3.964   1.00 34.26 ? 95  ILE A CD1 1 
ATOM   693  N  N   . GLU A 1 96  ? 1.608   -0.472  -1.314  1.00 18.35 ? 96  GLU A N   1 
ATOM   694  C  CA  . GLU A 1 96  ? 2.158   -1.236  -2.429  1.00 17.27 ? 96  GLU A CA  1 
ATOM   695  C  C   . GLU A 1 96  ? 3.676   -1.163  -2.368  1.00 17.32 ? 96  GLU A C   1 
ATOM   696  O  O   . GLU A 1 96  ? 4.241   -0.099  -2.107  1.00 17.99 ? 96  GLU A O   1 
ATOM   697  C  CB  . GLU A 1 96  ? 1.673   -0.673  -3.771  1.00 15.45 ? 96  GLU A CB  1 
ATOM   698  C  CG  . GLU A 1 96  ? 0.306   -1.179  -4.218  1.00 17.54 ? 96  GLU A CG  1 
ATOM   699  C  CD  . GLU A 1 96  ? 0.366   -2.554  -4.881  1.00 20.11 ? 96  GLU A CD  1 
ATOM   700  O  OE1 . GLU A 1 96  ? 1.420   -3.222  -4.795  1.00 17.75 ? 96  GLU A OE1 1 
ATOM   701  O  OE2 . GLU A 1 96  ? -0.649  -2.971  -5.483  1.00 18.80 ? 96  GLU A OE2 1 
ATOM   702  N  N   . ILE A 1 97  ? 4.332   -2.295  -2.598  1.00 17.12 ? 97  ILE A N   1 
ATOM   703  C  CA  . ILE A 1 97  ? 5.790   -2.349  -2.602  1.00 17.53 ? 97  ILE A CA  1 
ATOM   704  C  C   . ILE A 1 97  ? 6.216   -2.653  -4.033  1.00 17.21 ? 97  ILE A C   1 
ATOM   705  O  O   . ILE A 1 97  ? 5.783   -3.642  -4.619  1.00 17.24 ? 97  ILE A O   1 
ATOM   706  C  CB  . ILE A 1 97  ? 6.322   -3.446  -1.652  1.00 18.88 ? 97  ILE A CB  1 
ATOM   707  C  CG1 . ILE A 1 97  ? 5.872   -3.151  -0.219  1.00 17.64 ? 97  ILE A CG1 1 
ATOM   708  C  CG2 . ILE A 1 97  ? 7.854   -3.483  -1.698  1.00 15.28 ? 97  ILE A CG2 1 
ATOM   709  C  CD1 . ILE A 1 97  ? 6.335   -4.183  0.800   1.00 20.42 ? 97  ILE A CD1 1 
ATOM   710  N  N   . CYS A 1 98  ? 7.058   -1.790  -4.595  1.00 18.15 ? 98  CYS A N   1 
ATOM   711  C  CA  . CYS A 1 98  ? 7.520   -1.939  -5.973  1.00 18.36 ? 98  CYS A CA  1 
ATOM   712  C  C   . CYS A 1 98  ? 8.516   -3.077  -6.213  1.00 19.11 ? 98  CYS A C   1 
ATOM   713  O  O   . CYS A 1 98  ? 9.218   -3.515  -5.298  1.00 17.78 ? 98  CYS A O   1 
ATOM   714  C  CB  . CYS A 1 98  ? 8.131   -0.620  -6.457  1.00 17.25 ? 98  CYS A CB  1 
ATOM   715  S  SG  . CYS A 1 98  ? 6.969   0.788   -6.507  1.00 19.29 ? 98  CYS A SG  1 
ATOM   716  N  N   . GLU A 1 99  ? 8.561   -3.535  -7.461  1.00 18.60 ? 99  GLU A N   1 
ATOM   717  C  CA  . GLU A 1 99  ? 9.450   -4.609  -7.887  1.00 20.37 ? 99  GLU A CA  1 
ATOM   718  C  C   . GLU A 1 99  ? 10.252  -4.177  -9.118  1.00 21.17 ? 99  GLU A C   1 
ATOM   719  O  O   . GLU A 1 99  ? 10.802  -5.024  -9.826  1.00 19.59 ? 99  GLU A O   1 
ATOM   720  C  CB  . GLU A 1 99  ? 8.635   -5.856  -8.252  1.00 20.88 ? 99  GLU A CB  1 
ATOM   721  C  CG  . GLU A 1 99  ? 7.811   -6.461  -7.116  1.00 22.85 ? 99  GLU A CG  1 
ATOM   722  C  CD  . GLU A 1 99  ? 7.039   -7.695  -7.559  1.00 23.83 ? 99  GLU A CD  1 
ATOM   723  O  OE1 . GLU A 1 99  ? 7.640   -8.555  -8.235  1.00 24.77 ? 99  GLU A OE1 1 
ATOM   724  O  OE2 . GLU A 1 99  ? 5.838   -7.813  -7.232  1.00 23.06 ? 99  GLU A OE2 1 
ATOM   725  N  N   . ASN A 1 100 ? 10.312  -2.873  -9.387  1.00 19.50 ? 100 ASN A N   1 
ATOM   726  C  CA  . ASN A 1 100 ? 11.030  -2.388  -10.565 1.00 20.86 ? 100 ASN A CA  1 
ATOM   727  C  C   . ASN A 1 100 ? 12.482  -2.874  -10.654 1.00 22.10 ? 100 ASN A C   1 
ATOM   728  O  O   . ASN A 1 100 ? 13.208  -2.896  -9.663  1.00 22.24 ? 100 ASN A O   1 
ATOM   729  C  CB  . ASN A 1 100 ? 10.964  -0.854  -10.643 1.00 20.02 ? 100 ASN A CB  1 
ATOM   730  C  CG  . ASN A 1 100 ? 11.432  -0.168  -9.371  1.00 21.22 ? 100 ASN A CG  1 
ATOM   731  O  OD1 . ASN A 1 100 ? 10.923  -0.430  -8.277  1.00 20.09 ? 100 ASN A OD1 1 
ATOM   732  N  ND2 . ASN A 1 100 ? 12.401  0.730   -9.509  1.00 20.40 ? 100 ASN A ND2 1 
ATOM   733  N  N   . ALA A 1 101 ? 12.886  -3.272  -11.858 1.00 23.55 ? 101 ALA A N   1 
ATOM   734  C  CA  . ALA A 1 101 ? 14.233  -3.779  -12.107 1.00 24.79 ? 101 ALA A CA  1 
ATOM   735  C  C   . ALA A 1 101 ? 15.339  -2.842  -11.638 1.00 26.94 ? 101 ALA A C   1 
ATOM   736  O  O   . ALA A 1 101 ? 16.362  -3.301  -11.134 1.00 27.00 ? 101 ALA A O   1 
ATOM   737  C  CB  . ALA A 1 101 ? 14.405  -4.072  -13.589 1.00 25.54 ? 101 ALA A CB  1 
ATOM   738  N  N   . ASP A 1 102 ? 15.144  -1.535  -11.804 1.00 27.51 ? 102 ASP A N   1 
ATOM   739  C  CA  . ASP A 1 102 ? 16.161  -0.573  -11.389 1.00 29.14 ? 102 ASP A CA  1 
ATOM   740  C  C   . ASP A 1 102 ? 16.139  -0.257  -9.894  1.00 31.18 ? 102 ASP A C   1 
ATOM   741  O  O   . ASP A 1 102 ? 16.800  0.679   -9.439  1.00 32.16 ? 102 ASP A O   1 
ATOM   742  C  CB  . ASP A 1 102 ? 16.045  0.731   -12.199 1.00 27.44 ? 102 ASP A CB  1 
ATOM   743  C  CG  . ASP A 1 102 ? 14.638  1.313   -12.204 1.00 29.10 ? 102 ASP A CG  1 
ATOM   744  O  OD1 . ASP A 1 102 ? 14.519  2.557   -12.229 1.00 29.56 ? 102 ASP A OD1 1 
ATOM   745  O  OD2 . ASP A 1 102 ? 13.655  0.543   -12.205 1.00 26.23 ? 102 ASP A OD2 1 
ATOM   746  N  N   . GLY A 1 103 ? 15.387  -1.047  -9.131  1.00 31.04 ? 103 GLY A N   1 
ATOM   747  C  CA  . GLY A 1 103 ? 15.307  -0.828  -7.698  1.00 29.33 ? 103 GLY A CA  1 
ATOM   748  C  C   . GLY A 1 103 ? 15.711  -2.045  -6.888  1.00 30.14 ? 103 GLY A C   1 
ATOM   749  O  O   . GLY A 1 103 ? 15.740  -3.162  -7.398  1.00 31.48 ? 103 GLY A O   1 
ATOM   750  N  N   . ASP A 1 104 ? 16.019  -1.824  -5.617  1.00 31.65 ? 104 ASP A N   1 
ATOM   751  C  CA  . ASP A 1 104 ? 16.428  -2.892  -4.706  1.00 31.22 ? 104 ASP A CA  1 
ATOM   752  C  C   . ASP A 1 104 ? 15.205  -3.323  -3.888  1.00 29.62 ? 104 ASP A C   1 
ATOM   753  O  O   . ASP A 1 104 ? 14.737  -2.577  -3.029  1.00 29.18 ? 104 ASP A O   1 
ATOM   754  C  CB  . ASP A 1 104 ? 17.518  -2.362  -3.771  1.00 35.37 ? 104 ASP A CB  1 
ATOM   755  C  CG  . ASP A 1 104 ? 18.185  -3.454  -2.960  1.00 38.24 ? 104 ASP A CG  1 
ATOM   756  O  OD1 . ASP A 1 104 ? 17.492  -4.390  -2.514  1.00 40.06 ? 104 ASP A OD1 1 
ATOM   757  O  OD2 . ASP A 1 104 ? 19.412  -3.365  -2.755  1.00 44.11 ? 104 ASP A OD2 1 
ATOM   758  N  N   . PHE A 1 105 ? 14.692  -4.520  -4.144  1.00 28.74 ? 105 PHE A N   1 
ATOM   759  C  CA  . PHE A 1 105 ? 13.516  -4.999  -3.424  1.00 29.81 ? 105 PHE A CA  1 
ATOM   760  C  C   . PHE A 1 105 ? 13.746  -5.098  -1.919  1.00 31.61 ? 105 PHE A C   1 
ATOM   761  O  O   . PHE A 1 105 ? 12.853  -4.791  -1.123  1.00 31.05 ? 105 PHE A O   1 
ATOM   762  C  CB  . PHE A 1 105 ? 13.067  -6.363  -3.963  1.00 29.16 ? 105 PHE A CB  1 
ATOM   763  C  CG  . PHE A 1 105 ? 11.706  -6.790  -3.472  1.00 28.70 ? 105 PHE A CG  1 
ATOM   764  C  CD1 . PHE A 1 105 ? 10.563  -6.093  -3.857  1.00 28.81 ? 105 PHE A CD1 1 
ATOM   765  C  CD2 . PHE A 1 105 ? 11.568  -7.877  -2.608  1.00 29.82 ? 105 PHE A CD2 1 
ATOM   766  C  CE1 . PHE A 1 105 ? 9.301   -6.468  -3.392  1.00 26.24 ? 105 PHE A CE1 1 
ATOM   767  C  CE2 . PHE A 1 105 ? 10.308  -8.261  -2.135  1.00 28.48 ? 105 PHE A CE2 1 
ATOM   768  C  CZ  . PHE A 1 105 ? 9.173   -7.554  -2.530  1.00 29.44 ? 105 PHE A CZ  1 
ATOM   769  N  N   . ALA A 1 106 ? 14.943  -5.527  -1.530  1.00 29.85 ? 106 ALA A N   1 
ATOM   770  C  CA  . ALA A 1 106 ? 15.271  -5.661  -0.117  1.00 30.36 ? 106 ALA A CA  1 
ATOM   771  C  C   . ALA A 1 106 ? 15.152  -4.319  0.591   1.00 30.16 ? 106 ALA A C   1 
ATOM   772  O  O   . ALA A 1 106 ? 14.625  -4.240  1.700   1.00 30.87 ? 106 ALA A O   1 
ATOM   773  C  CB  . ALA A 1 106 ? 16.693  -6.216  0.048   1.00 30.95 ? 106 ALA A CB  1 
ATOM   774  N  N   . LYS A 1 107 ? 15.643  -3.270  -0.059  1.00 30.29 ? 107 LYS A N   1 
ATOM   775  C  CA  . LYS A 1 107 ? 15.607  -1.928  0.500   1.00 31.56 ? 107 LYS A CA  1 
ATOM   776  C  C   . LYS A 1 107 ? 14.217  -1.298  0.403   1.00 31.04 ? 107 LYS A C   1 
ATOM   777  O  O   . LYS A 1 107 ? 13.907  -0.356  1.131   1.00 31.24 ? 107 LYS A O   1 
ATOM   778  C  CB  . LYS A 1 107 ? 16.640  -1.047  -0.207  1.00 34.51 ? 107 LYS A CB  1 
ATOM   779  C  CG  . LYS A 1 107 ? 16.734  0.360   0.350   1.00 40.39 ? 107 LYS A CG  1 
ATOM   780  C  CD  . LYS A 1 107 ? 18.184  0.769   0.606   1.00 44.27 ? 107 LYS A CD  1 
ATOM   781  C  CE  . LYS A 1 107 ? 19.001  0.828   -0.679  1.00 47.15 ? 107 LYS A CE  1 
ATOM   782  N  NZ  . LYS A 1 107 ? 20.420  1.222   -0.412  1.00 48.41 ? 107 LYS A NZ  1 
ATOM   783  N  N   . ALA A 1 108 ? 13.390  -1.807  -0.504  1.00 29.66 ? 108 ALA A N   1 
ATOM   784  C  CA  . ALA A 1 108 ? 12.032  -1.294  -0.653  1.00 27.86 ? 108 ALA A CA  1 
ATOM   785  C  C   . ALA A 1 108 ? 11.221  -1.910  0.477   1.00 26.66 ? 108 ALA A C   1 
ATOM   786  O  O   . ALA A 1 108 ? 10.334  -1.279  1.046   1.00 25.14 ? 108 ALA A O   1 
ATOM   787  C  CB  . ALA A 1 108 ? 11.452  -1.706  -2.000  1.00 24.66 ? 108 ALA A CB  1 
ATOM   788  N  N   . THR A 1 109 ? 11.544  -3.157  0.798   1.00 29.09 ? 109 THR A N   1 
ATOM   789  C  CA  . THR A 1 109 ? 10.870  -3.880  1.863   1.00 29.66 ? 109 THR A CA  1 
ATOM   790  C  C   . THR A 1 109 ? 11.202  -3.237  3.202   1.00 31.24 ? 109 THR A C   1 
ATOM   791  O  O   . THR A 1 109 ? 10.329  -3.081  4.058   1.00 31.90 ? 109 THR A O   1 
ATOM   792  C  CB  . THR A 1 109 ? 11.299  -5.355  1.879   1.00 29.13 ? 109 THR A CB  1 
ATOM   793  O  OG1 . THR A 1 109 ? 10.815  -6.001  0.695   1.00 25.82 ? 109 THR A OG1 1 
ATOM   794  C  CG2 . THR A 1 109 ? 10.742  -6.066  3.103   1.00 27.49 ? 109 THR A CG2 1 
ATOM   795  N  N   . ALA A 1 110 ? 12.464  -2.858  3.372   1.00 32.10 ? 110 ALA A N   1 
ATOM   796  C  CA  . ALA A 1 110 ? 12.916  -2.223  4.603   1.00 32.84 ? 110 ALA A CA  1 
ATOM   797  C  C   . ALA A 1 110 ? 12.203  -0.893  4.790   1.00 32.98 ? 110 ALA A C   1 
ATOM   798  O  O   . ALA A 1 110 ? 11.821  -0.535  5.905   1.00 32.87 ? 110 ALA A O   1 
ATOM   799  C  CB  . ALA A 1 110 ? 14.422  -2.003  4.557   1.00 33.92 ? 110 ALA A CB  1 
ATOM   800  N  N   . ASN A 1 111 ? 12.033  -0.157  3.695   1.00 32.96 ? 111 ASN A N   1 
ATOM   801  C  CA  . ASN A 1 111 ? 11.354  1.130   3.753   1.00 32.79 ? 111 ASN A CA  1 
ATOM   802  C  C   . ASN A 1 111 ? 9.883   0.941   4.107   1.00 31.63 ? 111 ASN A C   1 
ATOM   803  O  O   . ASN A 1 111 ? 9.295   1.764   4.810   1.00 30.91 ? 111 ASN A O   1 
ATOM   804  C  CB  . ASN A 1 111 ? 11.472  1.869   2.415   1.00 33.58 ? 111 ASN A CB  1 
ATOM   805  C  CG  . ASN A 1 111 ? 12.893  2.313   2.116   1.00 36.60 ? 111 ASN A CG  1 
ATOM   806  O  OD1 . ASN A 1 111 ? 13.687  2.537   3.031   1.00 37.32 ? 111 ASN A OD1 1 
ATOM   807  N  ND2 . ASN A 1 111 ? 13.215  2.462   0.834   1.00 34.65 ? 111 ASN A ND2 1 
ATOM   808  N  N   . ALA A 1 112 ? 9.296   -0.149  3.618   1.00 30.57 ? 112 ALA A N   1 
ATOM   809  C  CA  . ALA A 1 112 ? 7.897   -0.452  3.882   1.00 30.47 ? 112 ALA A CA  1 
ATOM   810  C  C   . ALA A 1 112 ? 7.697   -0.845  5.345   1.00 30.79 ? 112 ALA A C   1 
ATOM   811  O  O   . ALA A 1 112 ? 6.677   -0.512  5.950   1.00 29.55 ? 112 ALA A O   1 
ATOM   812  C  CB  . ALA A 1 112 ? 7.422   -1.573  2.970   1.00 29.23 ? 112 ALA A CB  1 
ATOM   813  N  N   . GLN A 1 113 ? 8.669   -1.561  5.906   1.00 30.06 ? 113 GLN A N   1 
ATOM   814  C  CA  . GLN A 1 113 ? 8.586   -1.979  7.302   1.00 30.03 ? 113 GLN A CA  1 
ATOM   815  C  C   . GLN A 1 113 ? 8.687   -0.748  8.196   1.00 29.67 ? 113 GLN A C   1 
ATOM   816  O  O   . GLN A 1 113 ? 8.020   -0.664  9.226   1.00 30.83 ? 113 GLN A O   1 
ATOM   817  C  CB  . GLN A 1 113 ? 9.696   -2.990  7.624   1.00 30.09 ? 113 GLN A CB  1 
ATOM   818  C  CG  . GLN A 1 113 ? 9.507   -4.318  6.905   1.00 28.05 ? 113 GLN A CG  1 
ATOM   819  C  CD  . GLN A 1 113 ? 10.684  -5.266  7.061   1.00 29.74 ? 113 GLN A CD  1 
ATOM   820  O  OE1 . GLN A 1 113 ? 11.828  -4.895  6.813   1.00 30.51 ? 113 GLN A OE1 1 
ATOM   821  N  NE2 . GLN A 1 113 ? 10.402  -6.500  7.456   1.00 29.17 ? 113 GLN A NE2 1 
ATOM   822  N  N   . TRP A 1 114 ? 9.510   0.214   7.796   1.00 29.95 ? 114 TRP A N   1 
ATOM   823  C  CA  . TRP A 1 114 ? 9.643   1.444   8.566   1.00 30.86 ? 114 TRP A CA  1 
ATOM   824  C  C   . TRP A 1 114 ? 8.309   2.191   8.542   1.00 30.60 ? 114 TRP A C   1 
ATOM   825  O  O   . TRP A 1 114 ? 7.822   2.655   9.573   1.00 31.68 ? 114 TRP A O   1 
ATOM   826  C  CB  . TRP A 1 114 ? 10.730  2.342   7.976   1.00 33.55 ? 114 TRP A CB  1 
ATOM   827  C  CG  . TRP A 1 114 ? 10.649  3.742   8.510   1.00 37.07 ? 114 TRP A CG  1 
ATOM   828  C  CD1 . TRP A 1 114 ? 11.056  4.178   9.740   1.00 37.19 ? 114 TRP A CD1 1 
ATOM   829  C  CD2 . TRP A 1 114 ? 10.030  4.868   7.870   1.00 38.97 ? 114 TRP A CD2 1 
ATOM   830  N  NE1 . TRP A 1 114 ? 10.724  5.503   9.907   1.00 38.96 ? 114 TRP A NE1 1 
ATOM   831  C  CE2 . TRP A 1 114 ? 10.095  5.951   8.775   1.00 39.44 ? 114 TRP A CE2 1 
ATOM   832  C  CE3 . TRP A 1 114 ? 9.425   5.063   6.620   1.00 38.64 ? 114 TRP A CE3 1 
ATOM   833  C  CZ2 . TRP A 1 114 ? 9.574   7.214   8.471   1.00 39.95 ? 114 TRP A CZ2 1 
ATOM   834  C  CZ3 . TRP A 1 114 ? 8.906   6.319   6.318   1.00 39.88 ? 114 TRP A CZ3 1 
ATOM   835  C  CH2 . TRP A 1 114 ? 8.985   7.378   7.240   1.00 41.01 ? 114 TRP A CH2 1 
ATOM   836  N  N   . LEU A 1 115 ? 7.728   2.310   7.353   1.00 29.59 ? 115 LEU A N   1 
ATOM   837  C  CA  . LEU A 1 115 ? 6.445   2.987   7.185   1.00 28.40 ? 115 LEU A CA  1 
ATOM   838  C  C   . LEU A 1 115 ? 5.367   2.319   8.034   1.00 27.49 ? 115 LEU A C   1 
ATOM   839  O  O   . LEU A 1 115 ? 4.613   2.988   8.738   1.00 27.17 ? 115 LEU A O   1 
ATOM   840  C  CB  . LEU A 1 115 ? 6.022   2.963   5.712   1.00 25.32 ? 115 LEU A CB  1 
ATOM   841  C  CG  . LEU A 1 115 ? 4.614   3.466   5.367   1.00 25.51 ? 115 LEU A CG  1 
ATOM   842  C  CD1 . LEU A 1 115 ? 4.478   4.931   5.759   1.00 23.60 ? 115 LEU A CD1 1 
ATOM   843  C  CD2 . LEU A 1 115 ? 4.354   3.291   3.871   1.00 23.11 ? 115 LEU A CD2 1 
ATOM   844  N  N   . ILE A 1 116 ? 5.297   0.995   7.963   1.00 28.71 ? 116 ILE A N   1 
ATOM   845  C  CA  . ILE A 1 116 ? 4.301   0.250   8.718   1.00 29.45 ? 116 ILE A CA  1 
ATOM   846  C  C   . ILE A 1 116 ? 4.454   0.447   10.224  1.00 32.70 ? 116 ILE A C   1 
ATOM   847  O  O   . ILE A 1 116 ? 3.461   0.596   10.935  1.00 32.12 ? 116 ILE A O   1 
ATOM   848  C  CB  . ILE A 1 116 ? 4.364   -1.248  8.364   1.00 29.37 ? 116 ILE A CB  1 
ATOM   849  C  CG1 . ILE A 1 116 ? 3.922   -1.441  6.907   1.00 29.21 ? 116 ILE A CG1 1 
ATOM   850  C  CG2 . ILE A 1 116 ? 3.467   -2.055  9.298   1.00 27.33 ? 116 ILE A CG2 1 
ATOM   851  C  CD1 . ILE A 1 116 ? 4.115   -2.842  6.382   1.00 28.38 ? 116 ILE A CD1 1 
ATOM   852  N  N   . LYS A 1 117 ? 5.692   0.455   10.713  1.00 34.85 ? 117 LYS A N   1 
ATOM   853  C  CA  . LYS A 1 117 ? 5.935   0.657   12.139  1.00 37.20 ? 117 LYS A CA  1 
ATOM   854  C  C   . LYS A 1 117 ? 5.409   2.029   12.555  1.00 37.04 ? 117 LYS A C   1 
ATOM   855  O  O   . LYS A 1 117 ? 4.774   2.174   13.599  1.00 37.91 ? 117 LYS A O   1 
ATOM   856  C  CB  . LYS A 1 117 ? 7.433   0.587   12.454  1.00 39.91 ? 117 LYS A CB  1 
ATOM   857  C  CG  . LYS A 1 117 ? 7.765   1.018   13.879  1.00 42.67 ? 117 LYS A CG  1 
ATOM   858  C  CD  . LYS A 1 117 ? 9.082   1.781   13.946  1.00 46.85 ? 117 LYS A CD  1 
ATOM   859  C  CE  . LYS A 1 117 ? 10.282  0.849   13.987  1.00 49.18 ? 117 LYS A CE  1 
ATOM   860  N  NZ  . LYS A 1 117 ? 10.415  0.175   15.315  1.00 50.77 ? 117 LYS A NZ  1 
ATOM   861  N  N   . THR A 1 118 ? 5.692   3.032   11.731  1.00 36.22 ? 118 THR A N   1 
ATOM   862  C  CA  . THR A 1 118 ? 5.260   4.398   11.987  1.00 36.94 ? 118 THR A CA  1 
ATOM   863  C  C   . THR A 1 118 ? 3.735   4.509   11.988  1.00 37.42 ? 118 THR A C   1 
ATOM   864  O  O   . THR A 1 118 ? 3.155   5.188   12.832  1.00 37.79 ? 118 THR A O   1 
ATOM   865  C  CB  . THR A 1 118 ? 5.827   5.352   10.923  1.00 37.35 ? 118 THR A CB  1 
ATOM   866  O  OG1 . THR A 1 118 ? 7.254   5.212   10.870  1.00 37.64 ? 118 THR A OG1 1 
ATOM   867  C  CG2 . THR A 1 118 ? 5.476   6.793   11.257  1.00 37.48 ? 118 THR A CG2 1 
ATOM   868  N  N   . LEU A 1 119 ? 3.094   3.839   11.033  1.00 36.80 ? 119 LEU A N   1 
ATOM   869  C  CA  . LEU A 1 119 ? 1.639   3.847   10.918  1.00 35.26 ? 119 LEU A CA  1 
ATOM   870  C  C   . LEU A 1 119 ? 0.983   3.170   12.126  1.00 35.44 ? 119 LEU A C   1 
ATOM   871  O  O   . LEU A 1 119 ? -0.028  3.647   12.643  1.00 33.90 ? 119 LEU A O   1 
ATOM   872  C  CB  . LEU A 1 119 ? 1.224   3.133   9.628   1.00 33.73 ? 119 LEU A CB  1 
ATOM   873  C  CG  . LEU A 1 119 ? 0.770   3.942   8.404   1.00 35.35 ? 119 LEU A CG  1 
ATOM   874  C  CD1 . LEU A 1 119 ? 1.389   5.330   8.383   1.00 33.58 ? 119 LEU A CD1 1 
ATOM   875  C  CD2 . LEU A 1 119 ? 1.132   3.159   7.144   1.00 32.67 ? 119 LEU A CD2 1 
ATOM   876  N  N   . MET A 1 120 ? 1.558   2.054   12.562  1.00 34.86 ? 120 MET A N   1 
ATOM   877  C  CA  . MET A 1 120 ? 1.044   1.316   13.712  1.00 35.83 ? 120 MET A CA  1 
ATOM   878  C  C   . MET A 1 120 ? 0.973   2.206   14.951  1.00 37.57 ? 120 MET A C   1 
ATOM   879  O  O   . MET A 1 120 ? -0.042  2.244   15.649  1.00 38.47 ? 120 MET A O   1 
ATOM   880  C  CB  . MET A 1 120 ? 1.943   0.113   14.007  1.00 35.50 ? 120 MET A CB  1 
ATOM   881  C  CG  . MET A 1 120 ? 1.797   -1.047  13.034  1.00 32.54 ? 120 MET A CG  1 
ATOM   882  S  SD  . MET A 1 120 ? 3.175   -2.212  13.148  1.00 33.09 ? 120 MET A SD  1 
ATOM   883  C  CE  . MET A 1 120 ? 2.840   -3.017  14.735  1.00 33.37 ? 120 MET A CE  1 
ATOM   884  N  N   . ALA A 1 121 ? 2.058   2.926   15.216  1.00 37.67 ? 121 ALA A N   1 
ATOM   885  C  CA  . ALA A 1 121 ? 2.133   3.810   16.371  1.00 39.03 ? 121 ALA A CA  1 
ATOM   886  C  C   . ALA A 1 121 ? 1.231   5.033   16.255  1.00 39.51 ? 121 ALA A C   1 
ATOM   887  O  O   . ALA A 1 121 ? 0.597   5.433   17.229  1.00 40.70 ? 121 ALA A O   1 
ATOM   888  C  CB  . ALA A 1 121 ? 3.574   4.257   16.588  1.00 38.15 ? 121 ALA A CB  1 
ATOM   889  N  N   . GLU A 1 122 ? 1.171   5.623   15.066  1.00 38.93 ? 122 GLU A N   1 
ATOM   890  C  CA  . GLU A 1 122 ? 0.361   6.818   14.859  1.00 39.46 ? 122 GLU A CA  1 
ATOM   891  C  C   . GLU A 1 122 ? -1.145  6.585   14.770  1.00 38.71 ? 122 GLU A C   1 
ATOM   892  O  O   . GLU A 1 122 ? -1.927  7.498   15.025  1.00 38.81 ? 122 GLU A O   1 
ATOM   893  C  CB  . GLU A 1 122 ? 0.828   7.557   13.601  1.00 40.45 ? 122 GLU A CB  1 
ATOM   894  C  CG  . GLU A 1 122 ? 2.315   7.886   13.601  1.00 45.01 ? 122 GLU A CG  1 
ATOM   895  C  CD  . GLU A 1 122 ? 2.727   8.760   12.429  1.00 46.52 ? 122 GLU A CD  1 
ATOM   896  O  OE1 . GLU A 1 122 ? 2.292   8.482   11.291  1.00 49.39 ? 122 GLU A OE1 1 
ATOM   897  O  OE2 . GLU A 1 122 ? 3.494   9.722   12.643  1.00 48.41 ? 122 GLU A OE2 1 
ATOM   898  N  N   . HIS A 1 123 ? -1.551  5.372   14.413  1.00 37.73 ? 123 HIS A N   1 
ATOM   899  C  CA  . HIS A 1 123 ? -2.970  5.056   14.280  1.00 37.91 ? 123 HIS A CA  1 
ATOM   900  C  C   . HIS A 1 123 ? -3.405  3.955   15.236  1.00 37.77 ? 123 HIS A C   1 
ATOM   901  O  O   . HIS A 1 123 ? -4.502  3.400   15.121  1.00 37.96 ? 123 HIS A O   1 
ATOM   902  C  CB  . HIS A 1 123 ? -3.262  4.660   12.832  1.00 37.14 ? 123 HIS A CB  1 
ATOM   903  C  CG  . HIS A 1 123 ? -2.956  5.747   11.849  1.00 36.23 ? 123 HIS A CG  1 
ATOM   904  N  ND1 . HIS A 1 123 ? -3.813  6.801   11.617  1.00 36.80 ? 123 HIS A ND1 1 
ATOM   905  C  CD2 . HIS A 1 123 ? -1.858  5.982   11.092  1.00 35.40 ? 123 HIS A CD2 1 
ATOM   906  C  CE1 . HIS A 1 123 ? -3.256  7.639   10.761  1.00 36.60 ? 123 HIS A CE1 1 
ATOM   907  N  NE2 . HIS A 1 123 ? -2.069  7.166   10.428  1.00 35.74 ? 123 HIS A NE2 1 
ATOM   908  N  N   . ASN A 1 124 ? -2.536  3.650   16.189  1.00 37.79 ? 124 ASN A N   1 
ATOM   909  C  CA  . ASN A 1 124 ? -2.816  2.629   17.183  1.00 39.12 ? 124 ASN A CA  1 
ATOM   910  C  C   . ASN A 1 124 ? -3.304  1.328   16.547  1.00 38.63 ? 124 ASN A C   1 
ATOM   911  O  O   . ASN A 1 124 ? -4.357  0.798   16.905  1.00 38.76 ? 124 ASN A O   1 
ATOM   912  C  CB  . ASN A 1 124 ? -3.851  3.153   18.180  1.00 42.27 ? 124 ASN A CB  1 
ATOM   913  C  CG  . ASN A 1 124 ? -3.953  2.288   19.413  1.00 45.19 ? 124 ASN A CG  1 
ATOM   914  O  OD1 . ASN A 1 124 ? -2.938  1.925   20.011  1.00 47.49 ? 124 ASN A OD1 1 
ATOM   915  N  ND2 . ASN A 1 124 ? -5.178  1.957   19.810  1.00 46.06 ? 124 ASN A ND2 1 
ATOM   916  N  N   . ILE A 1 125 ? -2.520  0.817   15.602  1.00 37.58 ? 125 ILE A N   1 
ATOM   917  C  CA  . ILE A 1 125 ? -2.842  -0.425  14.911  1.00 35.52 ? 125 ILE A CA  1 
ATOM   918  C  C   . ILE A 1 125 ? -1.825  -1.474  15.346  1.00 35.59 ? 125 ILE A C   1 
ATOM   919  O  O   . ILE A 1 125 ? -0.618  -1.232  15.297  1.00 35.17 ? 125 ILE A O   1 
ATOM   920  C  CB  . ILE A 1 125 ? -2.769  -0.233  13.378  1.00 34.95 ? 125 ILE A CB  1 
ATOM   921  C  CG1 . ILE A 1 125 ? -3.823  0.791   12.941  1.00 33.92 ? 125 ILE A CG1 1 
ATOM   922  C  CG2 . ILE A 1 125 ? -2.979  -1.564  12.670  1.00 33.50 ? 125 ILE A CG2 1 
ATOM   923  C  CD1 . ILE A 1 125 ? -3.763  1.159   11.479  1.00 33.18 ? 125 ILE A CD1 1 
ATOM   924  N  N   . SER A 1 126 ? -2.311  -2.637  15.771  1.00 35.71 ? 126 SER A N   1 
ATOM   925  C  CA  . SER A 1 126 ? -1.432  -3.699  16.244  1.00 36.59 ? 126 SER A CA  1 
ATOM   926  C  C   . SER A 1 126 ? -0.790  -4.492  15.114  1.00 36.65 ? 126 SER A C   1 
ATOM   927  O  O   . SER A 1 126 ? -1.285  -4.503  13.987  1.00 36.14 ? 126 SER A O   1 
ATOM   928  C  CB  . SER A 1 126 ? -2.200  -4.657  17.159  1.00 35.59 ? 126 SER A CB  1 
ATOM   929  O  OG  . SER A 1 126 ? -3.089  -5.472  16.418  1.00 37.39 ? 126 SER A OG  1 
ATOM   930  N  N   . LEU A 1 127 ? 0.313   -5.162  15.437  1.00 35.99 ? 127 LEU A N   1 
ATOM   931  C  CA  . LEU A 1 127 ? 1.038   -5.970  14.466  1.00 34.27 ? 127 LEU A CA  1 
ATOM   932  C  C   . LEU A 1 127 ? 0.140   -7.058  13.896  1.00 33.39 ? 127 LEU A C   1 
ATOM   933  O  O   . LEU A 1 127 ? 0.230   -7.396  12.712  1.00 34.26 ? 127 LEU A O   1 
ATOM   934  C  CB  . LEU A 1 127 ? 2.264   -6.617  15.118  1.00 35.38 ? 127 LEU A CB  1 
ATOM   935  C  CG  . LEU A 1 127 ? 3.121   -7.463  14.169  1.00 35.89 ? 127 LEU A CG  1 
ATOM   936  C  CD1 . LEU A 1 127 ? 3.884   -6.550  13.217  1.00 33.50 ? 127 LEU A CD1 1 
ATOM   937  C  CD2 . LEU A 1 127 ? 4.086   -8.322  14.969  1.00 35.53 ? 127 LEU A CD2 1 
ATOM   938  N  N   . ALA A 1 128 ? -0.718  -7.616  14.744  1.00 30.40 ? 128 ALA A N   1 
ATOM   939  C  CA  . ALA A 1 128 ? -1.633  -8.664  14.316  1.00 29.27 ? 128 ALA A CA  1 
ATOM   940  C  C   . ALA A 1 128 ? -2.560  -8.156  13.210  1.00 28.87 ? 128 ALA A C   1 
ATOM   941  O  O   . ALA A 1 128 ? -3.045  -8.935  12.387  1.00 28.08 ? 128 ALA A O   1 
ATOM   942  C  CB  . ALA A 1 128 ? -2.461  -9.160  15.507  1.00 29.30 ? 128 ALA A CB  1 
ATOM   943  N  N   . ASN A 1 129 ? -2.799  -6.849  13.188  1.00 28.12 ? 129 ASN A N   1 
ATOM   944  C  CA  . ASN A 1 129 ? -3.678  -6.271  12.181  1.00 29.09 ? 129 ASN A CA  1 
ATOM   945  C  C   . ASN A 1 129 ? -2.964  -5.804  10.912  1.00 28.08 ? 129 ASN A C   1 
ATOM   946  O  O   . ASN A 1 129 ? -3.544  -5.104  10.085  1.00 26.96 ? 129 ASN A O   1 
ATOM   947  C  CB  . ASN A 1 129 ? -4.508  -5.143  12.802  1.00 31.21 ? 129 ASN A CB  1 
ATOM   948  C  CG  . ASN A 1 129 ? -5.714  -5.673  13.574  1.00 34.27 ? 129 ASN A CG  1 
ATOM   949  O  OD1 . ASN A 1 129 ? -5.698  -6.798  14.073  1.00 35.46 ? 129 ASN A OD1 1 
ATOM   950  N  ND2 . ASN A 1 129 ? -6.756  -4.861  13.679  1.00 37.63 ? 129 ASN A ND2 1 
ATOM   951  N  N   . VAL A 1 130 ? -1.696  -6.180  10.772  1.00 27.34 ? 130 VAL A N   1 
ATOM   952  C  CA  . VAL A 1 130 ? -0.944  -5.859  9.564   1.00 25.77 ? 130 VAL A CA  1 
ATOM   953  C  C   . VAL A 1 130 ? -1.149  -7.131  8.754   1.00 26.20 ? 130 VAL A C   1 
ATOM   954  O  O   . VAL A 1 130 ? -0.596  -8.182  9.083   1.00 27.50 ? 130 VAL A O   1 
ATOM   955  C  CB  . VAL A 1 130 ? 0.557   -5.649  9.843   1.00 26.42 ? 130 VAL A CB  1 
ATOM   956  C  CG1 . VAL A 1 130 ? 1.304   -5.420  8.533   1.00 23.34 ? 130 VAL A CG1 1 
ATOM   957  C  CG2 . VAL A 1 130 ? 0.748   -4.449  10.761  1.00 23.10 ? 130 VAL A CG2 1 
ATOM   958  N  N   . VAL A 1 131 ? -1.965  -7.044  7.710   1.00 24.25 ? 131 VAL A N   1 
ATOM   959  C  CA  . VAL A 1 131 ? -2.281  -8.212  6.905   1.00 23.27 ? 131 VAL A CA  1 
ATOM   960  C  C   . VAL A 1 131 ? -1.952  -8.111  5.424   1.00 23.54 ? 131 VAL A C   1 
ATOM   961  O  O   . VAL A 1 131 ? -1.746  -7.021  4.885   1.00 22.85 ? 131 VAL A O   1 
ATOM   962  C  CB  . VAL A 1 131 ? -3.784  -8.546  7.005   1.00 23.27 ? 131 VAL A CB  1 
ATOM   963  C  CG1 . VAL A 1 131 ? -4.177  -8.787  8.456   1.00 24.32 ? 131 VAL A CG1 1 
ATOM   964  C  CG2 . VAL A 1 131 ? -4.601  -7.406  6.411   1.00 21.19 ? 131 VAL A CG2 1 
ATOM   965  N  N   . PRO A 1 132 ? -1.896  -9.268  4.745   1.00 23.75 ? 132 PRO A N   1 
ATOM   966  C  CA  . PRO A 1 132 ? -1.602  -9.309  3.313   1.00 23.17 ? 132 PRO A CA  1 
ATOM   967  C  C   . PRO A 1 132 ? -2.924  -9.171  2.574   1.00 23.83 ? 132 PRO A C   1 
ATOM   968  O  O   . PRO A 1 132 ? -3.977  -9.516  3.115   1.00 23.59 ? 132 PRO A O   1 
ATOM   969  C  CB  . PRO A 1 132 ? -0.995  -10.693 3.129   1.00 21.14 ? 132 PRO A CB  1 
ATOM   970  C  CG  . PRO A 1 132 ? -1.799  -11.517 4.105   1.00 23.96 ? 132 PRO A CG  1 
ATOM   971  C  CD  . PRO A 1 132 ? -1.839  -10.622 5.332   1.00 23.15 ? 132 PRO A CD  1 
ATOM   972  N  N   . HIS A 1 133 ? -2.871  -8.663  1.350   1.00 21.84 ? 133 HIS A N   1 
ATOM   973  C  CA  . HIS A 1 133 ? -4.071  -8.520  0.543   1.00 21.46 ? 133 HIS A CA  1 
ATOM   974  C  C   . HIS A 1 133 ? -4.835  -9.844  0.565   1.00 23.12 ? 133 HIS A C   1 
ATOM   975  O  O   . HIS A 1 133 ? -6.065  -9.869  0.640   1.00 23.35 ? 133 HIS A O   1 
ATOM   976  C  CB  . HIS A 1 133 ? -3.688  -8.154  -0.899  1.00 16.47 ? 133 HIS A CB  1 
ATOM   977  C  CG  . HIS A 1 133 ? -4.853  -8.059  -1.836  1.00 17.47 ? 133 HIS A CG  1 
ATOM   978  N  ND1 . HIS A 1 133 ? -4.707  -7.772  -3.175  1.00 16.13 ? 133 HIS A ND1 1 
ATOM   979  C  CD2 . HIS A 1 133 ? -6.184  -8.209  -1.630  1.00 18.08 ? 133 HIS A CD2 1 
ATOM   980  C  CE1 . HIS A 1 133 ? -5.894  -7.748  -3.754  1.00 15.58 ? 133 HIS A CE1 1 
ATOM   981  N  NE2 . HIS A 1 133 ? -6.807  -8.011  -2.839  1.00 17.82 ? 133 HIS A NE2 1 
ATOM   982  N  N   . LYS A 1 134 ? -4.093  -10.944 0.513   1.00 24.90 ? 134 LYS A N   1 
ATOM   983  C  CA  . LYS A 1 134 ? -4.682  -12.283 0.497   1.00 25.80 ? 134 LYS A CA  1 
ATOM   984  C  C   . LYS A 1 134 ? -5.707  -12.514 1.605   1.00 25.76 ? 134 LYS A C   1 
ATOM   985  O  O   . LYS A 1 134 ? -6.723  -13.172 1.392   1.00 25.24 ? 134 LYS A O   1 
ATOM   986  C  CB  . LYS A 1 134 ? -3.576  -13.339 0.593   1.00 24.93 ? 134 LYS A CB  1 
ATOM   987  C  CG  . LYS A 1 134 ? -4.076  -14.770 0.478   1.00 25.38 ? 134 LYS A CG  1 
ATOM   988  C  CD  . LYS A 1 134 ? -2.913  -15.756 0.451   1.00 26.54 ? 134 LYS A CD  1 
ATOM   989  C  CE  . LYS A 1 134 ? -3.396  -17.203 0.288   1.00 26.79 ? 134 LYS A CE  1 
ATOM   990  N  NZ  . LYS A 1 134 ? -2.234  -18.140 0.227   1.00 28.73 ? 134 LYS A NZ  1 
ATOM   991  N  N   . TYR A 1 135 ? -5.433  -11.970 2.783   1.00 27.02 ? 135 TYR A N   1 
ATOM   992  C  CA  . TYR A 1 135 ? -6.325  -12.110 3.928   1.00 29.36 ? 135 TYR A CA  1 
ATOM   993  C  C   . TYR A 1 135 ? -7.768  -11.722 3.599   1.00 29.61 ? 135 TYR A C   1 
ATOM   994  O  O   . TYR A 1 135 ? -8.713  -12.400 4.010   1.00 29.35 ? 135 TYR A O   1 
ATOM   995  C  CB  . TYR A 1 135 ? -5.818  -11.243 5.079   1.00 31.03 ? 135 TYR A CB  1 
ATOM   996  C  CG  . TYR A 1 135 ? -6.659  -11.319 6.331   1.00 33.93 ? 135 TYR A CG  1 
ATOM   997  C  CD1 . TYR A 1 135 ? -6.677  -12.473 7.116   1.00 36.39 ? 135 TYR A CD1 1 
ATOM   998  C  CD2 . TYR A 1 135 ? -7.432  -10.231 6.739   1.00 35.00 ? 135 TYR A CD2 1 
ATOM   999  C  CE1 . TYR A 1 135 ? -7.445  -12.540 8.281   1.00 37.12 ? 135 TYR A CE1 1 
ATOM   1000 C  CE2 . TYR A 1 135 ? -8.201  -10.284 7.899   1.00 35.89 ? 135 TYR A CE2 1 
ATOM   1001 C  CZ  . TYR A 1 135 ? -8.202  -11.439 8.665   1.00 38.63 ? 135 TYR A CZ  1 
ATOM   1002 O  OH  . TYR A 1 135 ? -8.952  -11.486 9.817   1.00 39.79 ? 135 TYR A OH  1 
ATOM   1003 N  N   . TRP A 1 136 ? -7.929  -10.636 2.846   1.00 28.58 ? 136 TRP A N   1 
ATOM   1004 C  CA  . TRP A 1 136 ? -9.253  -10.131 2.474   1.00 28.32 ? 136 TRP A CA  1 
ATOM   1005 C  C   . TRP A 1 136 ? -9.884  -10.778 1.243   1.00 29.80 ? 136 TRP A C   1 
ATOM   1006 O  O   . TRP A 1 136 ? -11.109 -10.824 1.121   1.00 30.56 ? 136 TRP A O   1 
ATOM   1007 C  CB  . TRP A 1 136 ? -9.189  -8.621  2.209   1.00 25.25 ? 136 TRP A CB  1 
ATOM   1008 C  CG  . TRP A 1 136 ? -8.575  -7.807  3.304   1.00 23.79 ? 136 TRP A CG  1 
ATOM   1009 C  CD1 . TRP A 1 136 ? -7.434  -7.057  3.226   1.00 23.51 ? 136 TRP A CD1 1 
ATOM   1010 C  CD2 . TRP A 1 136 ? -9.083  -7.629  4.631   1.00 24.83 ? 136 TRP A CD2 1 
ATOM   1011 N  NE1 . TRP A 1 136 ? -7.201  -6.417  4.424   1.00 21.99 ? 136 TRP A NE1 1 
ATOM   1012 C  CE2 . TRP A 1 136 ? -8.199  -6.752  5.303   1.00 24.38 ? 136 TRP A CE2 1 
ATOM   1013 C  CE3 . TRP A 1 136 ? -10.201 -8.125  5.318   1.00 25.88 ? 136 TRP A CE3 1 
ATOM   1014 C  CZ2 . TRP A 1 136 ? -8.399  -6.359  6.632   1.00 24.29 ? 136 TRP A CZ2 1 
ATOM   1015 C  CZ3 . TRP A 1 136 ? -10.402 -7.732  6.644   1.00 25.51 ? 136 TRP A CZ3 1 
ATOM   1016 C  CH2 . TRP A 1 136 ? -9.504  -6.858  7.284   1.00 26.47 ? 136 TRP A CH2 1 
ATOM   1017 N  N   . SER A 1 137 ? -9.064  -11.279 0.328   1.00 31.20 ? 137 SER A N   1 
ATOM   1018 C  CA  . SER A 1 137 ? -9.615  -11.836 -0.900  1.00 32.56 ? 137 SER A CA  1 
ATOM   1019 C  C   . SER A 1 137 ? -9.087  -13.195 -1.335  1.00 31.92 ? 137 SER A C   1 
ATOM   1020 O  O   . SER A 1 137 ? -9.576  -13.755 -2.310  1.00 29.75 ? 137 SER A O   1 
ATOM   1021 C  CB  . SER A 1 137 ? -9.379  -10.843 -2.038  1.00 33.90 ? 137 SER A CB  1 
ATOM   1022 O  OG  . SER A 1 137 ? -7.983  -10.681 -2.244  1.00 34.15 ? 137 SER A OG  1 
ATOM   1023 N  N   . GLY A 1 138 ? -8.085  -13.717 -0.637  1.00 32.59 ? 138 GLY A N   1 
ATOM   1024 C  CA  . GLY A 1 138 ? -7.538  -15.003 -1.023  1.00 34.18 ? 138 GLY A CA  1 
ATOM   1025 C  C   . GLY A 1 138 ? -6.640  -14.886 -2.242  1.00 35.72 ? 138 GLY A C   1 
ATOM   1026 O  O   . GLY A 1 138 ? -6.116  -15.884 -2.737  1.00 36.61 ? 138 GLY A O   1 
ATOM   1027 N  N   . LYS A 1 139 ? -6.456  -13.663 -2.729  1.00 34.64 ? 139 LYS A N   1 
ATOM   1028 C  CA  . LYS A 1 139 ? -5.602  -13.432 -3.887  1.00 34.76 ? 139 LYS A CA  1 
ATOM   1029 C  C   . LYS A 1 139 ? -4.146  -13.649 -3.484  1.00 33.35 ? 139 LYS A C   1 
ATOM   1030 O  O   . LYS A 1 139 ? -3.764  -13.390 -2.343  1.00 31.86 ? 139 LYS A O   1 
ATOM   1031 C  CB  . LYS A 1 139 ? -5.801  -12.009 -4.414  1.00 36.86 ? 139 LYS A CB  1 
ATOM   1032 C  CG  . LYS A 1 139 ? -5.007  -11.686 -5.668  1.00 41.03 ? 139 LYS A CG  1 
ATOM   1033 C  CD  . LYS A 1 139 ? -5.420  -10.336 -6.254  1.00 44.57 ? 139 LYS A CD  1 
ATOM   1034 C  CE  . LYS A 1 139 ? -6.855  -10.366 -6.763  1.00 46.45 ? 139 LYS A CE  1 
ATOM   1035 N  NZ  . LYS A 1 139 ? -7.295  -9.046  -7.302  1.00 49.86 ? 139 LYS A NZ  1 
ATOM   1036 N  N   . GLU A 1 140 ? -3.336  -14.128 -4.421  1.00 32.93 ? 140 GLU A N   1 
ATOM   1037 C  CA  . GLU A 1 140 ? -1.926  -14.392 -4.146  1.00 32.78 ? 140 GLU A CA  1 
ATOM   1038 C  C   . GLU A 1 140 ? -1.091  -13.104 -4.209  1.00 30.93 ? 140 GLU A C   1 
ATOM   1039 O  O   . GLU A 1 140 ? -0.279  -12.909 -5.117  1.00 30.59 ? 140 GLU A O   1 
ATOM   1040 C  CB  . GLU A 1 140 ? -1.398  -15.426 -5.148  1.00 35.84 ? 140 GLU A CB  1 
ATOM   1041 C  CG  . GLU A 1 140 ? -0.620  -16.588 -4.525  1.00 40.90 ? 140 GLU A CG  1 
ATOM   1042 C  CD  . GLU A 1 140 ? -1.423  -17.340 -3.473  1.00 42.92 ? 140 GLU A CD  1 
ATOM   1043 O  OE1 . GLU A 1 140 ? -2.591  -17.690 -3.745  1.00 46.72 ? 140 GLU A OE1 1 
ATOM   1044 O  OE2 . GLU A 1 140 ? -0.884  -17.590 -2.374  1.00 44.95 ? 140 GLU A OE2 1 
ATOM   1045 N  N   . CYS A 1 141 ? -1.308  -12.234 -3.227  1.00 28.81 ? 141 CYS A N   1 
ATOM   1046 C  CA  . CYS A 1 141 ? -0.617  -10.953 -3.116  1.00 25.48 ? 141 CYS A CA  1 
ATOM   1047 C  C   . CYS A 1 141 ? -0.507  -10.681 -1.623  1.00 24.33 ? 141 CYS A C   1 
ATOM   1048 O  O   . CYS A 1 141 ? -1.463  -10.916 -0.885  1.00 24.39 ? 141 CYS A O   1 
ATOM   1049 C  CB  . CYS A 1 141 ? -1.445  -9.851  -3.796  1.00 23.48 ? 141 CYS A CB  1 
ATOM   1050 S  SG  . CYS A 1 141 ? -0.784  -8.171  -3.604  1.00 21.54 ? 141 CYS A SG  1 
ATOM   1051 N  N   . PRO A 1 142 ? 0.645   -10.168 -1.149  1.00 22.28 ? 142 PRO A N   1 
ATOM   1052 C  CA  . PRO A 1 142 ? 1.886   -9.802  -1.847  1.00 23.35 ? 142 PRO A CA  1 
ATOM   1053 C  C   . PRO A 1 142 ? 2.684   -11.034 -2.287  1.00 25.45 ? 142 PRO A C   1 
ATOM   1054 O  O   . PRO A 1 142 ? 3.292   -11.723 -1.468  1.00 23.96 ? 142 PRO A O   1 
ATOM   1055 C  CB  . PRO A 1 142 ? 2.616   -8.962  -0.804  1.00 20.56 ? 142 PRO A CB  1 
ATOM   1056 C  CG  . PRO A 1 142 ? 2.254   -9.652  0.470   1.00 22.12 ? 142 PRO A CG  1 
ATOM   1057 C  CD  . PRO A 1 142 ? 0.777   -9.949  0.302   1.00 21.18 ? 142 PRO A CD  1 
ATOM   1058 N  N   . ARG A 1 143 ? 2.688   -11.287 -3.592  1.00 26.92 ? 143 ARG A N   1 
ATOM   1059 C  CA  . ARG A 1 143 ? 3.347   -12.452 -4.164  1.00 29.63 ? 143 ARG A CA  1 
ATOM   1060 C  C   . ARG A 1 143 ? 4.780   -12.752 -3.727  1.00 29.71 ? 143 ARG A C   1 
ATOM   1061 O  O   . ARG A 1 143 ? 5.161   -13.918 -3.653  1.00 32.25 ? 143 ARG A O   1 
ATOM   1062 C  CB  . ARG A 1 143 ? 3.274   -12.388 -5.697  1.00 30.90 ? 143 ARG A CB  1 
ATOM   1063 C  CG  . ARG A 1 143 ? 4.114   -11.295 -6.345  1.00 31.87 ? 143 ARG A CG  1 
ATOM   1064 C  CD  . ARG A 1 143 ? 4.057   -11.412 -7.859  1.00 32.36 ? 143 ARG A CD  1 
ATOM   1065 N  NE  . ARG A 1 143 ? 5.124   -10.663 -8.517  1.00 32.02 ? 143 ARG A NE  1 
ATOM   1066 C  CZ  . ARG A 1 143 ? 5.357   -10.682 -9.827  1.00 30.24 ? 143 ARG A CZ  1 
ATOM   1067 N  NH1 . ARG A 1 143 ? 4.596   -11.411 -10.631 1.00 28.51 ? 143 ARG A NH1 1 
ATOM   1068 N  NH2 . ARG A 1 143 ? 6.361   -9.980  -10.332 1.00 28.37 ? 143 ARG A NH2 1 
ATOM   1069 N  N   . LYS A 1 144 ? 5.569   -11.725 -3.425  1.00 30.19 ? 144 LYS A N   1 
ATOM   1070 C  CA  . LYS A 1 144 ? 6.958   -11.942 -3.015  1.00 31.37 ? 144 LYS A CA  1 
ATOM   1071 C  C   . LYS A 1 144 ? 7.178   -12.012 -1.508  1.00 31.95 ? 144 LYS A C   1 
ATOM   1072 O  O   . LYS A 1 144 ? 8.302   -12.240 -1.049  1.00 30.37 ? 144 LYS A O   1 
ATOM   1073 C  CB  . LYS A 1 144 ? 7.863   -10.844 -3.583  1.00 31.81 ? 144 LYS A CB  1 
ATOM   1074 C  CG  . LYS A 1 144 ? 7.892   -10.771 -5.097  1.00 34.63 ? 144 LYS A CG  1 
ATOM   1075 C  CD  . LYS A 1 144 ? 9.109   -10.010 -5.584  1.00 36.94 ? 144 LYS A CD  1 
ATOM   1076 C  CE  . LYS A 1 144 ? 10.392  -10.748 -5.218  1.00 38.17 ? 144 LYS A CE  1 
ATOM   1077 N  NZ  . LYS A 1 144 ? 11.590  -10.101 -5.805  1.00 40.13 ? 144 LYS A NZ  1 
ATOM   1078 N  N   . LEU A 1 145 ? 6.115   -11.816 -0.737  1.00 31.82 ? 145 LEU A N   1 
ATOM   1079 C  CA  . LEU A 1 145 ? 6.223   -11.842 0.716   1.00 32.38 ? 145 LEU A CA  1 
ATOM   1080 C  C   . LEU A 1 145 ? 5.364   -12.915 1.387   1.00 31.79 ? 145 LEU A C   1 
ATOM   1081 O  O   . LEU A 1 145 ? 5.538   -13.194 2.570   1.00 32.12 ? 145 LEU A O   1 
ATOM   1082 C  CB  . LEU A 1 145 ? 5.851   -10.467 1.285   1.00 32.28 ? 145 LEU A CB  1 
ATOM   1083 C  CG  . LEU A 1 145 ? 6.922   -9.382  1.447   1.00 35.24 ? 145 LEU A CG  1 
ATOM   1084 C  CD1 . LEU A 1 145 ? 7.975   -9.491  0.366   1.00 37.17 ? 145 LEU A CD1 1 
ATOM   1085 C  CD2 . LEU A 1 145 ? 6.252   -8.013  1.421   1.00 33.13 ? 145 LEU A CD2 1 
ATOM   1086 N  N   . LEU A 1 146 ? 4.447   -13.517 0.637   1.00 32.76 ? 146 LEU A N   1 
ATOM   1087 C  CA  . LEU A 1 146 ? 3.561   -14.531 1.196   1.00 34.04 ? 146 LEU A CA  1 
ATOM   1088 C  C   . LEU A 1 146 ? 4.262   -15.738 1.818   1.00 36.81 ? 146 LEU A C   1 
ATOM   1089 O  O   . LEU A 1 146 ? 4.003   -16.069 2.976   1.00 38.05 ? 146 LEU A O   1 
ATOM   1090 C  CB  . LEU A 1 146 ? 2.544   -14.983 0.138   1.00 32.26 ? 146 LEU A CB  1 
ATOM   1091 C  CG  . LEU A 1 146 ? 1.393   -13.989 -0.094  1.00 30.84 ? 146 LEU A CG  1 
ATOM   1092 C  CD1 . LEU A 1 146 ? 0.554   -14.402 -1.291  1.00 30.00 ? 146 LEU A CD1 1 
ATOM   1093 C  CD2 . LEU A 1 146 ? 0.533   -13.917 1.160   1.00 29.45 ? 146 LEU A CD2 1 
ATOM   1094 N  N   . ASP A 1 147 ? 5.149   -16.393 1.070   1.00 38.46 ? 147 ASP A N   1 
ATOM   1095 C  CA  . ASP A 1 147 ? 5.860   -17.561 1.597   1.00 39.04 ? 147 ASP A CA  1 
ATOM   1096 C  C   . ASP A 1 147 ? 6.715   -17.243 2.819   1.00 37.76 ? 147 ASP A C   1 
ATOM   1097 O  O   . ASP A 1 147 ? 7.109   -18.145 3.557   1.00 39.07 ? 147 ASP A O   1 
ATOM   1098 C  CB  . ASP A 1 147 ? 6.754   -18.191 0.525   1.00 41.30 ? 147 ASP A CB  1 
ATOM   1099 C  CG  . ASP A 1 147 ? 5.968   -18.952 -0.517  1.00 43.69 ? 147 ASP A CG  1 
ATOM   1100 O  OD1 . ASP A 1 147 ? 5.044   -19.700 -0.135  1.00 46.77 ? 147 ASP A OD1 1 
ATOM   1101 O  OD2 . ASP A 1 147 ? 6.281   -18.812 -1.719  1.00 46.20 ? 147 ASP A OD2 1 
ATOM   1102 N  N   . THR A 1 148 ? 7.010   -15.967 3.033   1.00 36.29 ? 148 THR A N   1 
ATOM   1103 C  CA  . THR A 1 148 ? 7.816   -15.566 4.181   1.00 34.16 ? 148 THR A CA  1 
ATOM   1104 C  C   . THR A 1 148 ? 7.123   -14.446 4.959   1.00 33.90 ? 148 THR A C   1 
ATOM   1105 O  O   . THR A 1 148 ? 7.776   -13.655 5.638   1.00 33.84 ? 148 THR A O   1 
ATOM   1106 C  CB  . THR A 1 148 ? 9.215   -15.077 3.734   1.00 36.10 ? 148 THR A CB  1 
ATOM   1107 O  OG1 . THR A 1 148 ? 9.073   -14.005 2.791   1.00 36.62 ? 148 THR A OG1 1 
ATOM   1108 C  CG2 . THR A 1 148 ? 9.997   -16.214 3.085   1.00 34.39 ? 148 THR A CG2 1 
ATOM   1109 N  N   . TRP A 1 149 ? 5.797   -14.400 4.867   1.00 34.55 ? 149 TRP A N   1 
ATOM   1110 C  CA  . TRP A 1 149 ? 4.998   -13.367 5.530   1.00 34.62 ? 149 TRP A CA  1 
ATOM   1111 C  C   . TRP A 1 149 ? 5.347   -13.127 7.000   1.00 35.89 ? 149 TRP A C   1 
ATOM   1112 O  O   . TRP A 1 149 ? 5.650   -11.999 7.399   1.00 34.71 ? 149 TRP A O   1 
ATOM   1113 C  CB  . TRP A 1 149 ? 3.505   -13.699 5.398   1.00 33.21 ? 149 TRP A CB  1 
ATOM   1114 C  CG  . TRP A 1 149 ? 2.609   -12.647 5.989   1.00 34.00 ? 149 TRP A CG  1 
ATOM   1115 C  CD1 . TRP A 1 149 ? 1.794   -12.779 7.077   1.00 34.28 ? 149 TRP A CD1 1 
ATOM   1116 C  CD2 . TRP A 1 149 ? 2.496   -11.280 5.568   1.00 32.82 ? 149 TRP A CD2 1 
ATOM   1117 N  NE1 . TRP A 1 149 ? 1.186   -11.579 7.365   1.00 34.71 ? 149 TRP A NE1 1 
ATOM   1118 C  CE2 . TRP A 1 149 ? 1.599   -10.641 6.455   1.00 33.40 ? 149 TRP A CE2 1 
ATOM   1119 C  CE3 . TRP A 1 149 ? 3.066   -10.532 4.529   1.00 30.72 ? 149 TRP A CE3 1 
ATOM   1120 C  CZ2 . TRP A 1 149 ? 1.262   -9.286  6.337   1.00 30.94 ? 149 TRP A CZ2 1 
ATOM   1121 C  CZ3 . TRP A 1 149 ? 2.728   -9.180  4.411   1.00 30.08 ? 149 TRP A CZ3 1 
ATOM   1122 C  CH2 . TRP A 1 149 ? 1.834   -8.577  5.313   1.00 28.85 ? 149 TRP A CH2 1 
ATOM   1123 N  N   . ASP A 1 150 ? 5.311   -14.182 7.807   1.00 38.10 ? 150 ASP A N   1 
ATOM   1124 C  CA  . ASP A 1 150 ? 5.616   -14.043 9.227   1.00 39.39 ? 150 ASP A CA  1 
ATOM   1125 C  C   . ASP A 1 150 ? 6.994   -13.442 9.487   1.00 38.61 ? 150 ASP A C   1 
ATOM   1126 O  O   . ASP A 1 150 ? 7.181   -12.710 10.460  1.00 38.64 ? 150 ASP A O   1 
ATOM   1127 C  CB  . ASP A 1 150 ? 5.476   -15.399 9.924   1.00 43.85 ? 150 ASP A CB  1 
ATOM   1128 C  CG  . ASP A 1 150 ? 4.022   -15.829 10.068  1.00 47.23 ? 150 ASP A CG  1 
ATOM   1129 O  OD1 . ASP A 1 150 ? 3.774   -17.012 10.387  1.00 50.11 ? 150 ASP A OD1 1 
ATOM   1130 O  OD2 . ASP A 1 150 ? 3.125   -14.979 9.869   1.00 48.43 ? 150 ASP A OD2 1 
ATOM   1131 N  N   . SER A 1 151 ? 7.958   -13.744 8.622   1.00 37.76 ? 151 SER A N   1 
ATOM   1132 C  CA  . SER A 1 151 ? 9.305   -13.197 8.773   1.00 37.33 ? 151 SER A CA  1 
ATOM   1133 C  C   . SER A 1 151 ? 9.270   -11.710 8.444   1.00 36.01 ? 151 SER A C   1 
ATOM   1134 O  O   . SER A 1 151 ? 9.878   -10.895 9.139   1.00 35.45 ? 151 SER A O   1 
ATOM   1135 C  CB  . SER A 1 151 ? 10.293  -13.905 7.839   1.00 36.80 ? 151 SER A CB  1 
ATOM   1136 O  OG  . SER A 1 151 ? 10.416  -15.278 8.167   1.00 40.15 ? 151 SER A OG  1 
ATOM   1137 N  N   . PHE A 1 152 ? 8.562   -11.363 7.373   1.00 34.94 ? 152 PHE A N   1 
ATOM   1138 C  CA  . PHE A 1 152 ? 8.431   -9.967  6.962   1.00 34.71 ? 152 PHE A CA  1 
ATOM   1139 C  C   . PHE A 1 152 ? 7.898   -9.149  8.133   1.00 33.40 ? 152 PHE A C   1 
ATOM   1140 O  O   . PHE A 1 152 ? 8.367   -8.039  8.394   1.00 33.89 ? 152 PHE A O   1 
ATOM   1141 C  CB  . PHE A 1 152 ? 7.464   -9.852  5.774   1.00 34.21 ? 152 PHE A CB  1 
ATOM   1142 C  CG  . PHE A 1 152 ? 6.996   -8.446  5.502   1.00 34.02 ? 152 PHE A CG  1 
ATOM   1143 C  CD1 . PHE A 1 152 ? 7.869   -7.491  4.995   1.00 33.90 ? 152 PHE A CD1 1 
ATOM   1144 C  CD2 . PHE A 1 152 ? 5.680   -8.076  5.772   1.00 34.19 ? 152 PHE A CD2 1 
ATOM   1145 C  CE1 . PHE A 1 152 ? 7.440   -6.183  4.760   1.00 33.69 ? 152 PHE A CE1 1 
ATOM   1146 C  CE2 . PHE A 1 152 ? 5.240   -6.771  5.541   1.00 32.34 ? 152 PHE A CE2 1 
ATOM   1147 C  CZ  . PHE A 1 152 ? 6.123   -5.824  5.033   1.00 32.41 ? 152 PHE A CZ  1 
ATOM   1148 N  N   . LYS A 1 153 ? 6.920   -9.708  8.837   1.00 33.29 ? 153 LYS A N   1 
ATOM   1149 C  CA  . LYS A 1 153 ? 6.324   -9.027  9.980   1.00 35.40 ? 153 LYS A CA  1 
ATOM   1150 C  C   . LYS A 1 153 ? 7.279   -8.951  11.165  1.00 36.40 ? 153 LYS A C   1 
ATOM   1151 O  O   . LYS A 1 153 ? 7.298   -7.954  11.891  1.00 36.48 ? 153 LYS A O   1 
ATOM   1152 C  CB  . LYS A 1 153 ? 5.019   -9.719  10.390  1.00 34.92 ? 153 LYS A CB  1 
ATOM   1153 C  CG  . LYS A 1 153 ? 3.899   -9.536  9.367   1.00 35.31 ? 153 LYS A CG  1 
ATOM   1154 C  CD  . LYS A 1 153 ? 2.585   -10.159 9.820   1.00 36.43 ? 153 LYS A CD  1 
ATOM   1155 C  CE  . LYS A 1 153 ? 2.038   -9.490  11.075  1.00 35.99 ? 153 LYS A CE  1 
ATOM   1156 N  NZ  . LYS A 1 153 ? 0.719   -10.067 11.463  1.00 34.51 ? 153 LYS A NZ  1 
ATOM   1157 N  N   . ALA A 1 154 ? 8.080   -9.996  11.357  1.00 37.18 ? 154 ALA A N   1 
ATOM   1158 C  CA  . ALA A 1 154 ? 9.038   -10.010 12.457  1.00 37.09 ? 154 ALA A CA  1 
ATOM   1159 C  C   . ALA A 1 154 ? 10.068  -8.914  12.225  1.00 38.04 ? 154 ALA A C   1 
ATOM   1160 O  O   . ALA A 1 154 ? 10.672  -8.399  13.166  1.00 38.42 ? 154 ALA A O   1 
ATOM   1161 C  CB  . ALA A 1 154 ? 9.724   -11.370 12.544  1.00 37.86 ? 154 ALA A CB  1 
ATOM   1162 N  N   . GLY A 1 155 ? 10.258  -8.549  10.961  1.00 38.37 ? 155 GLY A N   1 
ATOM   1163 C  CA  . GLY A 1 155 ? 11.220  -7.512  10.633  1.00 38.33 ? 155 GLY A CA  1 
ATOM   1164 C  C   . GLY A 1 155 ? 10.696  -6.107  10.864  1.00 39.44 ? 155 GLY A C   1 
ATOM   1165 O  O   . GLY A 1 155 ? 11.458  -5.141  10.839  1.00 39.65 ? 155 GLY A O   1 
ATOM   1166 N  N   . ILE A 1 156 ? 9.393   -5.987  11.089  1.00 40.17 ? 156 ILE A N   1 
ATOM   1167 C  CA  . ILE A 1 156 ? 8.777   -4.685  11.325  1.00 40.08 ? 156 ILE A CA  1 
ATOM   1168 C  C   . ILE A 1 156 ? 9.201   -4.126  12.676  1.00 42.62 ? 156 ILE A C   1 
ATOM   1169 O  O   . ILE A 1 156 ? 9.807   -3.052  12.761  1.00 40.74 ? 156 ILE A O   1 
ATOM   1170 C  CB  . ILE A 1 156 ? 7.245   -4.793  11.318  1.00 38.50 ? 156 ILE A CB  1 
ATOM   1171 C  CG1 . ILE A 1 156 ? 6.762   -5.258  9.945   1.00 36.38 ? 156 ILE A CG1 1 
ATOM   1172 C  CG2 . ILE A 1 156 ? 6.627   -3.457  11.685  1.00 35.87 ? 156 ILE A CG2 1 
ATOM   1173 C  CD1 . ILE A 1 156 ? 5.266   -5.486  9.862   1.00 37.34 ? 156 ILE A CD1 1 
ATOM   1174 N  N   . GLY A 1 157 ? 8.867   -4.874  13.726  1.00 46.04 ? 157 GLY A N   1 
ATOM   1175 C  CA  . GLY A 1 157 ? 9.184   -4.472  15.088  1.00 51.41 ? 157 GLY A CA  1 
ATOM   1176 C  C   . GLY A 1 157 ? 10.340  -3.505  15.245  1.00 53.91 ? 157 GLY A C   1 
ATOM   1177 O  O   . GLY A 1 157 ? 10.099  -2.362  15.695  1.00 55.08 ? 157 GLY A O   1 
ATOM   1178 O  OXT . GLY A 1 157 ? 11.485  -3.885  14.915  1.00 56.37 ? 157 GLY A OXT 1 
HETATM 1179 ZN ZN  . ZN  B 2 .   ? -2.774  -6.825  -3.827  1.00 33.73 ? 190 ZN  A ZN  1 
HETATM 1180 CL CL  . CL  C 3 .   ? -3.362  -6.326  -6.011  1.00 24.11 ? 158 CL  A CL  1 
HETATM 1181 O  O   . HOH D 4 .   ? -0.642  -5.333  -6.712  1.00 24.51 ? 159 HOH A O   1 
HETATM 1182 O  O   . HOH D 4 .   ? 9.803   7.035   -6.762  1.00 23.65 ? 160 HOH A O   1 
HETATM 1183 O  O   . HOH D 4 .   ? 12.904  5.340   -8.042  1.00 42.90 ? 161 HOH A O   1 
HETATM 1184 O  O   . HOH D 4 .   ? 13.430  2.674   -7.702  1.00 27.32 ? 162 HOH A O   1 
HETATM 1185 O  O   . HOH D 4 .   ? 12.284  -0.232  -5.891  1.00 20.92 ? 163 HOH A O   1 
HETATM 1186 O  O   . HOH D 4 .   ? 11.974  -2.855  -5.282  1.00 22.52 ? 164 HOH A O   1 
HETATM 1187 O  O   . HOH D 4 .   ? 12.952  -4.324  -7.429  1.00 23.47 ? 165 HOH A O   1 
HETATM 1188 O  O   . HOH D 4 .   ? 10.456  -9.008  -8.284  1.00 29.19 ? 166 HOH A O   1 
HETATM 1189 O  O   . HOH D 4 .   ? 1.709   -9.450  -5.690  1.00 22.39 ? 167 HOH A O   1 
HETATM 1190 O  O   . HOH D 4 .   ? 2.101   -1.544  -11.630 1.00 19.65 ? 168 HOH A O   1 
HETATM 1191 O  O   . HOH D 4 .   ? 6.875   -2.031  -9.535  1.00 16.87 ? 169 HOH A O   1 
HETATM 1192 O  O   . HOH D 4 .   ? -10.776 8.055   -1.402  1.00 21.98 ? 170 HOH A O   1 
HETATM 1193 O  O   . HOH D 4 .   ? -7.158  0.740   -12.085 1.00 24.62 ? 171 HOH A O   1 
HETATM 1194 O  O   . HOH D 4 .   ? -8.016  11.510  -11.793 1.00 32.49 ? 172 HOH A O   1 
HETATM 1195 O  O   . HOH D 4 .   ? -7.722  9.083   -11.021 1.00 28.30 ? 173 HOH A O   1 
HETATM 1196 O  O   . HOH D 4 .   ? -11.889 9.633   -12.743 1.00 30.63 ? 174 HOH A O   1 
HETATM 1197 O  O   . HOH D 4 .   ? -15.398 5.235   -6.563  1.00 49.69 ? 175 HOH A O   1 
HETATM 1198 O  O   . HOH D 4 .   ? -13.324 12.036  -3.796  1.00 23.84 ? 176 HOH A O   1 
HETATM 1199 O  O   . HOH D 4 .   ? -8.206  17.596  -5.732  1.00 41.56 ? 177 HOH A O   1 
HETATM 1200 O  O   . HOH D 4 .   ? -1.356  16.393  -3.186  1.00 38.97 ? 178 HOH A O   1 
HETATM 1201 O  O   . HOH D 4 .   ? 4.834   11.273  -10.245 1.00 29.88 ? 179 HOH A O   1 
HETATM 1202 O  O   . HOH D 4 .   ? -0.991  9.637   -6.962  1.00 20.81 ? 180 HOH A O   1 
HETATM 1203 O  O   . HOH D 4 .   ? 1.086   13.789  -11.995 1.00 47.58 ? 181 HOH A O   1 
HETATM 1204 O  O   . HOH D 4 .   ? -3.068  11.912  5.309   1.00 25.17 ? 182 HOH A O   1 
HETATM 1205 O  O   . HOH D 4 .   ? 4.115   8.747   8.828   1.00 52.29 ? 183 HOH A O   1 
HETATM 1206 O  O   . HOH D 4 .   ? -8.761  -8.480  -4.811  1.00 46.20 ? 184 HOH A O   1 
HETATM 1207 O  O   . HOH D 4 .   ? -4.230  -14.607 -7.264  1.00 37.75 ? 185 HOH A O   1 
HETATM 1208 O  O   . HOH D 4 .   ? 0.012   -10.656 -7.459  1.00 28.39 ? 186 HOH A O   1 
HETATM 1209 O  O   . HOH D 4 .   ? -1.351  -11.904 8.892   1.00 33.09 ? 187 HOH A O   1 
HETATM 1210 O  O   . HOH D 4 .   ? -6.045  -10.693 12.258  1.00 56.85 ? 188 HOH A O   1 
HETATM 1211 O  O   . HOH D 4 .   ? -9.568  -5.916  15.141  1.00 51.35 ? 189 HOH A O   1 
HETATM 1212 O  O   . HOH D 4 .   ? -13.286 2.927   8.773   1.00 30.82 ? 191 HOH A O   1 
HETATM 1213 O  O   . HOH D 4 .   ? -14.335 3.879   4.675   1.00 18.54 ? 192 HOH A O   1 
HETATM 1214 O  O   . HOH D 4 .   ? -17.459 5.855   5.495   1.00 22.31 ? 193 HOH A O   1 
HETATM 1215 O  O   . HOH D 4 .   ? 0.091   8.824   9.812   1.00 38.09 ? 194 HOH A O   1 
HETATM 1216 O  O   . HOH D 4 .   ? -12.231 -11.697 6.888   1.00 44.39 ? 195 HOH A O   1 
HETATM 1217 O  O   . HOH D 4 .   ? -11.437 -14.930 1.206   1.00 52.02 ? 196 HOH A O   1 
HETATM 1218 O  O   . HOH D 4 .   ? -13.756 -8.451  4.315   1.00 33.67 ? 197 HOH A O   1 
HETATM 1219 O  O   . HOH D 4 .   ? -14.318 -7.148  6.526   1.00 36.73 ? 198 HOH A O   1 
HETATM 1220 O  O   . HOH D 4 .   ? -14.288 -5.464  -3.888  1.00 39.21 ? 199 HOH A O   1 
HETATM 1221 O  O   . HOH D 4 .   ? -11.441 -3.691  -4.514  1.00 27.34 ? 200 HOH A O   1 
HETATM 1222 O  O   . HOH D 4 .   ? 0.933   -10.954 14.147  1.00 40.73 ? 201 HOH A O   1 
HETATM 1223 O  O   . HOH D 4 .   ? -12.688 10.982  7.920   0.50 23.93 ? 202 HOH A O   1 
HETATM 1224 O  O   . HOH D 4 .   ? -10.241 13.773  3.207   1.00 26.60 ? 203 HOH A O   1 
HETATM 1225 O  O   . HOH D 4 .   ? -12.721 12.843  -1.181  1.00 28.04 ? 204 HOH A O   1 
HETATM 1226 O  O   . HOH D 4 .   ? -6.815  16.651  -2.835  1.00 38.97 ? 205 HOH A O   1 
HETATM 1227 O  O   . HOH D 4 .   ? 6.660   12.926  -8.883  1.00 31.42 ? 206 HOH A O   1 
HETATM 1228 O  O   . HOH D 4 .   ? 4.853   -4.693  -16.750 0.33 35.13 ? 207 HOH A O   1 
HETATM 1229 O  O   . HOH D 4 .   ? -8.716  1.364   2.085   1.00 19.23 ? 208 HOH A O   1 
HETATM 1230 O  O   . HOH D 4 .   ? 20.761  0.380   -3.482  1.00 52.44 ? 209 HOH A O   1 
HETATM 1231 O  O   . HOH D 4 .   ? 19.141  2.572   -3.452  1.00 59.55 ? 210 HOH A O   1 
HETATM 1232 O  O   . HOH D 4 .   ? 9.690   15.936  -4.242  1.00 65.90 ? 211 HOH A O   1 
HETATM 1233 O  O   . HOH D 4 .   ? -10.012 7.597   -11.747 1.00 30.60 ? 212 HOH A O   1 
HETATM 1234 O  O   . HOH D 4 .   ? -4.873  -2.960  16.806  1.00 37.85 ? 213 HOH A O   1 
HETATM 1235 O  O   . HOH D 4 .   ? 0.471   -1.038  17.829  1.00 42.05 ? 214 HOH A O   1 
HETATM 1236 O  O   . HOH D 4 .   ? -0.272  1.651   19.732  1.00 51.68 ? 215 HOH A O   1 
HETATM 1237 O  O   . HOH D 4 .   ? -5.561  6.925   16.855  1.00 51.06 ? 216 HOH A O   1 
HETATM 1238 O  O   . HOH D 4 .   ? 2.916   8.962   16.664  1.00 56.48 ? 217 HOH A O   1 
HETATM 1239 O  O   . HOH D 4 .   ? 1.022   -5.687  18.296  1.00 46.10 ? 218 HOH A O   1 
HETATM 1240 O  O   . HOH D 4 .   ? 8.012   -9.371  16.373  1.00 45.22 ? 219 HOH A O   1 
HETATM 1241 O  O   . HOH D 4 .   ? 5.237   1.075   16.085  1.00 41.58 ? 220 HOH A O   1 
HETATM 1242 O  O   . HOH D 4 .   ? -10.109 0.430   -14.534 1.00 32.48 ? 221 HOH A O   1 
HETATM 1243 O  O   . HOH D 4 .   ? -6.647  1.325   -15.163 1.00 50.23 ? 222 HOH A O   1 
HETATM 1244 O  O   . HOH D 4 .   ? 10.163  11.453  -7.428  1.00 45.15 ? 223 HOH A O   1 
HETATM 1245 O  O   . HOH D 4 .   ? 7.382   -6.943  14.358  1.00 53.42 ? 224 HOH A O   1 
# 
